data_2M45
#
_entry.id   2M45
#
_entity_poly.entity_id   1
_entity_poly.type   'polypeptide(L)'
_entity_poly.pdbx_seq_one_letter_code
;GSHMGESGKIDIDTIMTGKPKSAREKMMKIIEIIDSLAVSSECAKVKDILKEAQQVGIEKSNIEKLLTDMRKSGIIYEAK
PECYKKV
;
_entity_poly.pdbx_strand_id   A
#
# COMPACT_ATOMS: atom_id res chain seq x y z
N GLY A 1 -20.46 0.73 -2.75
CA GLY A 1 -21.10 0.76 -4.09
C GLY A 1 -22.60 0.80 -3.91
N SER A 2 -23.36 0.09 -4.75
CA SER A 2 -24.80 -0.10 -4.60
C SER A 2 -25.16 -0.87 -3.31
N HIS A 3 -24.18 -1.55 -2.71
CA HIS A 3 -24.17 -2.08 -1.36
C HIS A 3 -22.77 -1.85 -0.78
N MET A 4 -22.53 -2.27 0.46
CA MET A 4 -21.26 -2.19 1.16
C MET A 4 -21.04 -3.50 1.94
N GLY A 5 -19.92 -3.60 2.65
CA GLY A 5 -19.57 -4.69 3.55
C GLY A 5 -18.53 -4.17 4.55
N GLU A 6 -18.11 -5.02 5.48
CA GLU A 6 -17.09 -4.70 6.46
C GLU A 6 -15.72 -4.49 5.78
N SER A 7 -14.88 -3.61 6.33
CA SER A 7 -13.48 -3.50 5.93
C SER A 7 -12.66 -4.76 6.29
N GLY A 8 -13.17 -5.59 7.21
CA GLY A 8 -12.49 -6.75 7.77
C GLY A 8 -12.23 -6.52 9.26
N LYS A 9 -11.33 -7.31 9.85
CA LYS A 9 -10.91 -7.16 11.24
C LYS A 9 -10.02 -5.92 11.48
N ILE A 10 -9.87 -5.05 10.50
CA ILE A 10 -9.14 -3.79 10.52
C ILE A 10 -10.06 -2.81 9.79
N ASP A 11 -10.01 -1.52 10.16
CA ASP A 11 -10.73 -0.47 9.44
C ASP A 11 -9.87 0.79 9.36
N ILE A 12 -10.52 1.85 8.88
CA ILE A 12 -9.99 3.19 8.79
C ILE A 12 -10.03 3.88 10.17
N ASP A 13 -11.07 3.60 10.95
CA ASP A 13 -11.35 4.29 12.21
C ASP A 13 -10.16 4.14 13.17
N THR A 14 -9.67 2.90 13.26
CA THR A 14 -8.59 2.46 14.15
C THR A 14 -7.26 3.16 13.82
N ILE A 15 -7.15 3.73 12.61
CA ILE A 15 -6.01 4.50 12.16
C ILE A 15 -6.27 5.96 12.51
N MET A 16 -7.33 6.53 11.95
CA MET A 16 -7.60 7.97 12.02
C MET A 16 -7.88 8.42 13.45
N THR A 17 -8.28 7.51 14.35
CA THR A 17 -8.46 7.85 15.76
C THR A 17 -7.13 8.19 16.44
N GLY A 18 -5.99 7.70 15.91
CA GLY A 18 -4.66 7.86 16.50
C GLY A 18 -3.60 8.35 15.51
N LYS A 19 -3.96 8.64 14.26
CA LYS A 19 -3.09 9.19 13.22
C LYS A 19 -3.86 10.26 12.44
N PRO A 20 -3.17 11.24 11.83
CA PRO A 20 -3.81 12.18 10.92
C PRO A 20 -4.24 11.45 9.64
N LYS A 21 -5.17 12.07 8.90
CA LYS A 21 -5.70 11.46 7.68
C LYS A 21 -4.59 11.07 6.69
N SER A 22 -3.47 11.81 6.67
CA SER A 22 -2.28 11.53 5.87
C SER A 22 -1.90 10.05 5.91
N ALA A 23 -2.11 9.35 7.04
CA ALA A 23 -1.94 7.91 7.14
C ALA A 23 -2.76 7.18 6.07
N ARG A 24 -4.10 7.27 6.08
CA ARG A 24 -4.94 6.65 5.05
C ARG A 24 -4.60 7.23 3.67
N GLU A 25 -4.37 8.55 3.58
CA GLU A 25 -4.10 9.29 2.36
C GLU A 25 -2.88 8.69 1.63
N LYS A 26 -1.93 8.12 2.37
CA LYS A 26 -0.75 7.44 1.85
C LYS A 26 -0.97 5.93 1.78
N MET A 27 -1.40 5.30 2.88
CA MET A 27 -1.56 3.86 3.03
C MET A 27 -2.42 3.36 1.88
N MET A 28 -3.60 3.99 1.73
CA MET A 28 -4.56 3.60 0.72
C MET A 28 -3.97 3.79 -0.68
N LYS A 29 -3.24 4.89 -0.88
CA LYS A 29 -2.61 5.22 -2.16
C LYS A 29 -1.58 4.17 -2.55
N ILE A 30 -0.76 3.73 -1.59
CA ILE A 30 0.26 2.73 -1.85
C ILE A 30 -0.43 1.45 -2.27
N ILE A 31 -1.33 0.92 -1.42
CA ILE A 31 -2.00 -0.35 -1.71
C ILE A 31 -2.85 -0.27 -2.99
N GLU A 32 -3.37 0.90 -3.34
CA GLU A 32 -4.10 1.14 -4.57
C GLU A 32 -3.16 0.90 -5.74
N ILE A 33 -1.97 1.50 -5.71
CA ILE A 33 -0.98 1.31 -6.77
C ILE A 33 -0.53 -0.16 -6.81
N ILE A 34 -0.22 -0.76 -5.64
CA ILE A 34 0.26 -2.14 -5.58
C ILE A 34 -0.81 -3.05 -6.19
N ASP A 35 -2.07 -2.90 -5.76
CA ASP A 35 -3.13 -3.78 -6.22
C ASP A 35 -3.42 -3.53 -7.70
N SER A 36 -3.41 -2.26 -8.14
CA SER A 36 -3.63 -1.91 -9.53
C SER A 36 -2.56 -2.52 -10.43
N LEU A 37 -1.28 -2.49 -10.01
CA LEU A 37 -0.19 -3.11 -10.74
C LEU A 37 -0.29 -4.64 -10.67
N ALA A 38 -0.68 -5.20 -9.53
CA ALA A 38 -0.80 -6.65 -9.32
C ALA A 38 -2.03 -7.26 -10.04
N VAL A 39 -2.98 -6.46 -10.54
CA VAL A 39 -4.27 -6.91 -11.07
C VAL A 39 -4.15 -7.88 -12.27
N SER A 40 -2.96 -8.01 -12.86
CA SER A 40 -2.63 -9.06 -13.82
C SER A 40 -1.15 -9.41 -13.73
N SER A 41 -0.58 -9.43 -12.50
CA SER A 41 0.80 -9.83 -12.25
C SER A 41 0.85 -10.70 -11.00
N GLU A 42 1.98 -11.41 -10.81
CA GLU A 42 2.28 -12.07 -9.54
C GLU A 42 2.53 -11.03 -8.45
N CYS A 43 3.08 -9.88 -8.83
CA CYS A 43 3.37 -8.77 -7.93
C CYS A 43 3.52 -7.47 -8.73
N ALA A 44 3.37 -6.36 -8.02
CA ALA A 44 3.71 -5.01 -8.46
C ALA A 44 5.21 -4.75 -8.25
N LYS A 45 5.95 -4.48 -9.33
CA LYS A 45 7.33 -4.00 -9.23
C LYS A 45 7.40 -2.70 -8.44
N VAL A 46 8.17 -2.64 -7.34
CA VAL A 46 8.32 -1.37 -6.61
C VAL A 46 9.01 -0.30 -7.47
N LYS A 47 9.68 -0.67 -8.56
CA LYS A 47 10.12 0.29 -9.58
C LYS A 47 8.94 1.06 -10.17
N ASP A 48 7.82 0.37 -10.37
CA ASP A 48 6.65 0.97 -10.96
C ASP A 48 5.91 1.76 -9.90
N ILE A 49 5.90 1.27 -8.67
CA ILE A 49 5.34 2.00 -7.54
C ILE A 49 6.17 3.26 -7.32
N LEU A 50 7.49 3.19 -7.43
CA LEU A 50 8.38 4.33 -7.37
C LEU A 50 8.05 5.34 -8.47
N LYS A 51 7.80 4.88 -9.71
CA LYS A 51 7.31 5.80 -10.76
C LYS A 51 6.02 6.48 -10.28
N GLU A 52 4.94 5.71 -10.14
CA GLU A 52 3.61 6.27 -10.01
C GLU A 52 3.43 6.98 -8.67
N ALA A 53 4.06 6.49 -7.61
CA ALA A 53 4.01 7.15 -6.31
C ALA A 53 4.84 8.44 -6.32
N GLN A 54 5.98 8.51 -7.01
CA GLN A 54 6.59 9.83 -7.21
C GLN A 54 5.68 10.74 -8.06
N GLN A 55 4.84 10.19 -8.95
CA GLN A 55 3.86 10.99 -9.67
C GLN A 55 2.73 11.51 -8.76
N VAL A 56 2.24 10.72 -7.78
CA VAL A 56 1.30 11.25 -6.78
C VAL A 56 2.00 12.11 -5.72
N GLY A 57 3.34 12.10 -5.67
CA GLY A 57 4.14 13.09 -4.96
C GLY A 57 4.83 12.51 -3.74
N ILE A 58 4.80 11.18 -3.58
CA ILE A 58 5.45 10.49 -2.48
C ILE A 58 6.95 10.45 -2.78
N GLU A 59 7.79 10.63 -1.74
CA GLU A 59 9.24 10.64 -1.88
C GLU A 59 9.74 9.19 -1.98
N LYS A 60 10.75 8.90 -2.82
CA LYS A 60 11.34 7.55 -2.87
C LYS A 60 11.78 7.03 -1.50
N SER A 61 12.33 7.87 -0.62
CA SER A 61 12.66 7.41 0.74
C SER A 61 11.39 7.00 1.49
N ASN A 62 10.31 7.78 1.32
CA ASN A 62 8.99 7.42 1.82
C ASN A 62 8.56 6.09 1.23
N ILE A 63 8.58 5.90 -0.10
CA ILE A 63 7.98 4.75 -0.76
C ILE A 63 8.66 3.49 -0.23
N GLU A 64 9.97 3.55 -0.04
CA GLU A 64 10.77 2.38 0.29
C GLU A 64 10.61 2.03 1.78
N LYS A 65 10.58 3.04 2.67
CA LYS A 65 10.29 2.75 4.08
C LYS A 65 8.81 2.37 4.29
N LEU A 66 7.88 2.95 3.52
CA LEU A 66 6.46 2.60 3.51
C LEU A 66 6.29 1.16 3.10
N LEU A 67 6.81 0.78 1.92
CA LEU A 67 6.76 -0.59 1.42
C LEU A 67 7.33 -1.54 2.47
N THR A 68 8.45 -1.16 3.10
CA THR A 68 9.07 -1.93 4.17
C THR A 68 8.12 -2.13 5.34
N ASP A 69 7.48 -1.05 5.84
CA ASP A 69 6.49 -1.14 6.91
C ASP A 69 5.37 -2.09 6.48
N MET A 70 4.83 -1.89 5.27
CA MET A 70 3.73 -2.68 4.75
C MET A 70 4.05 -4.18 4.72
N ARG A 71 5.17 -4.59 4.11
CA ARG A 71 5.56 -6.00 4.03
C ARG A 71 5.82 -6.57 5.42
N LYS A 72 6.35 -5.75 6.34
CA LYS A 72 6.75 -6.21 7.66
C LYS A 72 5.54 -6.32 8.60
N SER A 73 4.56 -5.42 8.42
CA SER A 73 3.28 -5.41 9.12
C SER A 73 2.35 -6.50 8.58
N GLY A 74 2.43 -6.81 7.27
CA GLY A 74 1.59 -7.80 6.61
C GLY A 74 0.49 -7.18 5.76
N ILE A 75 0.56 -5.86 5.52
CA ILE A 75 -0.35 -5.13 4.62
C ILE A 75 -0.12 -5.60 3.18
N ILE A 76 1.13 -5.92 2.84
CA ILE A 76 1.54 -6.49 1.56
C ILE A 76 2.55 -7.61 1.86
N TYR A 77 3.07 -8.28 0.83
CA TYR A 77 4.25 -9.13 0.93
C TYR A 77 5.11 -8.94 -0.32
N GLU A 78 6.35 -9.47 -0.31
CA GLU A 78 7.23 -9.49 -1.48
C GLU A 78 6.93 -10.69 -2.35
N ALA A 79 7.48 -11.82 -1.92
CA ALA A 79 7.67 -13.05 -2.66
C ALA A 79 8.54 -12.97 -3.91
N LYS A 80 8.93 -11.79 -4.39
CA LYS A 80 9.96 -11.61 -5.39
C LYS A 80 10.84 -10.42 -5.01
N PRO A 81 12.09 -10.34 -5.48
CA PRO A 81 12.94 -9.18 -5.25
C PRO A 81 12.32 -7.96 -5.91
N GLU A 82 12.27 -6.83 -5.19
CA GLU A 82 11.86 -5.51 -5.70
C GLU A 82 10.43 -5.52 -6.29
N CYS A 83 9.61 -6.50 -5.92
CA CYS A 83 8.29 -6.71 -6.49
C CYS A 83 7.40 -7.26 -5.37
N TYR A 84 6.33 -6.52 -5.05
CA TYR A 84 5.53 -6.68 -3.86
C TYR A 84 4.07 -6.86 -4.28
N LYS A 85 3.25 -7.53 -3.47
CA LYS A 85 1.84 -7.74 -3.81
C LYS A 85 0.99 -7.45 -2.58
N LYS A 86 -0.09 -6.70 -2.81
CA LYS A 86 -1.06 -6.26 -1.82
C LYS A 86 -1.69 -7.49 -1.19
N VAL A 87 -1.70 -7.63 0.15
CA VAL A 87 -1.92 -8.92 0.82
C VAL A 87 -3.11 -9.67 0.21
N GLY A 1 -7.20 1.08 -8.66
CA GLY A 1 -8.57 0.81 -9.14
C GLY A 1 -9.18 -0.35 -8.38
N SER A 2 -10.38 -0.17 -7.83
CA SER A 2 -11.17 -1.22 -7.18
C SER A 2 -11.78 -2.18 -8.21
N HIS A 3 -12.40 -3.26 -7.71
CA HIS A 3 -13.27 -4.19 -8.44
C HIS A 3 -14.63 -4.20 -7.73
N MET A 4 -15.61 -4.87 -8.33
CA MET A 4 -16.96 -5.04 -7.77
C MET A 4 -16.94 -6.10 -6.64
N GLY A 5 -16.27 -5.79 -5.52
CA GLY A 5 -16.20 -6.63 -4.35
C GLY A 5 -15.27 -6.03 -3.30
N GLU A 6 -15.21 -6.66 -2.13
CA GLU A 6 -14.35 -6.27 -1.01
C GLU A 6 -13.98 -7.53 -0.22
N SER A 7 -12.99 -7.43 0.68
CA SER A 7 -12.59 -8.49 1.60
C SER A 7 -11.73 -7.86 2.70
N GLY A 8 -11.31 -8.68 3.68
CA GLY A 8 -10.55 -8.26 4.85
C GLY A 8 -11.43 -7.57 5.89
N LYS A 9 -10.82 -7.13 6.99
CA LYS A 9 -11.52 -6.36 8.04
C LYS A 9 -10.62 -5.29 8.67
N ILE A 10 -9.61 -4.78 7.95
CA ILE A 10 -8.96 -3.53 8.33
C ILE A 10 -9.91 -2.47 7.79
N ASP A 11 -10.71 -1.89 8.68
CA ASP A 11 -11.58 -0.77 8.34
C ASP A 11 -10.71 0.47 8.11
N ILE A 12 -11.30 1.51 7.50
CA ILE A 12 -10.64 2.82 7.35
C ILE A 12 -10.76 3.59 8.68
N ASP A 13 -11.89 3.38 9.35
CA ASP A 13 -12.34 4.15 10.51
C ASP A 13 -11.44 3.82 11.68
N THR A 14 -11.19 2.52 11.82
CA THR A 14 -10.25 1.81 12.67
C THR A 14 -8.85 2.42 12.65
N ILE A 15 -8.46 3.09 11.55
CA ILE A 15 -7.20 3.83 11.45
C ILE A 15 -7.48 5.29 11.82
N MET A 16 -8.31 5.98 11.04
CA MET A 16 -8.44 7.43 11.08
C MET A 16 -9.06 7.94 12.39
N THR A 17 -9.67 7.06 13.19
CA THR A 17 -10.13 7.38 14.53
C THR A 17 -8.95 7.68 15.47
N GLY A 18 -7.82 6.98 15.30
CA GLY A 18 -6.69 6.99 16.22
C GLY A 18 -5.34 7.25 15.56
N LYS A 19 -5.33 7.55 14.25
CA LYS A 19 -4.18 8.01 13.48
C LYS A 19 -4.61 9.27 12.72
N PRO A 20 -3.67 10.15 12.35
CA PRO A 20 -4.00 11.34 11.57
C PRO A 20 -4.52 10.90 10.21
N LYS A 21 -5.49 11.65 9.65
CA LYS A 21 -6.12 11.30 8.37
C LYS A 21 -5.09 11.18 7.25
N SER A 22 -3.94 11.85 7.36
CA SER A 22 -2.78 11.80 6.47
C SER A 22 -2.19 10.37 6.34
N ALA A 23 -2.29 9.57 7.42
CA ALA A 23 -1.85 8.19 7.46
C ALA A 23 -2.58 7.42 6.37
N ARG A 24 -3.91 7.35 6.46
CA ARG A 24 -4.74 6.80 5.39
C ARG A 24 -4.41 7.53 4.07
N GLU A 25 -4.26 8.86 4.07
CA GLU A 25 -4.12 9.68 2.86
C GLU A 25 -2.87 9.29 2.07
N LYS A 26 -1.86 8.66 2.69
CA LYS A 26 -0.80 7.95 1.94
C LYS A 26 -1.01 6.44 1.88
N MET A 27 -1.27 5.78 3.00
CA MET A 27 -1.31 4.32 3.11
C MET A 27 -2.35 3.74 2.16
N MET A 28 -3.52 4.37 2.11
CA MET A 28 -4.68 3.90 1.40
C MET A 28 -4.47 3.98 -0.12
N LYS A 29 -3.72 5.00 -0.57
CA LYS A 29 -3.29 5.12 -1.97
C LYS A 29 -2.29 4.02 -2.29
N ILE A 30 -1.26 3.88 -1.43
CA ILE A 30 -0.22 2.87 -1.59
C ILE A 30 -0.88 1.51 -1.81
N ILE A 31 -1.65 0.99 -0.85
CA ILE A 31 -2.29 -0.33 -1.03
C ILE A 31 -3.17 -0.39 -2.28
N GLU A 32 -3.79 0.70 -2.73
CA GLU A 32 -4.62 0.63 -3.93
C GLU A 32 -3.76 0.39 -5.16
N ILE A 33 -2.58 1.04 -5.22
CA ILE A 33 -1.61 0.84 -6.27
C ILE A 33 -1.06 -0.58 -6.17
N ILE A 34 -0.71 -1.08 -4.98
CA ILE A 34 -0.16 -2.42 -4.83
C ILE A 34 -1.22 -3.45 -5.25
N ASP A 35 -2.47 -3.26 -4.81
CA ASP A 35 -3.60 -4.15 -5.09
C ASP A 35 -3.86 -4.15 -6.60
N SER A 36 -3.99 -2.96 -7.21
CA SER A 36 -4.37 -2.85 -8.61
C SER A 36 -3.20 -3.03 -9.59
N LEU A 37 -1.96 -3.12 -9.08
CA LEU A 37 -0.87 -3.74 -9.83
C LEU A 37 -1.00 -5.27 -9.73
N ALA A 38 -1.09 -5.81 -8.51
CA ALA A 38 -1.15 -7.26 -8.26
C ALA A 38 -2.42 -7.94 -8.80
N VAL A 39 -3.49 -7.19 -9.12
CA VAL A 39 -4.64 -7.73 -9.84
C VAL A 39 -4.27 -8.13 -11.28
N SER A 40 -3.12 -7.69 -11.80
CA SER A 40 -2.67 -7.88 -13.17
C SER A 40 -1.18 -8.24 -13.22
N SER A 41 -0.59 -8.74 -12.12
CA SER A 41 0.78 -9.22 -12.05
C SER A 41 0.94 -10.11 -10.81
N GLU A 42 2.03 -10.89 -10.73
CA GLU A 42 2.28 -11.74 -9.56
C GLU A 42 2.45 -10.91 -8.28
N CYS A 43 2.92 -9.67 -8.43
CA CYS A 43 3.21 -8.72 -7.38
C CYS A 43 3.34 -7.33 -8.02
N ALA A 44 3.38 -6.30 -7.18
CA ALA A 44 3.60 -4.92 -7.56
C ALA A 44 5.10 -4.61 -7.55
N LYS A 45 5.64 -4.32 -8.74
CA LYS A 45 7.01 -3.84 -8.90
C LYS A 45 7.20 -2.56 -8.12
N VAL A 46 8.19 -2.53 -7.23
CA VAL A 46 8.44 -1.38 -6.37
C VAL A 46 8.77 -0.13 -7.20
N LYS A 47 9.28 -0.31 -8.42
CA LYS A 47 9.52 0.72 -9.43
C LYS A 47 8.26 1.55 -9.63
N ASP A 48 7.14 0.85 -9.80
CA ASP A 48 5.87 1.43 -10.15
C ASP A 48 5.24 2.07 -8.92
N ILE A 49 5.38 1.45 -7.75
CA ILE A 49 4.90 2.00 -6.49
C ILE A 49 5.63 3.32 -6.21
N LEU A 50 6.96 3.30 -6.28
CA LEU A 50 7.81 4.47 -6.13
C LEU A 50 7.42 5.55 -7.13
N LYS A 51 7.15 5.19 -8.39
CA LYS A 51 6.74 6.15 -9.40
C LYS A 51 5.43 6.80 -8.96
N GLU A 52 4.35 6.02 -8.90
CA GLU A 52 3.01 6.60 -8.77
C GLU A 52 2.84 7.30 -7.42
N ALA A 53 3.48 6.79 -6.36
CA ALA A 53 3.43 7.46 -5.06
C ALA A 53 4.25 8.77 -5.05
N GLN A 54 5.43 8.80 -5.69
CA GLN A 54 6.15 10.07 -5.79
C GLN A 54 5.40 11.05 -6.70
N GLN A 55 4.72 10.58 -7.75
CA GLN A 55 3.80 11.40 -8.53
C GLN A 55 2.63 11.92 -7.68
N VAL A 56 2.05 11.08 -6.80
CA VAL A 56 0.98 11.52 -5.90
C VAL A 56 1.49 12.46 -4.79
N GLY A 57 2.81 12.48 -4.54
CA GLY A 57 3.50 13.58 -3.86
C GLY A 57 4.40 13.17 -2.71
N ILE A 58 4.67 11.86 -2.56
CA ILE A 58 5.52 11.31 -1.51
C ILE A 58 6.98 11.32 -2.00
N GLU A 59 7.95 10.83 -1.22
CA GLU A 59 9.38 10.83 -1.57
C GLU A 59 9.91 9.42 -1.33
N LYS A 60 10.78 8.91 -2.20
CA LYS A 60 11.39 7.57 -2.12
C LYS A 60 11.70 7.10 -0.69
N SER A 61 12.38 7.89 0.15
CA SER A 61 12.70 7.52 1.52
C SER A 61 11.46 7.09 2.30
N ASN A 62 10.38 7.84 2.09
CA ASN A 62 9.11 7.62 2.73
C ASN A 62 8.38 6.41 2.13
N ILE A 63 8.68 6.02 0.89
CA ILE A 63 8.04 4.87 0.26
C ILE A 63 8.74 3.63 0.79
N GLU A 64 10.03 3.74 1.05
CA GLU A 64 10.89 2.65 1.51
C GLU A 64 10.50 2.33 2.96
N LYS A 65 10.37 3.42 3.74
CA LYS A 65 9.67 3.46 5.01
C LYS A 65 8.27 2.84 4.89
N LEU A 66 7.35 3.38 4.08
CA LEU A 66 5.95 2.91 4.07
C LEU A 66 5.86 1.45 3.67
N LEU A 67 6.55 1.02 2.61
CA LEU A 67 6.63 -0.38 2.22
C LEU A 67 7.12 -1.22 3.38
N THR A 68 8.12 -0.72 4.12
CA THR A 68 8.62 -1.43 5.28
C THR A 68 7.56 -1.51 6.36
N ASP A 69 6.99 -0.38 6.75
CA ASP A 69 6.01 -0.23 7.80
C ASP A 69 4.88 -1.23 7.52
N MET A 70 4.39 -1.23 6.27
CA MET A 70 3.37 -2.12 5.75
C MET A 70 3.80 -3.58 5.84
N ARG A 71 4.95 -3.95 5.26
CA ARG A 71 5.38 -5.35 5.22
C ARG A 71 5.78 -5.89 6.59
N LYS A 72 6.20 -5.00 7.49
CA LYS A 72 6.50 -5.32 8.88
C LYS A 72 5.20 -5.50 9.67
N SER A 73 4.19 -4.66 9.42
CA SER A 73 2.88 -4.76 10.06
C SER A 73 2.00 -5.86 9.44
N GLY A 74 2.37 -6.42 8.28
CA GLY A 74 1.65 -7.51 7.62
C GLY A 74 0.54 -7.02 6.70
N ILE A 75 0.48 -5.71 6.42
CA ILE A 75 -0.44 -5.10 5.47
C ILE A 75 -0.11 -5.61 4.06
N ILE A 76 1.18 -5.71 3.77
CA ILE A 76 1.70 -6.22 2.51
C ILE A 76 2.80 -7.22 2.81
N TYR A 77 3.40 -7.83 1.79
CA TYR A 77 4.53 -8.71 1.94
C TYR A 77 5.46 -8.57 0.74
N GLU A 78 6.77 -8.81 0.90
CA GLU A 78 7.63 -9.03 -0.25
C GLU A 78 7.19 -10.34 -0.91
N ALA A 79 7.11 -10.36 -2.23
CA ALA A 79 6.71 -11.55 -2.99
C ALA A 79 7.86 -12.04 -3.87
N LYS A 80 8.59 -11.11 -4.49
CA LYS A 80 9.83 -11.35 -5.21
C LYS A 80 10.76 -10.17 -4.86
N PRO A 81 12.07 -10.24 -5.15
CA PRO A 81 12.95 -9.09 -5.00
C PRO A 81 12.36 -7.89 -5.75
N GLU A 82 12.39 -6.74 -5.10
CA GLU A 82 11.88 -5.46 -5.58
C GLU A 82 10.40 -5.52 -6.02
N CYS A 83 9.63 -6.48 -5.48
CA CYS A 83 8.24 -6.73 -5.86
C CYS A 83 7.43 -7.09 -4.62
N TYR A 84 6.68 -6.11 -4.11
CA TYR A 84 5.82 -6.28 -2.93
C TYR A 84 4.45 -6.72 -3.41
N LYS A 85 3.66 -7.38 -2.57
CA LYS A 85 2.29 -7.70 -2.89
C LYS A 85 1.50 -7.48 -1.63
N LYS A 86 0.43 -6.68 -1.73
CA LYS A 86 -0.40 -6.40 -0.57
C LYS A 86 -1.20 -7.65 -0.23
N VAL A 87 -1.71 -7.75 1.00
CA VAL A 87 -2.37 -8.99 1.40
C VAL A 87 -3.68 -9.13 0.60
N GLY A 1 -17.72 -12.17 10.06
CA GLY A 1 -18.00 -13.17 9.02
C GLY A 1 -19.29 -13.91 9.34
N SER A 2 -19.37 -15.22 9.04
CA SER A 2 -20.48 -16.08 9.47
C SER A 2 -20.49 -16.28 11.00
N HIS A 3 -19.34 -16.09 11.64
CA HIS A 3 -19.17 -15.81 13.06
C HIS A 3 -18.47 -14.46 13.15
N MET A 4 -18.41 -13.83 14.33
CA MET A 4 -17.77 -12.52 14.49
C MET A 4 -16.89 -12.51 15.73
N GLY A 5 -15.86 -11.66 15.70
CA GLY A 5 -14.84 -11.55 16.75
C GLY A 5 -13.43 -11.35 16.21
N GLU A 6 -13.30 -10.93 14.97
CA GLU A 6 -12.05 -11.01 14.25
C GLU A 6 -11.09 -9.90 14.71
N SER A 7 -10.16 -10.23 15.62
CA SER A 7 -9.13 -9.35 16.13
C SER A 7 -8.24 -8.71 15.06
N GLY A 8 -8.28 -9.21 13.82
CA GLY A 8 -7.64 -8.63 12.65
C GLY A 8 -8.40 -7.43 12.07
N LYS A 9 -9.55 -7.04 12.62
CA LYS A 9 -10.30 -5.86 12.21
C LYS A 9 -9.50 -4.59 12.54
N ILE A 10 -8.71 -4.11 11.58
CA ILE A 10 -8.19 -2.74 11.53
C ILE A 10 -9.37 -1.81 11.17
N ASP A 11 -9.18 -0.49 11.26
CA ASP A 11 -10.14 0.51 10.78
C ASP A 11 -9.39 1.52 9.89
N ILE A 12 -10.14 2.43 9.28
CA ILE A 12 -9.63 3.68 8.73
C ILE A 12 -9.51 4.71 9.87
N ASP A 13 -10.45 4.66 10.83
CA ASP A 13 -10.55 5.61 11.94
C ASP A 13 -9.24 5.62 12.71
N THR A 14 -8.75 4.42 13.07
CA THR A 14 -7.56 4.19 13.90
C THR A 14 -6.33 4.91 13.36
N ILE A 15 -6.33 5.23 12.05
CA ILE A 15 -5.30 6.01 11.39
C ILE A 15 -5.73 7.47 11.45
N MET A 16 -6.80 7.83 10.75
CA MET A 16 -7.13 9.24 10.47
C MET A 16 -7.55 10.03 11.71
N THR A 17 -7.88 9.33 12.81
CA THR A 17 -8.22 9.94 14.10
C THR A 17 -6.97 10.53 14.78
N GLY A 18 -5.76 10.07 14.40
CA GLY A 18 -4.50 10.53 14.99
C GLY A 18 -3.41 10.82 13.95
N LYS A 19 -3.68 10.64 12.66
CA LYS A 19 -2.78 10.93 11.54
C LYS A 19 -3.55 11.77 10.53
N PRO A 20 -2.88 12.60 9.72
CA PRO A 20 -3.58 13.46 8.77
C PRO A 20 -4.23 12.64 7.66
N LYS A 21 -5.17 13.25 6.95
CA LYS A 21 -5.82 12.68 5.77
C LYS A 21 -4.77 12.13 4.79
N SER A 22 -3.64 12.83 4.64
CA SER A 22 -2.50 12.44 3.81
C SER A 22 -2.05 10.99 4.05
N ALA A 23 -2.19 10.45 5.27
CA ALA A 23 -1.82 9.07 5.58
C ALA A 23 -2.62 8.10 4.70
N ARG A 24 -3.95 8.10 4.84
CA ARG A 24 -4.81 7.32 3.94
C ARG A 24 -4.64 7.81 2.50
N GLU A 25 -4.42 9.11 2.26
CA GLU A 25 -4.31 9.65 0.90
C GLU A 25 -3.15 9.02 0.14
N LYS A 26 -2.11 8.57 0.87
CA LYS A 26 -0.96 7.88 0.32
C LYS A 26 -1.18 6.37 0.38
N MET A 27 -1.51 5.81 1.55
CA MET A 27 -1.63 4.37 1.75
C MET A 27 -2.74 3.79 0.87
N MET A 28 -3.89 4.47 0.82
CA MET A 28 -5.06 4.01 0.09
C MET A 28 -4.83 4.12 -1.41
N LYS A 29 -3.99 5.05 -1.88
CA LYS A 29 -3.50 5.01 -3.25
C LYS A 29 -2.61 3.77 -3.41
N ILE A 30 -1.54 3.66 -2.62
CA ILE A 30 -0.50 2.64 -2.79
C ILE A 30 -1.14 1.27 -2.94
N ILE A 31 -1.93 0.80 -1.96
CA ILE A 31 -2.62 -0.49 -2.06
C ILE A 31 -3.38 -0.64 -3.37
N GLU A 32 -4.12 0.39 -3.82
CA GLU A 32 -4.96 0.31 -5.01
C GLU A 32 -4.11 0.16 -6.26
N ILE A 33 -2.98 0.88 -6.29
CA ILE A 33 -1.99 0.78 -7.36
C ILE A 33 -1.37 -0.62 -7.31
N ILE A 34 -1.10 -1.19 -6.13
CA ILE A 34 -0.55 -2.54 -6.01
C ILE A 34 -1.57 -3.54 -6.52
N ASP A 35 -2.84 -3.41 -6.13
CA ASP A 35 -3.93 -4.29 -6.54
C ASP A 35 -4.04 -4.24 -8.07
N SER A 36 -4.03 -3.02 -8.62
CA SER A 36 -4.19 -2.75 -10.04
C SER A 36 -3.01 -3.32 -10.83
N LEU A 37 -1.78 -3.05 -10.39
CA LEU A 37 -0.59 -3.54 -11.07
C LEU A 37 -0.46 -5.06 -10.95
N ALA A 38 -1.01 -5.67 -9.91
CA ALA A 38 -1.13 -7.12 -9.77
C ALA A 38 -2.29 -7.72 -10.58
N VAL A 39 -3.00 -6.90 -11.38
CA VAL A 39 -4.00 -7.36 -12.35
C VAL A 39 -3.59 -6.98 -13.77
N SER A 40 -2.97 -5.81 -13.95
CA SER A 40 -2.38 -5.35 -15.21
C SER A 40 -1.05 -6.05 -15.52
N SER A 41 -0.42 -6.65 -14.50
CA SER A 41 0.81 -7.42 -14.57
C SER A 41 0.76 -8.47 -13.43
N GLU A 42 1.78 -9.34 -13.32
CA GLU A 42 1.83 -10.36 -12.26
C GLU A 42 1.86 -9.74 -10.87
N CYS A 43 2.53 -8.59 -10.73
CA CYS A 43 2.85 -7.94 -9.48
C CYS A 43 3.16 -6.46 -9.74
N ALA A 44 3.10 -5.68 -8.66
CA ALA A 44 3.40 -4.27 -8.62
C ALA A 44 4.91 -4.04 -8.58
N LYS A 45 5.47 -3.76 -9.76
CA LYS A 45 6.84 -3.30 -9.88
C LYS A 45 6.99 -2.02 -9.09
N VAL A 46 8.06 -1.94 -8.33
CA VAL A 46 8.39 -0.77 -7.53
C VAL A 46 8.62 0.44 -8.44
N LYS A 47 9.12 0.20 -9.67
CA LYS A 47 9.19 1.17 -10.76
C LYS A 47 7.86 1.86 -10.95
N ASP A 48 6.78 1.09 -10.99
CA ASP A 48 5.52 1.61 -11.49
C ASP A 48 4.87 2.46 -10.40
N ILE A 49 5.09 2.05 -9.14
CA ILE A 49 4.69 2.78 -7.94
C ILE A 49 5.51 4.06 -7.86
N LEU A 50 6.85 3.95 -7.90
CA LEU A 50 7.78 5.08 -7.90
C LEU A 50 7.43 6.07 -9.02
N LYS A 51 7.03 5.58 -10.19
CA LYS A 51 6.54 6.40 -11.30
C LYS A 51 5.32 7.20 -10.84
N GLU A 52 4.19 6.53 -10.53
CA GLU A 52 2.96 7.26 -10.27
C GLU A 52 3.16 8.24 -9.10
N ALA A 53 3.84 7.77 -8.05
CA ALA A 53 3.94 8.51 -6.82
C ALA A 53 4.86 9.73 -6.97
N GLN A 54 6.02 9.59 -7.65
CA GLN A 54 6.86 10.76 -7.92
C GLN A 54 6.10 11.74 -8.83
N GLN A 55 5.33 11.25 -9.81
CA GLN A 55 4.58 12.13 -10.70
C GLN A 55 3.43 12.84 -9.97
N VAL A 56 2.72 12.17 -9.05
CA VAL A 56 1.60 12.75 -8.32
C VAL A 56 2.07 13.66 -7.18
N GLY A 57 3.32 13.51 -6.72
CA GLY A 57 4.02 14.51 -5.90
C GLY A 57 4.49 13.95 -4.56
N ILE A 58 5.26 12.86 -4.59
CA ILE A 58 5.77 12.17 -3.40
C ILE A 58 7.26 11.92 -3.64
N GLU A 59 8.08 11.90 -2.58
CA GLU A 59 9.52 11.69 -2.72
C GLU A 59 9.79 10.18 -2.74
N LYS A 60 10.79 9.72 -3.49
CA LYS A 60 11.16 8.30 -3.56
C LYS A 60 11.28 7.66 -2.18
N SER A 61 11.99 8.29 -1.24
CA SER A 61 12.14 7.81 0.14
C SER A 61 10.77 7.52 0.77
N ASN A 62 9.76 8.35 0.49
CA ASN A 62 8.43 8.16 1.02
C ASN A 62 7.82 6.84 0.58
N ILE A 63 7.99 6.54 -0.70
CA ILE A 63 7.36 5.42 -1.37
C ILE A 63 8.06 4.19 -0.84
N GLU A 64 9.39 4.28 -0.78
CA GLU A 64 10.26 3.18 -0.41
C GLU A 64 9.99 2.79 1.04
N LYS A 65 9.89 3.78 1.94
CA LYS A 65 9.59 3.51 3.34
C LYS A 65 8.12 3.12 3.54
N LEU A 66 7.17 3.68 2.78
CA LEU A 66 5.77 3.26 2.86
C LEU A 66 5.60 1.82 2.39
N LEU A 67 6.03 1.45 1.19
CA LEU A 67 5.85 0.07 0.73
C LEU A 67 6.73 -0.92 1.52
N THR A 68 7.83 -0.45 2.12
CA THR A 68 8.51 -1.19 3.18
C THR A 68 7.56 -1.44 4.36
N ASP A 69 6.99 -0.39 4.96
CA ASP A 69 6.04 -0.53 6.06
C ASP A 69 4.91 -1.47 5.66
N MET A 70 4.40 -1.34 4.43
CA MET A 70 3.35 -2.20 3.93
C MET A 70 3.74 -3.68 3.96
N ARG A 71 4.89 -4.05 3.37
CA ARG A 71 5.37 -5.44 3.38
C ARG A 71 5.79 -5.89 4.78
N LYS A 72 6.07 -4.96 5.69
CA LYS A 72 6.55 -5.28 7.03
C LYS A 72 5.38 -5.47 7.99
N SER A 73 4.33 -4.66 7.84
CA SER A 73 3.12 -4.65 8.64
C SER A 73 2.18 -5.78 8.18
N GLY A 74 2.22 -6.15 6.89
CA GLY A 74 1.43 -7.25 6.36
C GLY A 74 0.27 -6.77 5.49
N ILE A 75 0.38 -5.57 4.91
CA ILE A 75 -0.53 -5.07 3.89
C ILE A 75 -0.26 -5.85 2.59
N ILE A 76 1.04 -6.01 2.27
CA ILE A 76 1.52 -6.55 0.99
C ILE A 76 2.66 -7.54 1.29
N TYR A 77 3.25 -8.12 0.25
CA TYR A 77 4.53 -8.81 0.31
C TYR A 77 5.33 -8.52 -0.96
N GLU A 78 6.62 -8.88 -0.96
CA GLU A 78 7.37 -9.04 -2.19
C GLU A 78 6.88 -10.30 -2.92
N ALA A 79 7.23 -10.44 -4.20
CA ALA A 79 6.99 -11.68 -4.94
C ALA A 79 8.08 -12.02 -5.95
N LYS A 80 8.74 -11.03 -6.56
CA LYS A 80 9.89 -11.21 -7.44
C LYS A 80 10.72 -9.94 -7.27
N PRO A 81 11.98 -9.97 -6.79
CA PRO A 81 12.65 -8.80 -6.23
C PRO A 81 12.60 -7.58 -7.14
N GLU A 82 11.79 -6.60 -6.70
CA GLU A 82 11.33 -5.34 -7.25
C GLU A 82 9.81 -5.34 -7.50
N CYS A 83 9.08 -6.45 -7.31
CA CYS A 83 7.73 -6.67 -7.82
C CYS A 83 6.86 -7.27 -6.71
N TYR A 84 6.18 -6.38 -5.99
CA TYR A 84 5.40 -6.65 -4.79
C TYR A 84 3.99 -7.11 -5.16
N LYS A 85 3.25 -7.75 -4.26
CA LYS A 85 1.82 -7.93 -4.44
C LYS A 85 1.15 -7.62 -3.12
N LYS A 86 -0.14 -7.27 -3.15
CA LYS A 86 -1.01 -7.24 -1.97
C LYS A 86 -0.89 -8.58 -1.23
N VAL A 87 -1.35 -8.67 0.03
CA VAL A 87 -1.59 -9.99 0.59
C VAL A 87 -2.39 -10.89 -0.37
N GLY A 1 -10.30 0.71 -2.87
CA GLY A 1 -11.69 0.47 -3.27
C GLY A 1 -12.48 -0.17 -2.13
N SER A 2 -13.81 -0.15 -2.22
CA SER A 2 -14.71 -0.60 -1.16
C SER A 2 -14.53 -2.09 -0.82
N HIS A 3 -14.92 -2.46 0.41
CA HIS A 3 -15.12 -3.82 0.89
C HIS A 3 -16.41 -3.80 1.71
N MET A 4 -17.00 -4.97 1.99
CA MET A 4 -18.20 -5.12 2.80
C MET A 4 -18.09 -6.40 3.65
N GLY A 5 -18.86 -6.45 4.75
CA GLY A 5 -18.89 -7.56 5.68
C GLY A 5 -17.70 -7.53 6.64
N GLU A 6 -17.83 -8.21 7.78
CA GLU A 6 -16.76 -8.36 8.77
C GLU A 6 -15.84 -9.50 8.32
N SER A 7 -15.26 -9.37 7.13
CA SER A 7 -14.24 -10.29 6.60
C SER A 7 -12.96 -10.24 7.45
N GLY A 8 -12.71 -9.09 8.08
CA GLY A 8 -11.86 -8.90 9.24
C GLY A 8 -12.40 -7.66 9.97
N LYS A 9 -11.98 -7.45 11.22
CA LYS A 9 -12.51 -6.36 12.03
C LYS A 9 -11.71 -5.06 11.93
N ILE A 10 -10.68 -5.00 11.09
CA ILE A 10 -9.81 -3.81 11.02
C ILE A 10 -10.63 -2.69 10.38
N ASP A 11 -11.06 -1.75 11.20
CA ASP A 11 -11.75 -0.54 10.75
C ASP A 11 -10.74 0.39 10.05
N ILE A 12 -11.27 1.44 9.41
CA ILE A 12 -10.49 2.64 9.09
C ILE A 12 -10.41 3.52 10.35
N ASP A 13 -11.49 3.52 11.14
CA ASP A 13 -11.73 4.39 12.26
C ASP A 13 -10.66 4.20 13.32
N THR A 14 -10.35 2.95 13.63
CA THR A 14 -9.32 2.50 14.59
C THR A 14 -7.90 2.96 14.19
N ILE A 15 -7.75 3.39 12.95
CA ILE A 15 -6.52 3.95 12.42
C ILE A 15 -6.61 5.46 12.57
N MET A 16 -7.56 6.07 11.85
CA MET A 16 -7.62 7.53 11.72
C MET A 16 -7.94 8.22 13.06
N THR A 17 -8.49 7.49 14.04
CA THR A 17 -8.72 8.03 15.37
C THR A 17 -7.42 8.32 16.14
N GLY A 18 -6.27 7.80 15.69
CA GLY A 18 -4.97 7.98 16.35
C GLY A 18 -3.80 8.11 15.37
N LYS A 19 -4.04 8.06 14.06
CA LYS A 19 -3.05 8.26 13.01
C LYS A 19 -3.56 9.39 12.12
N PRO A 20 -2.68 10.21 11.52
CA PRO A 20 -3.08 11.35 10.71
C PRO A 20 -3.78 10.87 9.44
N LYS A 21 -4.71 11.70 8.91
CA LYS A 21 -5.38 11.42 7.64
C LYS A 21 -4.40 11.24 6.49
N SER A 22 -3.20 11.82 6.59
CA SER A 22 -2.09 11.66 5.63
C SER A 22 -1.63 10.20 5.51
N ALA A 23 -1.73 9.40 6.59
CA ALA A 23 -1.29 8.01 6.61
C ALA A 23 -2.04 7.23 5.53
N ARG A 24 -3.36 7.11 5.69
CA ARG A 24 -4.20 6.52 4.64
C ARG A 24 -4.08 7.32 3.34
N GLU A 25 -3.93 8.65 3.35
CA GLU A 25 -3.92 9.42 2.11
C GLU A 25 -2.79 8.95 1.18
N LYS A 26 -1.67 8.52 1.76
CA LYS A 26 -0.55 7.89 1.07
C LYS A 26 -0.79 6.38 0.91
N MET A 27 -1.04 5.66 2.01
CA MET A 27 -1.00 4.21 2.07
C MET A 27 -2.13 3.60 1.24
N MET A 28 -3.30 4.25 1.20
CA MET A 28 -4.44 3.80 0.41
C MET A 28 -4.09 3.83 -1.08
N LYS A 29 -3.41 4.89 -1.52
CA LYS A 29 -2.93 5.00 -2.91
C LYS A 29 -1.94 3.88 -3.17
N ILE A 30 -0.97 3.69 -2.27
CA ILE A 30 0.02 2.62 -2.42
C ILE A 30 -0.71 1.29 -2.59
N ILE A 31 -1.52 0.83 -1.63
CA ILE A 31 -2.23 -0.46 -1.76
C ILE A 31 -3.11 -0.55 -3.02
N GLU A 32 -3.69 0.55 -3.51
CA GLU A 32 -4.46 0.55 -4.75
C GLU A 32 -3.55 0.40 -5.97
N ILE A 33 -2.37 1.02 -5.95
CA ILE A 33 -1.34 0.82 -6.96
C ILE A 33 -0.81 -0.61 -6.86
N ILE A 34 -0.62 -1.15 -5.64
CA ILE A 34 -0.15 -2.51 -5.43
C ILE A 34 -1.14 -3.46 -6.09
N ASP A 35 -2.44 -3.28 -5.79
CA ASP A 35 -3.49 -4.14 -6.26
C ASP A 35 -3.58 -4.08 -7.78
N SER A 36 -3.65 -2.87 -8.33
CA SER A 36 -3.86 -2.67 -9.76
C SER A 36 -2.64 -3.08 -10.59
N LEU A 37 -1.42 -2.91 -10.05
CA LEU A 37 -0.23 -3.46 -10.69
C LEU A 37 -0.17 -4.97 -10.53
N ALA A 38 -0.49 -5.52 -9.35
CA ALA A 38 -0.54 -6.96 -9.14
C ALA A 38 -1.58 -7.62 -10.04
N VAL A 39 -2.74 -7.00 -10.28
CA VAL A 39 -3.74 -7.55 -11.19
C VAL A 39 -3.25 -7.46 -12.66
N SER A 40 -2.15 -6.76 -12.91
CA SER A 40 -1.56 -6.52 -14.21
C SER A 40 -0.20 -7.23 -14.40
N SER A 41 0.38 -7.85 -13.35
CA SER A 41 1.72 -8.48 -13.40
C SER A 41 2.02 -9.42 -12.23
N GLU A 42 1.02 -9.79 -11.42
CA GLU A 42 1.09 -10.66 -10.25
C GLU A 42 1.90 -10.14 -9.08
N CYS A 43 2.66 -9.09 -9.32
CA CYS A 43 3.15 -8.19 -8.32
C CYS A 43 3.33 -6.78 -8.88
N ALA A 44 3.34 -5.82 -7.97
CA ALA A 44 3.59 -4.42 -8.19
C ALA A 44 5.09 -4.17 -8.21
N LYS A 45 5.63 -3.98 -9.42
CA LYS A 45 7.03 -3.66 -9.67
C LYS A 45 7.38 -2.38 -8.94
N VAL A 46 8.37 -2.40 -8.05
CA VAL A 46 8.74 -1.21 -7.25
C VAL A 46 9.09 -0.03 -8.15
N LYS A 47 9.57 -0.28 -9.38
CA LYS A 47 9.79 0.74 -10.40
C LYS A 47 8.51 1.52 -10.67
N ASP A 48 7.40 0.81 -10.87
CA ASP A 48 6.14 1.42 -11.21
C ASP A 48 5.58 2.15 -10.00
N ILE A 49 5.74 1.58 -8.80
CA ILE A 49 5.23 2.20 -7.58
C ILE A 49 5.96 3.52 -7.35
N LEU A 50 7.29 3.49 -7.38
CA LEU A 50 8.13 4.67 -7.28
C LEU A 50 7.68 5.72 -8.31
N LYS A 51 7.51 5.30 -9.56
CA LYS A 51 7.10 6.18 -10.65
C LYS A 51 5.74 6.81 -10.36
N GLU A 52 4.67 6.02 -10.18
CA GLU A 52 3.32 6.58 -10.03
C GLU A 52 3.18 7.37 -8.72
N ALA A 53 3.85 6.95 -7.65
CA ALA A 53 3.86 7.70 -6.41
C ALA A 53 4.57 9.05 -6.61
N GLN A 54 5.72 9.08 -7.28
CA GLN A 54 6.39 10.33 -7.64
C GLN A 54 5.52 11.17 -8.59
N GLN A 55 4.75 10.55 -9.49
CA GLN A 55 3.76 11.27 -10.30
C GLN A 55 2.68 11.93 -9.44
N VAL A 56 2.14 11.27 -8.40
CA VAL A 56 1.14 11.90 -7.53
C VAL A 56 1.80 12.84 -6.51
N GLY A 57 3.13 12.80 -6.36
CA GLY A 57 3.93 13.83 -5.70
C GLY A 57 4.59 13.35 -4.41
N ILE A 58 4.58 12.03 -4.16
CA ILE A 58 5.26 11.42 -3.03
C ILE A 58 6.78 11.44 -3.31
N GLU A 59 7.66 11.49 -2.30
CA GLU A 59 9.09 11.36 -2.54
C GLU A 59 9.47 9.87 -2.49
N LYS A 60 10.47 9.50 -3.28
CA LYS A 60 11.23 8.25 -3.28
C LYS A 60 11.25 7.59 -1.89
N SER A 61 11.92 8.18 -0.91
CA SER A 61 12.14 7.57 0.39
C SER A 61 10.85 7.38 1.18
N ASN A 62 9.79 8.14 0.86
CA ASN A 62 8.48 7.91 1.46
C ASN A 62 7.98 6.53 1.09
N ILE A 63 8.18 6.14 -0.17
CA ILE A 63 7.66 4.93 -0.76
C ILE A 63 8.56 3.80 -0.27
N GLU A 64 9.87 4.09 -0.12
CA GLU A 64 10.79 3.08 0.41
C GLU A 64 10.36 2.70 1.84
N LYS A 65 10.15 3.72 2.68
CA LYS A 65 9.80 3.48 4.07
C LYS A 65 8.36 3.00 4.23
N LEU A 66 7.40 3.48 3.42
CA LEU A 66 6.04 2.98 3.47
C LEU A 66 5.97 1.54 2.97
N LEU A 67 6.55 1.19 1.81
CA LEU A 67 6.57 -0.20 1.35
C LEU A 67 7.20 -1.09 2.42
N THR A 68 8.28 -0.62 3.05
CA THR A 68 8.90 -1.32 4.16
C THR A 68 7.92 -1.50 5.32
N ASP A 69 7.21 -0.44 5.74
CA ASP A 69 6.22 -0.52 6.80
C ASP A 69 5.17 -1.56 6.44
N MET A 70 4.47 -1.41 5.31
CA MET A 70 3.37 -2.33 5.01
C MET A 70 3.83 -3.78 4.83
N ARG A 71 5.05 -4.02 4.31
CA ARG A 71 5.63 -5.37 4.20
C ARG A 71 6.19 -5.89 5.53
N LYS A 72 6.43 -5.02 6.52
CA LYS A 72 6.76 -5.43 7.89
C LYS A 72 5.51 -5.60 8.76
N SER A 73 4.48 -4.78 8.52
CA SER A 73 3.28 -4.65 9.33
C SER A 73 2.30 -5.78 9.03
N GLY A 74 2.11 -6.14 7.74
CA GLY A 74 1.19 -7.19 7.34
C GLY A 74 0.08 -6.64 6.46
N ILE A 75 0.45 -5.80 5.49
CA ILE A 75 -0.47 -5.15 4.55
C ILE A 75 -0.08 -5.54 3.11
N ILE A 76 1.23 -5.69 2.84
CA ILE A 76 1.73 -6.23 1.58
C ILE A 76 2.83 -7.25 1.91
N TYR A 77 3.39 -7.92 0.90
CA TYR A 77 4.58 -8.77 1.01
C TYR A 77 5.38 -8.69 -0.29
N GLU A 78 6.67 -9.01 -0.27
CA GLU A 78 7.55 -8.96 -1.43
C GLU A 78 7.23 -10.06 -2.45
N ALA A 79 7.54 -11.32 -2.10
CA ALA A 79 7.38 -12.57 -2.85
C ALA A 79 8.03 -12.66 -4.24
N LYS A 80 8.38 -11.55 -4.88
CA LYS A 80 9.14 -11.48 -6.12
C LYS A 80 10.19 -10.38 -5.95
N PRO A 81 11.33 -10.44 -6.67
CA PRO A 81 12.38 -9.44 -6.56
C PRO A 81 11.85 -8.08 -7.01
N GLU A 82 12.22 -7.03 -6.28
CA GLU A 82 11.91 -5.62 -6.53
C GLU A 82 10.42 -5.43 -6.84
N CYS A 83 9.56 -6.15 -6.11
CA CYS A 83 8.14 -6.19 -6.31
C CYS A 83 7.43 -6.33 -4.96
N TYR A 84 6.12 -6.06 -4.93
CA TYR A 84 5.26 -6.37 -3.80
C TYR A 84 3.89 -6.88 -4.25
N LYS A 85 3.16 -7.55 -3.38
CA LYS A 85 1.75 -7.90 -3.57
C LYS A 85 0.97 -7.60 -2.29
N LYS A 86 -0.29 -7.20 -2.43
CA LYS A 86 -1.16 -6.88 -1.29
C LYS A 86 -1.60 -8.19 -0.63
N VAL A 87 -1.69 -8.22 0.71
CA VAL A 87 -2.08 -9.43 1.45
C VAL A 87 -3.60 -9.46 1.66
N GLY A 1 -18.57 3.48 8.05
CA GLY A 1 -17.24 4.09 7.84
C GLY A 1 -17.01 4.29 6.36
N SER A 2 -15.83 3.93 5.84
CA SER A 2 -15.57 3.91 4.40
C SER A 2 -16.52 2.94 3.67
N HIS A 3 -17.02 1.93 4.39
CA HIS A 3 -18.14 1.08 4.05
C HIS A 3 -18.87 0.76 5.37
N MET A 4 -19.99 0.04 5.32
CA MET A 4 -20.80 -0.38 6.46
C MET A 4 -20.80 -1.90 6.46
N GLY A 5 -20.08 -2.51 7.41
CA GLY A 5 -19.65 -3.90 7.34
C GLY A 5 -18.28 -3.95 6.65
N GLU A 6 -17.41 -4.83 7.13
CA GLU A 6 -15.98 -4.83 6.85
C GLU A 6 -15.55 -6.07 6.07
N SER A 7 -14.43 -5.97 5.35
CA SER A 7 -13.80 -7.07 4.62
C SER A 7 -13.06 -8.04 5.55
N GLY A 8 -12.84 -7.64 6.81
CA GLY A 8 -12.19 -8.37 7.88
C GLY A 8 -12.07 -7.39 9.05
N LYS A 9 -11.88 -7.88 10.28
CA LYS A 9 -12.06 -7.08 11.50
C LYS A 9 -10.93 -6.04 11.75
N ILE A 10 -10.06 -5.78 10.77
CA ILE A 10 -9.26 -4.57 10.74
C ILE A 10 -10.12 -3.58 9.95
N ASP A 11 -10.83 -2.74 10.68
CA ASP A 11 -11.55 -1.60 10.11
C ASP A 11 -10.53 -0.61 9.54
N ILE A 12 -11.04 0.39 8.81
CA ILE A 12 -10.27 1.59 8.50
C ILE A 12 -10.30 2.54 9.70
N ASP A 13 -11.47 2.60 10.35
CA ASP A 13 -11.78 3.56 11.41
C ASP A 13 -10.84 3.36 12.60
N THR A 14 -10.56 2.10 12.93
CA THR A 14 -9.66 1.65 13.98
C THR A 14 -8.22 2.17 13.79
N ILE A 15 -7.88 2.63 12.59
CA ILE A 15 -6.57 3.18 12.25
C ILE A 15 -6.68 4.70 12.24
N MET A 16 -7.63 5.28 11.48
CA MET A 16 -7.74 6.73 11.39
C MET A 16 -8.20 7.38 12.71
N THR A 17 -8.77 6.61 13.64
CA THR A 17 -9.02 7.10 15.00
C THR A 17 -7.72 7.35 15.79
N GLY A 18 -6.56 6.87 15.31
CA GLY A 18 -5.26 7.04 15.95
C GLY A 18 -4.14 7.47 14.99
N LYS A 19 -4.42 7.61 13.69
CA LYS A 19 -3.46 8.04 12.68
C LYS A 19 -4.07 9.15 11.81
N PRO A 20 -3.27 10.11 11.31
CA PRO A 20 -3.79 11.22 10.54
C PRO A 20 -4.35 10.75 9.20
N LYS A 21 -5.30 11.52 8.64
CA LYS A 21 -5.92 11.24 7.34
C LYS A 21 -4.86 11.08 6.24
N SER A 22 -3.74 11.80 6.35
CA SER A 22 -2.56 11.71 5.49
C SER A 22 -2.03 10.27 5.36
N ALA A 23 -2.13 9.46 6.42
CA ALA A 23 -1.69 8.08 6.42
C ALA A 23 -2.46 7.32 5.33
N ARG A 24 -3.79 7.21 5.46
CA ARG A 24 -4.60 6.60 4.41
C ARG A 24 -4.43 7.36 3.09
N GLU A 25 -4.29 8.69 3.10
CA GLU A 25 -4.13 9.48 1.89
C GLU A 25 -2.99 8.96 1.00
N LYS A 26 -1.86 8.55 1.60
CA LYS A 26 -0.75 7.94 0.83
C LYS A 26 -0.77 6.41 0.82
N MET A 27 -1.15 5.76 1.93
CA MET A 27 -1.09 4.31 2.05
C MET A 27 -2.11 3.66 1.13
N MET A 28 -3.31 4.26 1.01
CA MET A 28 -4.34 3.79 0.08
C MET A 28 -3.80 3.84 -1.35
N LYS A 29 -3.13 4.94 -1.70
CA LYS A 29 -2.64 5.15 -3.06
C LYS A 29 -1.59 4.11 -3.41
N ILE A 30 -0.69 3.82 -2.47
CA ILE A 30 0.24 2.71 -2.60
C ILE A 30 -0.56 1.44 -2.92
N ILE A 31 -1.36 0.92 -1.97
CA ILE A 31 -2.06 -0.36 -2.20
C ILE A 31 -2.97 -0.34 -3.42
N GLU A 32 -3.50 0.81 -3.85
CA GLU A 32 -4.33 0.95 -5.02
C GLU A 32 -3.48 0.65 -6.26
N ILE A 33 -2.28 1.22 -6.35
CA ILE A 33 -1.33 0.87 -7.41
C ILE A 33 -1.00 -0.63 -7.33
N ILE A 34 -0.68 -1.15 -6.13
CA ILE A 34 -0.19 -2.52 -6.00
C ILE A 34 -1.30 -3.49 -6.38
N ASP A 35 -2.54 -3.24 -5.96
CA ASP A 35 -3.69 -4.07 -6.28
C ASP A 35 -3.94 -4.00 -7.80
N SER A 36 -3.94 -2.78 -8.36
CA SER A 36 -4.17 -2.54 -9.78
C SER A 36 -3.09 -3.17 -10.68
N LEU A 37 -1.88 -3.37 -10.14
CA LEU A 37 -0.84 -4.12 -10.82
C LEU A 37 -1.03 -5.63 -10.61
N ALA A 38 -1.15 -6.06 -9.35
CA ALA A 38 -1.25 -7.47 -8.96
C ALA A 38 -2.46 -8.16 -9.58
N VAL A 39 -3.56 -7.43 -9.84
CA VAL A 39 -4.75 -7.98 -10.50
C VAL A 39 -4.45 -8.47 -11.94
N SER A 40 -3.28 -8.10 -12.49
CA SER A 40 -2.83 -8.49 -13.82
C SER A 40 -1.39 -9.05 -13.78
N SER A 41 -0.86 -9.45 -12.62
CA SER A 41 0.55 -9.82 -12.49
C SER A 41 0.74 -10.89 -11.40
N GLU A 42 1.96 -11.41 -11.27
CA GLU A 42 2.39 -12.19 -10.12
C GLU A 42 2.50 -11.26 -8.89
N CYS A 43 2.92 -10.02 -9.13
CA CYS A 43 3.27 -9.01 -8.15
C CYS A 43 3.38 -7.65 -8.86
N ALA A 44 3.30 -6.58 -8.08
CA ALA A 44 3.54 -5.21 -8.53
C ALA A 44 5.04 -4.88 -8.54
N LYS A 45 5.59 -4.50 -9.70
CA LYS A 45 6.96 -4.02 -9.81
C LYS A 45 7.09 -2.70 -9.06
N VAL A 46 8.02 -2.63 -8.11
CA VAL A 46 8.27 -1.45 -7.29
C VAL A 46 8.67 -0.24 -8.15
N LYS A 47 9.22 -0.48 -9.34
CA LYS A 47 9.50 0.59 -10.31
C LYS A 47 8.22 1.33 -10.68
N ASP A 48 7.10 0.61 -10.83
CA ASP A 48 5.85 1.25 -11.17
C ASP A 48 5.34 2.04 -9.97
N ILE A 49 5.43 1.44 -8.78
CA ILE A 49 4.92 2.05 -7.58
C ILE A 49 5.70 3.34 -7.31
N LEU A 50 7.04 3.27 -7.40
CA LEU A 50 7.93 4.41 -7.33
C LEU A 50 7.53 5.48 -8.34
N LYS A 51 7.30 5.09 -9.61
CA LYS A 51 6.87 6.02 -10.67
C LYS A 51 5.61 6.78 -10.24
N GLU A 52 4.53 6.04 -9.99
CA GLU A 52 3.23 6.66 -9.80
C GLU A 52 3.15 7.40 -8.45
N ALA A 53 3.80 6.88 -7.40
CA ALA A 53 3.86 7.57 -6.12
C ALA A 53 4.76 8.81 -6.16
N GLN A 54 5.84 8.82 -6.96
CA GLN A 54 6.62 10.04 -7.21
C GLN A 54 5.77 11.07 -7.96
N GLN A 55 4.96 10.65 -8.93
CA GLN A 55 4.02 11.53 -9.64
C GLN A 55 2.92 12.06 -8.71
N VAL A 56 2.41 11.24 -7.78
CA VAL A 56 1.52 11.68 -6.71
C VAL A 56 2.23 12.72 -5.82
N GLY A 57 3.54 12.59 -5.62
CA GLY A 57 4.39 13.63 -5.03
C GLY A 57 5.18 13.15 -3.81
N ILE A 58 5.15 11.85 -3.51
CA ILE A 58 5.89 11.25 -2.40
C ILE A 58 7.35 11.11 -2.85
N GLU A 59 8.32 11.05 -1.94
CA GLU A 59 9.71 10.92 -2.33
C GLU A 59 10.01 9.43 -2.53
N LYS A 60 10.91 9.14 -3.46
CA LYS A 60 11.54 7.85 -3.70
C LYS A 60 11.63 7.02 -2.42
N SER A 61 12.48 7.49 -1.51
CA SER A 61 12.92 6.67 -0.40
C SER A 61 11.77 6.51 0.57
N ASN A 62 10.88 7.50 0.69
CA ASN A 62 9.63 7.38 1.43
C ASN A 62 8.80 6.20 0.93
N ILE A 63 8.69 6.00 -0.39
CA ILE A 63 7.87 4.95 -0.99
C ILE A 63 8.54 3.62 -0.70
N GLU A 64 9.87 3.56 -0.81
CA GLU A 64 10.56 2.27 -0.62
C GLU A 64 10.63 1.90 0.88
N LYS A 65 10.71 2.92 1.74
CA LYS A 65 10.36 2.85 3.15
C LYS A 65 8.93 2.33 3.30
N LEU A 66 7.94 2.97 2.68
CA LEU A 66 6.55 2.66 2.98
C LEU A 66 6.21 1.24 2.54
N LEU A 67 6.71 0.81 1.38
CA LEU A 67 6.65 -0.56 0.90
C LEU A 67 7.33 -1.52 1.88
N THR A 68 8.51 -1.15 2.39
CA THR A 68 9.18 -1.94 3.40
C THR A 68 8.25 -2.08 4.61
N ASP A 69 7.78 -0.96 5.15
CA ASP A 69 6.94 -0.90 6.33
C ASP A 69 5.65 -1.69 6.13
N MET A 70 5.05 -1.62 4.94
CA MET A 70 3.88 -2.37 4.53
C MET A 70 4.14 -3.88 4.62
N ARG A 71 5.21 -4.40 3.99
CA ARG A 71 5.50 -5.83 4.06
C ARG A 71 5.86 -6.24 5.48
N LYS A 72 6.58 -5.36 6.18
CA LYS A 72 7.03 -5.54 7.55
C LYS A 72 5.87 -5.45 8.55
N SER A 73 4.72 -4.94 8.12
CA SER A 73 3.50 -4.85 8.94
C SER A 73 2.39 -5.79 8.45
N GLY A 74 2.53 -6.40 7.27
CA GLY A 74 1.69 -7.50 6.79
C GLY A 74 0.63 -7.06 5.78
N ILE A 75 0.66 -5.78 5.37
CA ILE A 75 -0.27 -5.22 4.38
C ILE A 75 0.03 -5.83 3.00
N ILE A 76 1.32 -6.03 2.72
CA ILE A 76 1.80 -6.56 1.47
C ILE A 76 2.86 -7.62 1.77
N TYR A 77 3.40 -8.19 0.70
CA TYR A 77 4.39 -9.23 0.67
C TYR A 77 5.47 -8.81 -0.34
N GLU A 78 6.69 -9.36 -0.25
CA GLU A 78 7.57 -9.38 -1.41
C GLU A 78 7.15 -10.61 -2.24
N ALA A 79 7.70 -10.77 -3.45
CA ALA A 79 7.61 -12.01 -4.20
C ALA A 79 8.90 -12.31 -4.96
N LYS A 80 9.51 -11.29 -5.58
CA LYS A 80 10.74 -11.40 -6.37
C LYS A 80 11.36 -10.01 -6.24
N PRO A 81 12.68 -9.84 -6.06
CA PRO A 81 13.27 -8.58 -5.60
C PRO A 81 12.78 -7.36 -6.39
N GLU A 82 12.11 -6.44 -5.69
CA GLU A 82 11.44 -5.25 -6.20
C GLU A 82 10.15 -5.56 -6.98
N CYS A 83 9.46 -6.65 -6.65
CA CYS A 83 8.14 -7.00 -7.16
C CYS A 83 7.30 -7.46 -5.97
N TYR A 84 6.66 -6.50 -5.29
CA TYR A 84 5.92 -6.73 -4.06
C TYR A 84 4.47 -7.04 -4.43
N LYS A 85 3.76 -7.77 -3.59
CA LYS A 85 2.38 -8.13 -3.83
C LYS A 85 1.57 -7.74 -2.62
N LYS A 86 0.64 -6.80 -2.80
CA LYS A 86 -0.27 -6.47 -1.71
C LYS A 86 -1.14 -7.68 -1.44
N VAL A 87 -1.62 -7.80 -0.21
CA VAL A 87 -2.25 -9.06 0.16
C VAL A 87 -3.60 -9.19 -0.57
N GLY A 1 -24.78 -13.23 10.88
CA GLY A 1 -25.11 -14.67 10.74
C GLY A 1 -24.02 -15.51 11.39
N SER A 2 -23.67 -16.66 10.79
CA SER A 2 -22.55 -17.51 11.22
C SER A 2 -21.18 -16.83 11.04
N HIS A 3 -21.14 -15.72 10.31
CA HIS A 3 -20.12 -14.69 10.35
C HIS A 3 -20.87 -13.37 10.57
N MET A 4 -20.19 -12.35 11.08
CA MET A 4 -20.77 -11.05 11.42
C MET A 4 -19.78 -9.96 10.99
N GLY A 5 -20.21 -8.70 11.01
CA GLY A 5 -19.54 -7.64 10.27
C GLY A 5 -19.72 -7.90 8.79
N GLU A 6 -20.98 -7.97 8.39
CA GLU A 6 -21.44 -8.32 7.06
C GLU A 6 -21.22 -7.13 6.12
N SER A 7 -19.95 -6.88 5.80
CA SER A 7 -19.41 -5.78 5.00
C SER A 7 -17.92 -6.07 4.78
N GLY A 8 -17.15 -5.09 4.26
CA GLY A 8 -15.68 -5.16 4.31
C GLY A 8 -15.18 -5.15 5.75
N LYS A 9 -13.91 -5.51 5.87
CA LYS A 9 -13.06 -5.18 6.99
C LYS A 9 -11.91 -4.36 6.39
N ILE A 10 -11.01 -3.86 7.23
CA ILE A 10 -10.12 -2.76 6.98
C ILE A 10 -10.91 -1.59 6.40
N ASP A 11 -11.49 -0.84 7.32
CA ASP A 11 -12.02 0.48 7.08
C ASP A 11 -10.86 1.42 6.74
N ILE A 12 -11.20 2.66 6.35
CA ILE A 12 -10.29 3.80 6.41
C ILE A 12 -10.31 4.35 7.84
N ASP A 13 -11.49 4.32 8.44
CA ASP A 13 -11.86 4.89 9.73
C ASP A 13 -11.02 4.27 10.85
N THR A 14 -10.75 2.97 10.77
CA THR A 14 -9.91 2.23 11.72
C THR A 14 -8.45 2.71 11.73
N ILE A 15 -8.07 3.56 10.77
CA ILE A 15 -6.73 4.13 10.66
C ILE A 15 -6.86 5.61 11.02
N MET A 16 -7.81 6.33 10.39
CA MET A 16 -8.06 7.74 10.65
C MET A 16 -8.41 8.02 12.12
N THR A 17 -8.98 7.05 12.84
CA THR A 17 -9.26 7.18 14.26
C THR A 17 -7.98 7.40 15.09
N GLY A 18 -6.81 6.97 14.60
CA GLY A 18 -5.54 7.06 15.29
C GLY A 18 -4.38 7.56 14.43
N LYS A 19 -4.62 7.98 13.19
CA LYS A 19 -3.62 8.52 12.27
C LYS A 19 -4.17 9.73 11.53
N PRO A 20 -3.29 10.65 11.06
CA PRO A 20 -3.70 11.83 10.31
C PRO A 20 -4.17 11.46 8.90
N LYS A 21 -4.86 12.41 8.26
CA LYS A 21 -5.35 12.27 6.90
C LYS A 21 -4.20 11.93 5.95
N SER A 22 -3.07 12.62 6.06
CA SER A 22 -1.89 12.43 5.22
C SER A 22 -1.32 11.00 5.28
N ALA A 23 -1.51 10.28 6.40
CA ALA A 23 -1.01 8.91 6.57
C ALA A 23 -1.64 8.04 5.50
N ARG A 24 -2.98 7.90 5.56
CA ARG A 24 -3.70 7.26 4.48
C ARG A 24 -3.39 7.99 3.17
N GLU A 25 -3.34 9.32 3.11
CA GLU A 25 -3.28 10.05 1.84
C GLU A 25 -2.04 9.63 1.03
N LYS A 26 -0.98 9.19 1.70
CA LYS A 26 0.18 8.52 1.10
C LYS A 26 -0.08 7.02 0.93
N MET A 27 -0.33 6.31 2.03
CA MET A 27 -0.35 4.86 2.11
C MET A 27 -1.40 4.26 1.19
N MET A 28 -2.59 4.87 1.19
CA MET A 28 -3.76 4.47 0.43
C MET A 28 -3.48 4.56 -1.07
N LYS A 29 -2.69 5.55 -1.51
CA LYS A 29 -2.27 5.64 -2.90
C LYS A 29 -1.22 4.58 -3.21
N ILE A 30 -0.23 4.38 -2.34
CA ILE A 30 0.79 3.33 -2.53
C ILE A 30 0.10 1.98 -2.80
N ILE A 31 -0.79 1.55 -1.90
CA ILE A 31 -1.48 0.26 -2.03
C ILE A 31 -2.38 0.20 -3.27
N GLU A 32 -2.95 1.34 -3.68
CA GLU A 32 -3.74 1.45 -4.88
C GLU A 32 -2.83 1.19 -6.09
N ILE A 33 -1.63 1.77 -6.14
CA ILE A 33 -0.70 1.50 -7.24
C ILE A 33 -0.31 0.02 -7.22
N ILE A 34 0.02 -0.52 -6.03
CA ILE A 34 0.53 -1.87 -5.86
C ILE A 34 -0.46 -2.80 -6.53
N ASP A 35 -1.74 -2.74 -6.14
CA ASP A 35 -2.66 -3.73 -6.65
C ASP A 35 -3.32 -3.32 -7.97
N SER A 36 -3.29 -2.05 -8.39
CA SER A 36 -3.64 -1.66 -9.77
C SER A 36 -2.65 -2.24 -10.78
N LEU A 37 -1.38 -2.37 -10.38
CA LEU A 37 -0.35 -3.08 -11.13
C LEU A 37 -0.58 -4.58 -10.97
N ALA A 38 -0.56 -5.06 -9.73
CA ALA A 38 -0.53 -6.48 -9.39
C ALA A 38 -1.89 -7.20 -9.45
N VAL A 39 -2.95 -6.55 -9.93
CA VAL A 39 -4.14 -7.24 -10.43
C VAL A 39 -3.84 -7.87 -11.80
N SER A 40 -2.79 -7.41 -12.49
CA SER A 40 -2.45 -7.77 -13.87
C SER A 40 -1.09 -8.47 -13.97
N SER A 41 -0.46 -8.83 -12.85
CA SER A 41 0.79 -9.56 -12.80
C SER A 41 0.91 -10.24 -11.43
N GLU A 42 2.01 -10.96 -11.17
CA GLU A 42 2.28 -11.58 -9.89
C GLU A 42 2.42 -10.53 -8.78
N CYS A 43 2.99 -9.37 -9.12
CA CYS A 43 3.36 -8.30 -8.22
C CYS A 43 3.65 -7.03 -9.01
N ALA A 44 3.74 -5.92 -8.29
CA ALA A 44 4.05 -4.60 -8.80
C ALA A 44 5.55 -4.33 -8.66
N LYS A 45 6.21 -4.07 -9.80
CA LYS A 45 7.58 -3.60 -9.88
C LYS A 45 7.72 -2.33 -9.06
N VAL A 46 8.62 -2.32 -8.08
CA VAL A 46 8.82 -1.16 -7.22
C VAL A 46 9.24 0.09 -8.01
N LYS A 47 9.85 -0.09 -9.19
CA LYS A 47 10.11 0.97 -10.17
C LYS A 47 8.85 1.80 -10.36
N ASP A 48 7.77 1.10 -10.68
CA ASP A 48 6.58 1.72 -11.21
C ASP A 48 5.83 2.38 -10.06
N ILE A 49 5.84 1.74 -8.88
CA ILE A 49 5.26 2.27 -7.66
C ILE A 49 6.00 3.55 -7.28
N LEU A 50 7.34 3.49 -7.21
CA LEU A 50 8.19 4.65 -6.99
C LEU A 50 7.80 5.76 -7.97
N LYS A 51 7.67 5.45 -9.26
CA LYS A 51 7.34 6.45 -10.26
C LYS A 51 6.00 7.10 -9.93
N GLU A 52 4.91 6.34 -9.86
CA GLU A 52 3.59 6.94 -9.73
C GLU A 52 3.45 7.67 -8.39
N ALA A 53 3.99 7.11 -7.31
CA ALA A 53 4.06 7.74 -5.99
C ALA A 53 4.71 9.12 -6.07
N GLN A 54 5.84 9.18 -6.75
CA GLN A 54 6.71 10.33 -6.78
C GLN A 54 6.12 11.42 -7.68
N GLN A 55 5.47 11.03 -8.77
CA GLN A 55 4.67 11.94 -9.58
C GLN A 55 3.41 12.43 -8.83
N VAL A 56 2.79 11.57 -8.01
CA VAL A 56 1.74 11.96 -7.08
C VAL A 56 2.27 12.98 -6.05
N GLY A 57 3.55 12.89 -5.66
CA GLY A 57 4.27 13.93 -4.93
C GLY A 57 5.08 13.42 -3.75
N ILE A 58 5.19 12.10 -3.57
CA ILE A 58 5.82 11.48 -2.40
C ILE A 58 7.33 11.38 -2.65
N GLU A 59 8.17 11.51 -1.62
CA GLU A 59 9.62 11.42 -1.79
C GLU A 59 9.99 9.94 -2.03
N LYS A 60 10.98 9.63 -2.89
CA LYS A 60 11.50 8.27 -3.06
C LYS A 60 11.75 7.62 -1.69
N SER A 61 12.46 8.29 -0.78
CA SER A 61 12.78 7.68 0.50
C SER A 61 11.56 7.52 1.39
N ASN A 62 10.52 8.37 1.24
CA ASN A 62 9.24 8.07 1.88
C ASN A 62 8.71 6.71 1.42
N ILE A 63 8.86 6.38 0.13
CA ILE A 63 8.32 5.16 -0.44
C ILE A 63 9.18 3.99 0.04
N GLU A 64 10.49 4.20 0.25
CA GLU A 64 11.38 3.17 0.79
C GLU A 64 10.88 2.74 2.17
N LYS A 65 10.69 3.73 3.07
CA LYS A 65 10.25 3.41 4.42
C LYS A 65 8.81 2.93 4.44
N LEU A 66 7.90 3.54 3.67
CA LEU A 66 6.51 3.12 3.62
C LEU A 66 6.42 1.69 3.10
N LEU A 67 6.95 1.37 1.90
CA LEU A 67 6.96 0.00 1.36
C LEU A 67 7.52 -0.97 2.40
N THR A 68 8.64 -0.59 3.01
CA THR A 68 9.26 -1.40 4.05
C THR A 68 8.24 -1.67 5.14
N ASP A 69 7.65 -0.65 5.75
CA ASP A 69 6.79 -0.86 6.89
C ASP A 69 5.51 -1.59 6.51
N MET A 70 5.03 -1.39 5.28
CA MET A 70 3.90 -2.14 4.75
C MET A 70 4.24 -3.64 4.71
N ARG A 71 5.39 -4.02 4.15
CA ARG A 71 5.79 -5.43 4.13
C ARG A 71 6.14 -5.94 5.52
N LYS A 72 6.65 -5.08 6.41
CA LYS A 72 7.11 -5.48 7.73
C LYS A 72 5.95 -5.59 8.73
N SER A 73 4.78 -4.98 8.43
CA SER A 73 3.59 -4.99 9.30
C SER A 73 2.47 -5.90 8.76
N GLY A 74 2.38 -6.11 7.45
CA GLY A 74 1.34 -6.95 6.84
C GLY A 74 0.27 -6.14 6.13
N ILE A 75 0.66 -5.07 5.44
CA ILE A 75 -0.20 -4.32 4.51
C ILE A 75 0.07 -4.82 3.07
N ILE A 76 1.32 -5.14 2.77
CA ILE A 76 1.78 -5.71 1.50
C ILE A 76 2.79 -6.81 1.85
N TYR A 77 3.41 -7.43 0.84
CA TYR A 77 4.64 -8.20 0.95
C TYR A 77 5.48 -7.94 -0.29
N GLU A 78 6.75 -8.32 -0.21
CA GLU A 78 7.68 -8.31 -1.32
C GLU A 78 7.67 -9.73 -1.89
N ALA A 79 6.93 -9.93 -2.99
CA ALA A 79 6.65 -11.25 -3.56
C ALA A 79 7.87 -11.81 -4.29
N LYS A 80 8.65 -10.94 -4.91
CA LYS A 80 9.99 -11.18 -5.43
C LYS A 80 10.78 -9.91 -5.08
N PRO A 81 12.12 -9.95 -5.01
CA PRO A 81 12.91 -8.74 -4.79
C PRO A 81 12.51 -7.68 -5.81
N GLU A 82 12.30 -6.45 -5.31
CA GLU A 82 11.87 -5.28 -6.09
C GLU A 82 10.43 -5.41 -6.63
N CYS A 83 9.63 -6.39 -6.19
CA CYS A 83 8.30 -6.65 -6.73
C CYS A 83 7.30 -6.98 -5.61
N TYR A 84 6.40 -6.04 -5.29
CA TYR A 84 5.54 -6.07 -4.12
C TYR A 84 4.10 -6.44 -4.46
N LYS A 85 3.32 -7.00 -3.52
CA LYS A 85 1.89 -7.20 -3.74
C LYS A 85 1.12 -6.98 -2.44
N LYS A 86 -0.14 -6.53 -2.52
CA LYS A 86 -0.94 -6.18 -1.35
C LYS A 86 -1.39 -7.46 -0.61
N VAL A 87 -1.73 -7.38 0.69
CA VAL A 87 -2.43 -8.45 1.41
C VAL A 87 -3.73 -7.92 1.97
N GLY A 1 -22.86 -11.92 3.51
CA GLY A 1 -23.32 -10.52 3.59
C GLY A 1 -23.02 -9.89 2.25
N SER A 2 -21.94 -9.11 2.18
CA SER A 2 -21.06 -9.17 1.02
C SER A 2 -20.47 -10.58 0.90
N HIS A 3 -19.79 -10.87 -0.22
CA HIS A 3 -19.06 -12.12 -0.43
C HIS A 3 -17.58 -12.00 -0.02
N MET A 4 -17.13 -10.80 0.37
CA MET A 4 -15.79 -10.50 0.87
C MET A 4 -15.91 -9.42 1.95
N GLY A 5 -14.80 -9.15 2.66
CA GLY A 5 -14.71 -8.10 3.65
C GLY A 5 -13.24 -7.85 3.97
N GLU A 6 -12.75 -6.63 3.68
CA GLU A 6 -11.39 -6.20 4.02
C GLU A 6 -11.37 -5.63 5.45
N SER A 7 -12.36 -4.78 5.79
CA SER A 7 -12.54 -4.26 7.14
C SER A 7 -12.88 -5.36 8.13
N GLY A 8 -12.68 -5.08 9.42
CA GLY A 8 -13.18 -5.94 10.50
C GLY A 8 -12.45 -5.67 11.81
N LYS A 9 -11.13 -5.88 11.82
CA LYS A 9 -10.24 -5.38 12.86
C LYS A 9 -9.23 -4.38 12.32
N ILE A 10 -9.20 -4.20 11.00
CA ILE A 10 -8.61 -3.03 10.36
C ILE A 10 -9.82 -2.20 9.93
N ASP A 11 -9.71 -0.88 10.05
CA ASP A 11 -10.50 0.11 9.34
C ASP A 11 -9.69 1.38 9.26
N ILE A 12 -10.30 2.38 8.63
CA ILE A 12 -9.66 3.61 8.22
C ILE A 12 -9.86 4.69 9.29
N ASP A 13 -11.00 4.63 9.98
CA ASP A 13 -11.37 5.59 11.02
C ASP A 13 -10.35 5.52 12.15
N THR A 14 -10.00 4.30 12.53
CA THR A 14 -9.10 3.92 13.60
C THR A 14 -7.67 4.44 13.36
N ILE A 15 -7.36 4.80 12.11
CA ILE A 15 -6.07 5.35 11.70
C ILE A 15 -6.21 6.88 11.68
N MET A 16 -7.15 7.42 10.90
CA MET A 16 -7.26 8.85 10.69
C MET A 16 -7.70 9.60 11.96
N THR A 17 -8.29 8.91 12.95
CA THR A 17 -8.59 9.50 14.25
C THR A 17 -7.30 9.85 15.02
N GLY A 18 -6.18 9.16 14.73
CA GLY A 18 -4.90 9.35 15.41
C GLY A 18 -3.77 9.81 14.48
N LYS A 19 -3.98 9.85 13.16
CA LYS A 19 -2.98 10.22 12.16
C LYS A 19 -3.59 11.20 11.15
N PRO A 20 -2.79 12.10 10.55
CA PRO A 20 -3.33 13.06 9.60
C PRO A 20 -3.85 12.35 8.36
N LYS A 21 -4.78 13.01 7.65
CA LYS A 21 -5.43 12.49 6.44
C LYS A 21 -4.40 11.98 5.41
N SER A 22 -3.28 12.68 5.27
CA SER A 22 -2.19 12.34 4.36
C SER A 22 -1.45 11.04 4.72
N ALA A 23 -1.54 10.55 5.97
CA ALA A 23 -0.89 9.32 6.40
C ALA A 23 -1.53 8.11 5.71
N ARG A 24 -2.84 7.94 5.93
CA ARG A 24 -3.62 7.00 5.14
C ARG A 24 -3.52 7.39 3.68
N GLU A 25 -3.48 8.67 3.29
CA GLU A 25 -3.46 8.97 1.87
C GLU A 25 -2.23 8.29 1.25
N LYS A 26 -1.03 8.37 1.86
CA LYS A 26 0.10 7.64 1.31
C LYS A 26 -0.02 6.12 1.44
N MET A 27 -0.49 5.58 2.57
CA MET A 27 -0.66 4.13 2.73
C MET A 27 -1.64 3.59 1.68
N MET A 28 -2.82 4.19 1.65
CA MET A 28 -3.94 3.88 0.78
C MET A 28 -3.47 4.02 -0.67
N LYS A 29 -2.72 5.10 -0.94
CA LYS A 29 -2.25 5.33 -2.30
C LYS A 29 -1.25 4.27 -2.70
N ILE A 30 -0.35 3.86 -1.81
CA ILE A 30 0.57 2.78 -2.10
C ILE A 30 -0.22 1.52 -2.45
N ILE A 31 -1.15 1.10 -1.58
CA ILE A 31 -1.93 -0.13 -1.78
C ILE A 31 -2.82 -0.04 -3.03
N GLU A 32 -3.25 1.16 -3.44
CA GLU A 32 -4.00 1.40 -4.66
C GLU A 32 -3.09 1.08 -5.85
N ILE A 33 -1.84 1.58 -5.83
CA ILE A 33 -0.89 1.23 -6.89
C ILE A 33 -0.66 -0.28 -6.86
N ILE A 34 -0.51 -0.86 -5.66
CA ILE A 34 -0.21 -2.28 -5.51
C ILE A 34 -1.35 -3.06 -6.15
N ASP A 35 -2.60 -2.78 -5.80
CA ASP A 35 -3.71 -3.56 -6.34
C ASP A 35 -3.86 -3.31 -7.84
N SER A 36 -3.75 -2.05 -8.28
CA SER A 36 -3.93 -1.68 -9.69
C SER A 36 -2.90 -2.40 -10.57
N LEU A 37 -1.69 -2.62 -10.05
CA LEU A 37 -0.65 -3.42 -10.68
C LEU A 37 -0.95 -4.92 -10.54
N ALA A 38 -1.13 -5.38 -9.30
CA ALA A 38 -1.12 -6.78 -8.89
C ALA A 38 -2.44 -7.52 -9.16
N VAL A 39 -3.46 -6.83 -9.67
CA VAL A 39 -4.68 -7.42 -10.22
C VAL A 39 -4.42 -8.10 -11.59
N SER A 40 -3.21 -7.96 -12.15
CA SER A 40 -2.80 -8.72 -13.33
C SER A 40 -1.28 -8.97 -13.40
N SER A 41 -0.45 -8.13 -12.75
CA SER A 41 0.92 -8.49 -12.45
C SER A 41 0.91 -9.57 -11.35
N GLU A 42 1.98 -10.36 -11.25
CA GLU A 42 2.16 -11.24 -10.09
C GLU A 42 2.17 -10.40 -8.80
N CYS A 43 2.92 -9.30 -8.85
CA CYS A 43 3.13 -8.36 -7.77
C CYS A 43 3.45 -6.99 -8.39
N ALA A 44 3.36 -5.95 -7.59
CA ALA A 44 3.60 -4.58 -7.97
C ALA A 44 5.09 -4.29 -7.81
N LYS A 45 5.76 -4.14 -8.95
CA LYS A 45 7.18 -3.82 -8.99
C LYS A 45 7.35 -2.41 -8.45
N VAL A 46 8.28 -2.24 -7.51
CA VAL A 46 8.44 -1.00 -6.78
C VAL A 46 8.95 0.15 -7.66
N LYS A 47 9.54 -0.12 -8.83
CA LYS A 47 9.80 0.90 -9.84
C LYS A 47 8.53 1.65 -10.17
N ASP A 48 7.46 0.88 -10.38
CA ASP A 48 6.21 1.47 -10.81
C ASP A 48 5.48 2.12 -9.64
N ILE A 49 5.63 1.55 -8.43
CA ILE A 49 5.05 2.14 -7.23
C ILE A 49 5.73 3.47 -6.96
N LEU A 50 7.06 3.51 -6.99
CA LEU A 50 7.84 4.74 -6.87
C LEU A 50 7.39 5.76 -7.90
N LYS A 51 7.19 5.35 -9.16
CA LYS A 51 6.65 6.24 -10.20
C LYS A 51 5.29 6.78 -9.78
N GLU A 52 4.27 5.93 -9.67
CA GLU A 52 2.90 6.43 -9.55
C GLU A 52 2.68 7.13 -8.22
N ALA A 53 3.34 6.68 -7.15
CA ALA A 53 3.27 7.38 -5.88
C ALA A 53 3.99 8.74 -5.94
N GLN A 54 5.10 8.87 -6.68
CA GLN A 54 5.69 10.19 -6.93
C GLN A 54 4.76 11.07 -7.80
N GLN A 55 4.02 10.49 -8.74
CA GLN A 55 2.97 11.22 -9.48
C GLN A 55 1.83 11.66 -8.56
N VAL A 56 1.46 10.85 -7.55
CA VAL A 56 0.48 11.22 -6.53
C VAL A 56 1.03 12.35 -5.66
N GLY A 57 2.33 12.33 -5.35
CA GLY A 57 3.00 13.36 -4.55
C GLY A 57 3.74 12.80 -3.34
N ILE A 58 3.82 11.47 -3.21
CA ILE A 58 4.60 10.83 -2.15
C ILE A 58 6.08 10.94 -2.54
N GLU A 59 6.99 10.78 -1.58
CA GLU A 59 8.43 10.85 -1.82
C GLU A 59 9.00 9.44 -1.74
N LYS A 60 9.97 9.13 -2.60
CA LYS A 60 10.69 7.86 -2.68
C LYS A 60 10.98 7.21 -1.32
N SER A 61 11.52 7.97 -0.36
CA SER A 61 11.96 7.39 0.91
C SER A 61 10.73 7.08 1.77
N ASN A 62 9.65 7.83 1.57
CA ASN A 62 8.36 7.60 2.19
C ASN A 62 7.73 6.36 1.61
N ILE A 63 7.75 6.22 0.29
CA ILE A 63 7.13 5.10 -0.39
C ILE A 63 7.80 3.84 0.15
N GLU A 64 9.12 3.87 0.35
CA GLU A 64 9.87 2.65 0.68
C GLU A 64 9.94 2.36 2.17
N LYS A 65 9.93 3.38 3.04
CA LYS A 65 9.71 3.12 4.46
C LYS A 65 8.27 2.68 4.71
N LEU A 66 7.26 3.28 4.05
CA LEU A 66 5.89 2.77 4.10
C LEU A 66 5.85 1.34 3.60
N LEU A 67 6.29 1.06 2.37
CA LEU A 67 6.30 -0.29 1.79
C LEU A 67 6.95 -1.26 2.77
N THR A 68 8.05 -0.85 3.42
CA THR A 68 8.76 -1.64 4.41
C THR A 68 7.85 -1.92 5.59
N ASP A 69 7.35 -0.87 6.23
CA ASP A 69 6.49 -0.91 7.39
C ASP A 69 5.26 -1.79 7.12
N MET A 70 4.72 -1.71 5.90
CA MET A 70 3.53 -2.42 5.44
C MET A 70 3.85 -3.91 5.22
N ARG A 71 4.95 -4.26 4.51
CA ARG A 71 5.39 -5.67 4.38
C ARG A 71 5.80 -6.22 5.75
N LYS A 72 6.33 -5.38 6.64
CA LYS A 72 6.75 -5.78 7.97
C LYS A 72 5.57 -6.05 8.88
N SER A 73 4.49 -5.28 8.75
CA SER A 73 3.27 -5.41 9.53
C SER A 73 2.41 -6.56 8.99
N GLY A 74 2.40 -6.76 7.67
CA GLY A 74 1.62 -7.79 7.00
C GLY A 74 0.38 -7.20 6.34
N ILE A 75 0.44 -5.95 5.89
CA ILE A 75 -0.58 -5.28 5.08
C ILE A 75 -0.36 -5.62 3.60
N ILE A 76 0.92 -5.68 3.24
CA ILE A 76 1.42 -6.22 2.01
C ILE A 76 2.43 -7.29 2.42
N TYR A 77 3.05 -7.92 1.44
CA TYR A 77 4.28 -8.67 1.54
C TYR A 77 5.09 -8.31 0.30
N GLU A 78 6.26 -8.90 0.08
CA GLU A 78 6.83 -8.94 -1.25
C GLU A 78 7.09 -10.36 -1.72
N ALA A 79 6.84 -10.59 -3.01
CA ALA A 79 6.64 -11.92 -3.60
C ALA A 79 7.80 -12.33 -4.48
N LYS A 80 8.51 -11.34 -5.03
CA LYS A 80 9.82 -11.47 -5.64
C LYS A 80 10.60 -10.24 -5.16
N PRO A 81 11.95 -10.26 -5.22
CA PRO A 81 12.73 -9.04 -5.02
C PRO A 81 12.22 -7.97 -5.99
N GLU A 82 12.18 -6.72 -5.52
CA GLU A 82 11.66 -5.55 -6.24
C GLU A 82 10.12 -5.57 -6.40
N CYS A 83 9.37 -6.56 -5.88
CA CYS A 83 7.99 -6.80 -6.32
C CYS A 83 7.06 -7.16 -5.17
N TYR A 84 6.36 -6.15 -4.65
CA TYR A 84 5.53 -6.24 -3.44
C TYR A 84 4.07 -6.59 -3.80
N LYS A 85 3.30 -7.26 -2.93
CA LYS A 85 1.87 -7.54 -3.21
C LYS A 85 1.03 -7.35 -1.94
N LYS A 86 -0.20 -6.86 -2.09
CA LYS A 86 -1.12 -6.59 -1.00
C LYS A 86 -1.69 -7.92 -0.46
N VAL A 87 -2.13 -7.95 0.81
CA VAL A 87 -2.75 -9.15 1.38
C VAL A 87 -4.27 -8.97 1.50
N GLY A 1 -11.35 -9.48 32.53
CA GLY A 1 -10.20 -10.30 32.95
C GLY A 1 -9.36 -10.61 31.73
N SER A 2 -9.62 -11.76 31.10
CA SER A 2 -9.67 -11.81 29.65
C SER A 2 -10.78 -10.86 29.16
N HIS A 3 -10.72 -10.46 27.89
CA HIS A 3 -11.70 -9.56 27.26
C HIS A 3 -11.87 -9.99 25.80
N MET A 4 -12.93 -9.50 25.16
CA MET A 4 -13.20 -9.72 23.74
C MET A 4 -12.43 -8.69 22.90
N GLY A 5 -12.42 -8.88 21.57
CA GLY A 5 -11.78 -8.02 20.59
C GLY A 5 -12.06 -8.59 19.21
N GLU A 6 -11.45 -8.01 18.17
CA GLU A 6 -11.50 -8.53 16.80
C GLU A 6 -10.11 -8.44 16.16
N SER A 7 -9.95 -9.00 14.96
CA SER A 7 -8.78 -8.90 14.09
C SER A 7 -9.18 -9.46 12.72
N GLY A 8 -8.29 -9.38 11.72
CA GLY A 8 -8.51 -9.89 10.37
C GLY A 8 -9.41 -8.94 9.56
N LYS A 9 -10.57 -8.58 10.11
CA LYS A 9 -11.29 -7.39 9.67
C LYS A 9 -10.42 -6.19 10.04
N ILE A 10 -9.91 -5.49 9.04
CA ILE A 10 -9.28 -4.17 9.15
C ILE A 10 -10.34 -3.14 8.72
N ASP A 11 -10.09 -1.85 8.99
CA ASP A 11 -10.92 -0.72 8.57
C ASP A 11 -10.00 0.31 7.91
N ILE A 12 -10.58 1.36 7.34
CA ILE A 12 -9.85 2.58 7.02
C ILE A 12 -9.78 3.42 8.30
N ASP A 13 -10.91 3.46 9.01
CA ASP A 13 -11.23 4.29 10.16
C ASP A 13 -10.18 4.12 11.25
N THR A 14 -9.84 2.87 11.54
CA THR A 14 -8.86 2.41 12.52
C THR A 14 -7.46 3.02 12.27
N ILE A 15 -7.19 3.52 11.06
CA ILE A 15 -5.95 4.15 10.68
C ILE A 15 -6.17 5.66 10.71
N MET A 16 -7.15 6.18 9.96
CA MET A 16 -7.34 7.63 9.76
C MET A 16 -7.87 8.34 11.01
N THR A 17 -8.24 7.58 12.06
CA THR A 17 -8.50 8.11 13.39
C THR A 17 -7.19 8.50 14.10
N GLY A 18 -6.09 7.76 13.87
CA GLY A 18 -4.82 7.90 14.58
C GLY A 18 -3.69 8.42 13.70
N LYS A 19 -3.91 8.50 12.38
CA LYS A 19 -2.99 9.02 11.38
C LYS A 19 -3.70 10.14 10.61
N PRO A 20 -2.96 11.13 10.08
CA PRO A 20 -3.56 12.18 9.28
C PRO A 20 -4.12 11.62 7.98
N LYS A 21 -5.07 12.33 7.39
CA LYS A 21 -5.75 11.93 6.17
C LYS A 21 -4.73 11.73 5.04
N SER A 22 -3.72 12.61 4.96
CA SER A 22 -2.52 12.47 4.13
C SER A 22 -1.96 11.04 4.08
N ALA A 23 -1.99 10.28 5.20
CA ALA A 23 -1.55 8.89 5.24
C ALA A 23 -2.36 8.05 4.25
N ARG A 24 -3.68 7.91 4.42
CA ARG A 24 -4.51 7.18 3.46
C ARG A 24 -4.43 7.84 2.09
N GLU A 25 -4.37 9.17 2.01
CA GLU A 25 -4.33 9.93 0.77
C GLU A 25 -3.11 9.52 -0.08
N LYS A 26 -1.99 9.08 0.52
CA LYS A 26 -0.88 8.48 -0.24
C LYS A 26 -0.86 6.94 -0.21
N MET A 27 -1.27 6.29 0.88
CA MET A 27 -1.25 4.84 1.01
C MET A 27 -2.28 4.21 0.07
N MET A 28 -3.48 4.79 -0.01
CA MET A 28 -4.50 4.40 -0.97
C MET A 28 -3.97 4.54 -2.39
N LYS A 29 -3.25 5.64 -2.67
CA LYS A 29 -2.69 5.88 -4.00
C LYS A 29 -1.68 4.81 -4.36
N ILE A 30 -0.81 4.45 -3.42
CA ILE A 30 0.13 3.36 -3.62
C ILE A 30 -0.65 2.08 -3.94
N ILE A 31 -1.52 1.61 -3.05
CA ILE A 31 -2.23 0.35 -3.28
C ILE A 31 -3.09 0.38 -4.54
N GLU A 32 -3.61 1.55 -4.95
CA GLU A 32 -4.40 1.74 -6.15
C GLU A 32 -3.52 1.44 -7.36
N ILE A 33 -2.29 1.96 -7.37
CA ILE A 33 -1.35 1.60 -8.45
C ILE A 33 -1.08 0.09 -8.40
N ILE A 34 -0.83 -0.49 -7.22
CA ILE A 34 -0.45 -1.89 -7.10
C ILE A 34 -1.59 -2.77 -7.62
N ASP A 35 -2.82 -2.52 -7.17
CA ASP A 35 -3.94 -3.37 -7.51
C ASP A 35 -4.53 -3.04 -8.88
N SER A 36 -4.24 -1.86 -9.44
CA SER A 36 -4.45 -1.60 -10.87
C SER A 36 -3.48 -2.47 -11.67
N LEU A 37 -2.17 -2.41 -11.38
CA LEU A 37 -1.15 -3.20 -12.06
C LEU A 37 -1.48 -4.69 -11.98
N ALA A 38 -1.80 -5.18 -10.78
CA ALA A 38 -2.16 -6.58 -10.54
C ALA A 38 -3.43 -7.03 -11.27
N VAL A 39 -4.26 -6.11 -11.82
CA VAL A 39 -5.40 -6.49 -12.63
C VAL A 39 -4.96 -7.10 -13.98
N SER A 40 -3.68 -7.00 -14.35
CA SER A 40 -3.14 -7.60 -15.57
C SER A 40 -1.64 -7.92 -15.43
N SER A 41 -1.19 -8.28 -14.22
CA SER A 41 0.16 -8.71 -13.92
C SER A 41 0.11 -9.69 -12.76
N GLU A 42 1.18 -10.47 -12.57
CA GLU A 42 1.40 -11.25 -11.36
C GLU A 42 1.57 -10.32 -10.16
N CYS A 43 2.18 -9.15 -10.39
CA CYS A 43 2.58 -8.18 -9.39
C CYS A 43 2.88 -6.83 -10.04
N ALA A 44 2.88 -5.77 -9.25
CA ALA A 44 3.27 -4.43 -9.65
C ALA A 44 4.78 -4.22 -9.51
N LYS A 45 5.48 -4.02 -10.63
CA LYS A 45 6.89 -3.63 -10.67
C LYS A 45 7.10 -2.26 -10.04
N VAL A 46 7.99 -2.13 -9.05
CA VAL A 46 8.23 -0.88 -8.33
C VAL A 46 8.69 0.25 -9.24
N LYS A 47 9.33 -0.01 -10.39
CA LYS A 47 9.59 1.05 -11.36
C LYS A 47 8.29 1.74 -11.75
N ASP A 48 7.21 0.97 -11.92
CA ASP A 48 5.94 1.56 -12.29
C ASP A 48 5.35 2.32 -11.11
N ILE A 49 5.44 1.73 -9.92
CA ILE A 49 4.84 2.30 -8.72
C ILE A 49 5.52 3.64 -8.43
N LEU A 50 6.85 3.67 -8.49
CA LEU A 50 7.64 4.88 -8.40
C LEU A 50 7.21 5.88 -9.45
N LYS A 51 7.08 5.46 -10.72
CA LYS A 51 6.70 6.37 -11.81
C LYS A 51 5.37 7.04 -11.47
N GLU A 52 4.31 6.23 -11.30
CA GLU A 52 2.96 6.77 -11.17
C GLU A 52 2.79 7.48 -9.83
N ALA A 53 3.41 7.00 -8.75
CA ALA A 53 3.29 7.69 -7.47
C ALA A 53 4.07 9.01 -7.45
N GLN A 54 5.22 9.10 -8.13
CA GLN A 54 5.87 10.38 -8.37
C GLN A 54 4.96 11.28 -9.22
N GLN A 55 4.15 10.73 -10.15
CA GLN A 55 3.15 11.55 -10.86
C GLN A 55 2.01 12.02 -9.95
N VAL A 56 1.53 11.23 -8.98
CA VAL A 56 0.52 11.71 -8.02
C VAL A 56 1.14 12.55 -6.90
N GLY A 57 2.47 12.62 -6.82
CA GLY A 57 3.18 13.64 -6.05
C GLY A 57 3.83 13.08 -4.80
N ILE A 58 3.84 11.76 -4.65
CA ILE A 58 4.46 11.07 -3.52
C ILE A 58 5.96 11.08 -3.79
N GLU A 59 6.80 11.23 -2.75
CA GLU A 59 8.23 11.23 -2.98
C GLU A 59 8.75 9.79 -3.04
N LYS A 60 9.79 9.55 -3.83
CA LYS A 60 10.46 8.25 -3.96
C LYS A 60 10.81 7.64 -2.61
N SER A 61 11.39 8.42 -1.68
CA SER A 61 11.67 7.95 -0.33
C SER A 61 10.41 7.52 0.41
N ASN A 62 9.29 8.27 0.24
CA ASN A 62 8.00 7.88 0.78
C ASN A 62 7.54 6.57 0.14
N ILE A 63 7.63 6.44 -1.19
CA ILE A 63 7.09 5.28 -1.90
C ILE A 63 7.82 4.04 -1.40
N GLU A 64 9.15 4.14 -1.28
CA GLU A 64 10.03 3.04 -0.96
C GLU A 64 9.87 2.64 0.51
N LYS A 65 9.80 3.63 1.41
CA LYS A 65 9.50 3.32 2.81
C LYS A 65 8.09 2.75 2.92
N LEU A 66 7.10 3.30 2.21
CA LEU A 66 5.71 2.87 2.36
C LEU A 66 5.55 1.47 1.80
N LEU A 67 6.07 1.16 0.61
CA LEU A 67 6.14 -0.20 0.09
C LEU A 67 6.71 -1.13 1.16
N THR A 68 7.84 -0.73 1.76
CA THR A 68 8.47 -1.49 2.82
C THR A 68 7.55 -1.68 4.04
N ASP A 69 6.83 -0.63 4.45
CA ASP A 69 5.93 -0.58 5.60
C ASP A 69 4.76 -1.53 5.33
N MET A 70 4.23 -1.49 4.11
CA MET A 70 3.16 -2.33 3.61
C MET A 70 3.55 -3.80 3.51
N ARG A 71 4.68 -4.14 2.87
CA ARG A 71 5.14 -5.53 2.75
C ARG A 71 5.62 -6.09 4.09
N LYS A 72 6.05 -5.23 5.02
CA LYS A 72 6.38 -5.67 6.36
C LYS A 72 5.12 -5.93 7.18
N SER A 73 4.11 -5.06 7.09
CA SER A 73 2.87 -5.19 7.86
C SER A 73 1.91 -6.23 7.27
N GLY A 74 1.97 -6.47 5.95
CA GLY A 74 1.16 -7.48 5.27
C GLY A 74 0.01 -6.87 4.45
N ILE A 75 0.01 -5.54 4.26
CA ILE A 75 -0.93 -4.85 3.38
C ILE A 75 -0.70 -5.32 1.95
N ILE A 76 0.57 -5.46 1.58
CA ILE A 76 1.00 -5.99 0.29
C ILE A 76 2.06 -7.06 0.59
N TYR A 77 2.60 -7.72 -0.44
CA TYR A 77 3.74 -8.60 -0.36
C TYR A 77 4.63 -8.38 -1.58
N GLU A 78 5.84 -8.96 -1.58
CA GLU A 78 6.84 -8.78 -2.60
C GLU A 78 6.78 -9.96 -3.59
N ALA A 79 7.18 -11.14 -3.12
CA ALA A 79 7.19 -12.43 -3.81
C ALA A 79 8.11 -12.52 -5.04
N LYS A 80 8.44 -11.41 -5.72
CA LYS A 80 9.46 -11.36 -6.76
C LYS A 80 10.28 -10.08 -6.62
N PRO A 81 11.57 -10.06 -7.01
CA PRO A 81 12.43 -8.90 -6.83
C PRO A 81 11.91 -7.70 -7.62
N GLU A 82 11.95 -6.52 -6.98
CA GLU A 82 11.36 -5.25 -7.41
C GLU A 82 9.83 -5.26 -7.54
N CYS A 83 9.17 -6.41 -7.42
CA CYS A 83 7.75 -6.53 -7.66
C CYS A 83 7.04 -6.56 -6.31
N TYR A 84 5.88 -5.94 -6.23
CA TYR A 84 5.04 -5.98 -5.04
C TYR A 84 3.60 -6.20 -5.50
N LYS A 85 2.81 -6.93 -4.72
CA LYS A 85 1.42 -7.18 -5.05
C LYS A 85 0.62 -7.10 -3.77
N LYS A 86 -0.61 -6.59 -3.85
CA LYS A 86 -1.46 -6.43 -2.67
C LYS A 86 -1.67 -7.79 -2.01
N VAL A 87 -2.09 -7.82 -0.74
CA VAL A 87 -2.57 -9.07 -0.18
C VAL A 87 -3.76 -9.54 -1.04
N GLY A 1 -8.20 -6.80 -2.93
CA GLY A 1 -7.41 -6.96 -1.69
C GLY A 1 -8.31 -7.14 -0.48
N SER A 2 -7.73 -7.64 0.61
CA SER A 2 -8.34 -7.89 1.92
C SER A 2 -9.56 -8.82 1.86
N HIS A 3 -9.64 -9.63 0.81
CA HIS A 3 -10.64 -10.66 0.58
C HIS A 3 -9.97 -12.03 0.36
N MET A 4 -8.64 -12.09 0.43
CA MET A 4 -7.82 -13.28 0.30
C MET A 4 -6.67 -13.14 1.31
N GLY A 5 -6.01 -14.25 1.65
CA GLY A 5 -4.88 -14.28 2.56
C GLY A 5 -5.30 -14.02 3.99
N GLU A 6 -5.48 -12.74 4.37
CA GLU A 6 -5.94 -12.32 5.68
C GLU A 6 -6.63 -10.95 5.56
N SER A 7 -7.20 -10.46 6.68
CA SER A 7 -7.70 -9.10 6.79
C SER A 7 -7.61 -8.66 8.26
N GLY A 8 -6.46 -8.14 8.68
CA GLY A 8 -6.06 -7.89 10.07
C GLY A 8 -6.84 -6.81 10.83
N LYS A 9 -8.07 -6.49 10.38
CA LYS A 9 -8.98 -5.44 10.84
C LYS A 9 -8.26 -4.22 11.43
N ILE A 10 -7.56 -3.48 10.55
CA ILE A 10 -7.19 -2.10 10.80
C ILE A 10 -8.48 -1.27 10.73
N ASP A 11 -8.50 -0.08 11.34
CA ASP A 11 -9.58 0.90 11.24
C ASP A 11 -9.00 2.18 10.65
N ILE A 12 -9.87 3.17 10.39
CA ILE A 12 -9.45 4.55 10.18
C ILE A 12 -9.09 5.14 11.56
N ASP A 13 -9.97 4.87 12.52
CA ASP A 13 -10.06 5.49 13.84
C ASP A 13 -8.79 5.25 14.64
N THR A 14 -8.27 4.01 14.58
CA THR A 14 -7.06 3.56 15.26
C THR A 14 -5.82 4.36 14.84
N ILE A 15 -5.88 5.05 13.70
CA ILE A 15 -4.81 5.89 13.17
C ILE A 15 -5.21 7.34 13.42
N MET A 16 -6.41 7.74 13.00
CA MET A 16 -6.86 9.13 13.09
C MET A 16 -6.94 9.62 14.53
N THR A 17 -7.06 8.72 15.52
CA THR A 17 -7.01 9.08 16.93
C THR A 17 -5.64 9.66 17.35
N GLY A 18 -4.60 9.56 16.52
CA GLY A 18 -3.28 10.11 16.80
C GLY A 18 -2.50 10.56 15.56
N LYS A 19 -3.10 10.52 14.36
CA LYS A 19 -2.43 10.87 13.11
C LYS A 19 -3.31 11.80 12.26
N PRO A 20 -2.70 12.62 11.38
CA PRO A 20 -3.44 13.44 10.43
C PRO A 20 -4.01 12.59 9.29
N LYS A 21 -5.02 13.13 8.60
CA LYS A 21 -5.68 12.42 7.51
C LYS A 21 -4.71 12.02 6.42
N SER A 22 -3.63 12.78 6.19
CA SER A 22 -2.60 12.52 5.19
C SER A 22 -2.08 11.07 5.21
N ALA A 23 -2.11 10.40 6.38
CA ALA A 23 -1.85 8.97 6.51
C ALA A 23 -2.72 8.16 5.54
N ARG A 24 -4.02 8.05 5.81
CA ARG A 24 -5.00 7.44 4.89
C ARG A 24 -4.96 8.11 3.53
N GLU A 25 -4.78 9.44 3.47
CA GLU A 25 -4.87 10.19 2.22
C GLU A 25 -3.74 9.82 1.23
N LYS A 26 -2.64 9.26 1.75
CA LYS A 26 -1.68 8.48 0.98
C LYS A 26 -2.14 7.04 0.87
N MET A 27 -2.20 6.33 2.00
CA MET A 27 -2.22 4.88 2.13
C MET A 27 -3.44 4.24 1.48
N MET A 28 -4.56 4.94 1.51
CA MET A 28 -5.79 4.54 0.85
C MET A 28 -5.62 4.53 -0.67
N LYS A 29 -4.70 5.37 -1.19
CA LYS A 29 -4.27 5.27 -2.57
C LYS A 29 -3.25 4.13 -2.70
N ILE A 30 -2.33 3.98 -1.73
CA ILE A 30 -1.17 3.06 -1.82
C ILE A 30 -1.70 1.69 -2.24
N ILE A 31 -2.55 1.17 -1.33
CA ILE A 31 -3.19 -0.13 -1.39
C ILE A 31 -3.88 -0.32 -2.73
N GLU A 32 -4.53 0.75 -3.18
CA GLU A 32 -5.36 0.72 -4.36
C GLU A 32 -4.45 0.52 -5.57
N ILE A 33 -3.32 1.24 -5.65
CA ILE A 33 -2.36 1.01 -6.73
C ILE A 33 -1.89 -0.45 -6.69
N ILE A 34 -1.48 -0.96 -5.51
CA ILE A 34 -0.93 -2.30 -5.44
C ILE A 34 -1.99 -3.31 -5.88
N ASP A 35 -3.25 -3.12 -5.47
CA ASP A 35 -4.34 -4.01 -5.81
C ASP A 35 -4.71 -3.90 -7.30
N SER A 36 -4.78 -2.68 -7.83
CA SER A 36 -5.25 -2.36 -9.18
C SER A 36 -4.20 -2.71 -10.23
N LEU A 37 -2.96 -2.90 -9.80
CA LEU A 37 -1.89 -3.48 -10.61
C LEU A 37 -1.92 -5.01 -10.47
N ALA A 38 -1.94 -5.53 -9.23
CA ALA A 38 -1.94 -6.97 -8.97
C ALA A 38 -3.18 -7.70 -9.51
N VAL A 39 -4.28 -7.01 -9.81
CA VAL A 39 -5.44 -7.59 -10.48
C VAL A 39 -5.06 -8.17 -11.86
N SER A 40 -3.92 -7.76 -12.43
CA SER A 40 -3.44 -8.16 -13.73
C SER A 40 -2.00 -8.71 -13.67
N SER A 41 -1.48 -9.11 -12.50
CA SER A 41 -0.16 -9.74 -12.41
C SER A 41 -0.03 -10.59 -11.14
N GLU A 42 1.07 -11.34 -11.01
CA GLU A 42 1.39 -12.08 -9.77
C GLU A 42 1.50 -11.13 -8.59
N CYS A 43 1.98 -9.90 -8.87
CA CYS A 43 2.22 -8.81 -7.96
C CYS A 43 2.34 -7.55 -8.81
N ALA A 44 2.05 -6.40 -8.20
CA ALA A 44 2.40 -5.08 -8.73
C ALA A 44 3.90 -4.82 -8.59
N LYS A 45 4.53 -4.10 -9.52
CA LYS A 45 5.95 -3.78 -9.39
C LYS A 45 6.06 -2.52 -8.56
N VAL A 46 7.05 -2.46 -7.67
CA VAL A 46 7.41 -1.26 -6.93
C VAL A 46 7.72 -0.12 -7.90
N LYS A 47 8.23 -0.43 -9.09
CA LYS A 47 8.41 0.52 -10.18
C LYS A 47 7.09 1.18 -10.53
N ASP A 48 5.99 0.42 -10.65
CA ASP A 48 4.72 1.01 -11.03
C ASP A 48 4.29 2.01 -9.95
N ILE A 49 4.38 1.53 -8.71
CA ILE A 49 3.82 2.17 -7.54
C ILE A 49 4.62 3.44 -7.27
N LEU A 50 5.95 3.36 -7.32
CA LEU A 50 6.83 4.51 -7.22
C LEU A 50 6.47 5.54 -8.28
N LYS A 51 6.31 5.11 -9.54
CA LYS A 51 6.00 6.02 -10.64
C LYS A 51 4.72 6.80 -10.36
N GLU A 52 3.66 6.09 -10.00
CA GLU A 52 2.34 6.71 -9.93
C GLU A 52 2.09 7.37 -8.58
N ALA A 53 2.69 6.89 -7.49
CA ALA A 53 2.71 7.61 -6.23
C ALA A 53 3.51 8.91 -6.36
N GLN A 54 4.61 8.92 -7.13
CA GLN A 54 5.31 10.15 -7.48
C GLN A 54 4.42 11.08 -8.31
N GLN A 55 3.64 10.57 -9.28
CA GLN A 55 2.65 11.42 -9.96
C GLN A 55 1.60 11.98 -8.98
N VAL A 56 1.09 11.14 -8.07
CA VAL A 56 0.10 11.52 -7.06
C VAL A 56 0.65 12.59 -6.10
N GLY A 57 1.97 12.58 -5.83
CA GLY A 57 2.65 13.66 -5.12
C GLY A 57 3.52 13.19 -3.95
N ILE A 58 3.74 11.88 -3.81
CA ILE A 58 4.48 11.28 -2.70
C ILE A 58 5.94 11.13 -3.14
N GLU A 59 6.89 10.99 -2.20
CA GLU A 59 8.32 10.96 -2.53
C GLU A 59 8.81 9.53 -2.35
N LYS A 60 9.79 9.09 -3.17
CA LYS A 60 10.52 7.82 -3.08
C LYS A 60 10.41 7.19 -1.71
N SER A 61 11.04 7.85 -0.76
CA SER A 61 11.44 7.28 0.50
C SER A 61 10.22 7.14 1.43
N ASN A 62 9.17 7.92 1.15
CA ASN A 62 7.85 7.72 1.71
C ASN A 62 7.18 6.46 1.17
N ILE A 63 7.27 6.19 -0.14
CA ILE A 63 6.60 5.05 -0.75
C ILE A 63 7.29 3.81 -0.20
N GLU A 64 8.62 3.88 -0.06
CA GLU A 64 9.47 2.80 0.38
C GLU A 64 9.19 2.45 1.84
N LYS A 65 9.12 3.48 2.71
CA LYS A 65 8.78 3.23 4.11
C LYS A 65 7.33 2.77 4.26
N LEU A 66 6.38 3.31 3.47
CA LEU A 66 5.00 2.82 3.48
C LEU A 66 4.94 1.36 3.05
N LEU A 67 5.52 1.00 1.90
CA LEU A 67 5.58 -0.39 1.41
C LEU A 67 6.15 -1.31 2.48
N THR A 68 7.24 -0.87 3.12
CA THR A 68 7.91 -1.62 4.15
C THR A 68 6.98 -1.86 5.33
N ASP A 69 6.32 -0.80 5.84
CA ASP A 69 5.30 -0.94 6.87
C ASP A 69 4.25 -1.92 6.39
N MET A 70 3.62 -1.67 5.25
CA MET A 70 2.53 -2.49 4.73
C MET A 70 2.91 -3.98 4.68
N ARG A 71 4.12 -4.32 4.21
CA ARG A 71 4.57 -5.70 4.15
C ARG A 71 5.03 -6.27 5.48
N LYS A 72 5.42 -5.43 6.45
CA LYS A 72 5.69 -5.89 7.81
C LYS A 72 4.39 -6.06 8.61
N SER A 73 3.43 -5.16 8.40
CA SER A 73 2.16 -5.06 9.10
C SER A 73 1.12 -6.02 8.49
N GLY A 74 1.36 -6.55 7.28
CA GLY A 74 0.61 -7.66 6.69
C GLY A 74 -0.42 -7.20 5.66
N ILE A 75 -0.50 -5.90 5.40
CA ILE A 75 -1.40 -5.28 4.45
C ILE A 75 -1.07 -5.79 3.05
N ILE A 76 0.23 -5.92 2.73
CA ILE A 76 0.70 -6.41 1.44
C ILE A 76 1.77 -7.48 1.65
N TYR A 77 2.18 -8.13 0.56
CA TYR A 77 3.35 -9.00 0.47
C TYR A 77 4.38 -8.35 -0.44
N GLU A 78 5.63 -8.81 -0.41
CA GLU A 78 6.60 -8.66 -1.47
C GLU A 78 6.72 -10.07 -2.03
N ALA A 79 5.91 -10.38 -3.06
CA ALA A 79 5.76 -11.73 -3.57
C ALA A 79 6.99 -12.17 -4.36
N LYS A 80 7.66 -11.21 -5.02
CA LYS A 80 8.92 -11.40 -5.74
C LYS A 80 9.74 -10.12 -5.52
N PRO A 81 11.06 -10.13 -5.79
CA PRO A 81 11.89 -8.94 -5.69
C PRO A 81 11.30 -7.81 -6.54
N GLU A 82 11.24 -6.60 -5.96
CA GLU A 82 10.62 -5.41 -6.55
C GLU A 82 9.11 -5.57 -6.77
N CYS A 83 8.44 -6.61 -6.28
CA CYS A 83 7.10 -6.98 -6.75
C CYS A 83 6.19 -7.27 -5.57
N TYR A 84 5.36 -6.28 -5.22
CA TYR A 84 4.48 -6.28 -4.06
C TYR A 84 3.08 -6.68 -4.46
N LYS A 85 2.36 -7.35 -3.57
CA LYS A 85 0.98 -7.76 -3.83
C LYS A 85 0.13 -7.39 -2.64
N LYS A 86 -0.94 -6.62 -2.87
CA LYS A 86 -1.91 -6.32 -1.85
C LYS A 86 -2.49 -7.64 -1.38
N VAL A 87 -2.45 -7.95 -0.07
CA VAL A 87 -3.05 -9.19 0.39
C VAL A 87 -4.51 -9.17 -0.05
N GLY A 1 -7.83 6.91 -2.36
CA GLY A 1 -9.24 6.49 -2.50
C GLY A 1 -9.26 5.10 -3.09
N SER A 2 -10.27 4.30 -2.75
CA SER A 2 -10.44 2.95 -3.24
C SER A 2 -11.77 2.83 -3.99
N HIS A 3 -11.84 1.92 -4.96
CA HIS A 3 -13.05 1.76 -5.78
C HIS A 3 -14.08 0.80 -5.15
N MET A 4 -13.80 0.29 -3.94
CA MET A 4 -14.62 -0.68 -3.22
C MET A 4 -14.99 -0.13 -1.84
N GLY A 5 -15.98 -0.77 -1.22
CA GLY A 5 -16.36 -0.58 0.18
C GLY A 5 -15.48 -1.43 1.10
N GLU A 6 -15.84 -1.47 2.38
CA GLU A 6 -15.05 -2.08 3.44
C GLU A 6 -15.97 -2.75 4.46
N SER A 7 -15.39 -3.56 5.36
CA SER A 7 -16.06 -4.22 6.47
C SER A 7 -14.99 -4.80 7.42
N GLY A 8 -15.46 -5.56 8.42
CA GLY A 8 -14.64 -6.31 9.36
C GLY A 8 -13.88 -5.39 10.28
N LYS A 9 -12.55 -5.27 10.07
CA LYS A 9 -11.70 -4.48 10.97
C LYS A 9 -10.58 -3.72 10.26
N ILE A 10 -10.78 -3.38 8.99
CA ILE A 10 -9.86 -2.54 8.20
C ILE A 10 -10.39 -1.10 8.11
N ASP A 11 -11.63 -0.89 8.52
CA ASP A 11 -12.47 0.25 8.25
C ASP A 11 -11.84 1.60 8.52
N ILE A 12 -12.38 2.61 7.84
CA ILE A 12 -11.79 3.95 7.86
C ILE A 12 -11.75 4.46 9.30
N ASP A 13 -12.81 4.13 10.03
CA ASP A 13 -13.04 4.51 11.41
C ASP A 13 -11.93 3.92 12.27
N THR A 14 -11.73 2.61 12.15
CA THR A 14 -10.82 1.81 12.96
C THR A 14 -9.36 2.28 12.84
N ILE A 15 -9.06 3.07 11.81
CA ILE A 15 -7.80 3.74 11.60
C ILE A 15 -7.91 5.13 12.21
N MET A 16 -8.77 6.00 11.67
CA MET A 16 -8.75 7.42 11.99
C MET A 16 -9.11 7.71 13.46
N THR A 17 -9.76 6.76 14.14
CA THR A 17 -10.07 6.84 15.56
C THR A 17 -8.78 6.84 16.42
N GLY A 18 -7.65 6.35 15.88
CA GLY A 18 -6.37 6.28 16.58
C GLY A 18 -5.15 6.70 15.74
N LYS A 19 -5.33 7.07 14.46
CA LYS A 19 -4.26 7.43 13.53
C LYS A 19 -4.63 8.68 12.73
N PRO A 20 -3.64 9.45 12.23
CA PRO A 20 -3.90 10.63 11.43
C PRO A 20 -4.38 10.26 10.02
N LYS A 21 -5.07 11.20 9.36
CA LYS A 21 -5.57 11.08 7.99
C LYS A 21 -4.47 10.64 7.03
N SER A 22 -3.26 11.18 7.20
CA SER A 22 -2.09 10.90 6.38
C SER A 22 -1.77 9.40 6.30
N ALA A 23 -2.00 8.64 7.39
CA ALA A 23 -1.74 7.21 7.43
C ALA A 23 -2.54 6.52 6.33
N ARG A 24 -3.88 6.50 6.46
CA ARG A 24 -4.73 5.91 5.42
C ARG A 24 -4.53 6.62 4.09
N GLU A 25 -4.39 7.94 4.03
CA GLU A 25 -4.21 8.67 2.77
C GLU A 25 -3.05 8.06 1.96
N LYS A 26 -1.96 7.68 2.62
CA LYS A 26 -0.77 7.16 1.95
C LYS A 26 -0.94 5.65 1.76
N MET A 27 -1.16 4.93 2.85
CA MET A 27 -1.27 3.48 2.86
C MET A 27 -2.35 3.01 1.88
N MET A 28 -3.52 3.66 1.92
CA MET A 28 -4.72 3.27 1.19
C MET A 28 -4.62 3.62 -0.29
N LYS A 29 -3.78 4.58 -0.65
CA LYS A 29 -3.37 4.81 -2.05
C LYS A 29 -2.41 3.69 -2.47
N ILE A 30 -1.34 3.48 -1.70
CA ILE A 30 -0.31 2.47 -1.97
C ILE A 30 -1.01 1.14 -2.26
N ILE A 31 -1.75 0.58 -1.30
CA ILE A 31 -2.39 -0.74 -1.44
C ILE A 31 -3.30 -0.85 -2.67
N GLU A 32 -3.96 0.22 -3.11
CA GLU A 32 -4.78 0.19 -4.32
C GLU A 32 -3.88 0.07 -5.54
N ILE A 33 -2.78 0.84 -5.61
CA ILE A 33 -1.80 0.68 -6.67
C ILE A 33 -1.27 -0.76 -6.66
N ILE A 34 -0.88 -1.29 -5.49
CA ILE A 34 -0.29 -2.62 -5.37
C ILE A 34 -1.31 -3.65 -5.84
N ASP A 35 -2.56 -3.60 -5.34
CA ASP A 35 -3.52 -4.64 -5.65
C ASP A 35 -3.99 -4.53 -7.10
N SER A 36 -4.12 -3.31 -7.63
CA SER A 36 -4.49 -3.07 -9.02
C SER A 36 -3.40 -3.62 -9.94
N LEU A 37 -2.13 -3.32 -9.65
CA LEU A 37 -0.99 -3.88 -10.35
C LEU A 37 -0.98 -5.41 -10.26
N ALA A 38 -1.25 -5.96 -9.07
CA ALA A 38 -1.23 -7.40 -8.81
C ALA A 38 -2.36 -8.16 -9.52
N VAL A 39 -3.45 -7.50 -9.94
CA VAL A 39 -4.67 -8.17 -10.41
C VAL A 39 -4.46 -9.06 -11.65
N SER A 40 -3.34 -8.87 -12.36
CA SER A 40 -2.94 -9.65 -13.52
C SER A 40 -1.47 -10.09 -13.42
N SER A 41 -0.91 -10.16 -12.20
CA SER A 41 0.50 -10.46 -11.97
C SER A 41 0.64 -11.42 -10.78
N GLU A 42 1.87 -11.87 -10.52
CA GLU A 42 2.25 -12.48 -9.26
C GLU A 42 2.20 -11.43 -8.13
N CYS A 43 2.58 -10.20 -8.49
CA CYS A 43 2.87 -9.10 -7.58
C CYS A 43 2.96 -7.80 -8.38
N ALA A 44 2.83 -6.68 -7.68
CA ALA A 44 3.12 -5.35 -8.19
C ALA A 44 4.62 -5.09 -8.18
N LYS A 45 5.16 -4.75 -9.34
CA LYS A 45 6.54 -4.31 -9.51
C LYS A 45 6.74 -2.99 -8.75
N VAL A 46 7.66 -2.96 -7.79
CA VAL A 46 7.94 -1.80 -6.95
C VAL A 46 8.36 -0.60 -7.79
N LYS A 47 8.92 -0.83 -8.98
CA LYS A 47 9.30 0.18 -9.94
C LYS A 47 8.08 1.05 -10.26
N ASP A 48 6.92 0.41 -10.45
CA ASP A 48 5.70 1.14 -10.75
C ASP A 48 5.15 1.83 -9.52
N ILE A 49 5.25 1.17 -8.35
CA ILE A 49 4.77 1.73 -7.09
C ILE A 49 5.55 3.01 -6.78
N LEU A 50 6.87 2.93 -6.90
CA LEU A 50 7.79 4.05 -6.81
C LEU A 50 7.40 5.13 -7.81
N LYS A 51 7.12 4.77 -9.07
CA LYS A 51 6.74 5.73 -10.09
C LYS A 51 5.49 6.48 -9.66
N GLU A 52 4.38 5.76 -9.41
CA GLU A 52 3.11 6.40 -9.12
C GLU A 52 3.15 7.16 -7.80
N ALA A 53 3.83 6.62 -6.77
CA ALA A 53 3.95 7.34 -5.51
C ALA A 53 4.79 8.60 -5.67
N GLN A 54 5.84 8.61 -6.51
CA GLN A 54 6.53 9.85 -6.87
C GLN A 54 5.60 10.81 -7.62
N GLN A 55 4.75 10.32 -8.54
CA GLN A 55 3.74 11.17 -9.19
C GLN A 55 2.78 11.79 -8.15
N VAL A 56 2.32 10.99 -7.18
CA VAL A 56 1.47 11.42 -6.07
C VAL A 56 2.21 12.42 -5.14
N GLY A 57 3.54 12.36 -5.07
CA GLY A 57 4.37 13.35 -4.39
C GLY A 57 5.06 12.80 -3.14
N ILE A 58 5.46 11.52 -3.17
CA ILE A 58 6.09 10.80 -2.06
C ILE A 58 7.44 10.30 -2.60
N GLU A 59 8.52 10.36 -1.80
CA GLU A 59 9.84 10.01 -2.29
C GLU A 59 10.06 8.49 -2.25
N LYS A 60 10.95 7.98 -3.10
CA LYS A 60 11.53 6.64 -3.09
C LYS A 60 11.57 6.07 -1.68
N SER A 61 12.39 6.69 -0.85
CA SER A 61 12.80 6.10 0.38
C SER A 61 11.70 6.26 1.45
N ASN A 62 10.76 7.19 1.26
CA ASN A 62 9.50 7.17 2.00
C ASN A 62 8.72 5.89 1.72
N ILE A 63 8.72 5.44 0.46
CA ILE A 63 7.94 4.28 0.00
C ILE A 63 8.67 3.05 0.51
N GLU A 64 10.01 3.11 0.65
CA GLU A 64 10.77 2.04 1.27
C GLU A 64 10.33 1.87 2.72
N LYS A 65 10.14 2.98 3.46
CA LYS A 65 9.63 2.89 4.83
C LYS A 65 8.21 2.32 4.83
N LEU A 66 7.29 2.89 4.03
CA LEU A 66 5.91 2.39 3.95
C LEU A 66 5.92 0.91 3.61
N LEU A 67 6.46 0.50 2.47
CA LEU A 67 6.54 -0.91 2.06
C LEU A 67 7.03 -1.77 3.21
N THR A 68 8.11 -1.34 3.88
CA THR A 68 8.68 -2.08 5.00
C THR A 68 7.68 -2.25 6.13
N ASP A 69 6.94 -1.20 6.50
CA ASP A 69 5.94 -1.34 7.55
C ASP A 69 4.87 -2.31 7.05
N MET A 70 4.38 -2.08 5.83
CA MET A 70 3.28 -2.85 5.27
C MET A 70 3.62 -4.36 5.22
N ARG A 71 4.81 -4.73 4.71
CA ARG A 71 5.28 -6.12 4.65
C ARG A 71 5.63 -6.68 6.03
N LYS A 72 6.03 -5.84 6.99
CA LYS A 72 6.37 -6.31 8.33
C LYS A 72 5.13 -6.44 9.23
N SER A 73 4.12 -5.59 9.04
CA SER A 73 2.98 -5.42 9.93
C SER A 73 1.77 -6.22 9.43
N GLY A 74 1.65 -6.53 8.13
CA GLY A 74 0.76 -7.58 7.63
C GLY A 74 -0.17 -7.14 6.50
N ILE A 75 0.10 -5.97 5.91
CA ILE A 75 -0.76 -5.31 4.94
C ILE A 75 -0.42 -5.81 3.53
N ILE A 76 0.85 -6.07 3.26
CA ILE A 76 1.34 -6.60 1.99
C ILE A 76 2.36 -7.71 2.29
N TYR A 77 2.90 -8.36 1.27
CA TYR A 77 4.12 -9.17 1.36
C TYR A 77 4.99 -8.91 0.12
N GLU A 78 6.24 -9.36 0.17
CA GLU A 78 7.27 -9.19 -0.84
C GLU A 78 7.45 -10.51 -1.56
N ALA A 79 7.14 -10.56 -2.87
CA ALA A 79 7.33 -11.76 -3.68
C ALA A 79 8.74 -11.83 -4.25
N LYS A 80 9.36 -10.67 -4.51
CA LYS A 80 10.77 -10.51 -4.87
C LYS A 80 11.22 -9.18 -4.25
N PRO A 81 12.53 -8.93 -4.05
CA PRO A 81 13.08 -7.64 -3.59
C PRO A 81 12.92 -6.49 -4.59
N GLU A 82 11.94 -6.58 -5.50
CA GLU A 82 11.42 -5.47 -6.25
C GLU A 82 9.95 -5.67 -6.66
N CYS A 83 9.22 -6.62 -6.05
CA CYS A 83 7.86 -6.97 -6.45
C CYS A 83 7.08 -7.37 -5.19
N TYR A 84 6.03 -6.62 -4.85
CA TYR A 84 5.26 -6.77 -3.61
C TYR A 84 3.79 -7.04 -3.96
N LYS A 85 3.04 -7.69 -3.07
CA LYS A 85 1.64 -8.00 -3.33
C LYS A 85 0.83 -7.64 -2.08
N LYS A 86 -0.24 -6.86 -2.27
CA LYS A 86 -1.19 -6.44 -1.24
C LYS A 86 -1.89 -7.68 -0.73
N VAL A 87 -1.80 -7.97 0.58
CA VAL A 87 -2.03 -9.29 1.17
C VAL A 87 -3.17 -10.04 0.47
N GLY A 1 -24.09 7.50 7.38
CA GLY A 1 -23.81 6.11 6.94
C GLY A 1 -22.31 5.91 6.77
N SER A 2 -21.92 4.83 6.10
CA SER A 2 -20.55 4.54 5.69
C SER A 2 -20.61 3.67 4.44
N HIS A 3 -19.45 3.27 3.94
CA HIS A 3 -19.33 2.17 2.98
C HIS A 3 -19.61 0.83 3.69
N MET A 4 -19.74 -0.24 2.91
CA MET A 4 -19.75 -1.62 3.36
C MET A 4 -18.93 -2.45 2.35
N GLY A 5 -18.70 -3.72 2.67
CA GLY A 5 -17.71 -4.58 2.03
C GLY A 5 -16.53 -4.88 2.96
N GLU A 6 -16.80 -4.84 4.26
CA GLU A 6 -15.91 -5.27 5.30
C GLU A 6 -15.46 -6.72 5.06
N SER A 7 -14.15 -6.95 4.96
CA SER A 7 -13.50 -8.24 4.77
C SER A 7 -11.99 -8.05 4.98
N GLY A 8 -11.23 -9.15 4.97
CA GLY A 8 -9.82 -9.14 5.34
C GLY A 8 -9.68 -9.17 6.87
N LYS A 9 -8.49 -8.83 7.38
CA LYS A 9 -8.19 -8.82 8.81
C LYS A 9 -7.73 -7.46 9.34
N ILE A 10 -7.75 -6.40 8.51
CA ILE A 10 -7.31 -5.06 8.86
C ILE A 10 -8.46 -4.12 8.53
N ASP A 11 -8.94 -3.35 9.51
CA ASP A 11 -9.83 -2.21 9.27
C ASP A 11 -9.00 -1.02 8.76
N ILE A 12 -9.62 0.14 8.87
CA ILE A 12 -9.04 1.47 8.84
C ILE A 12 -8.69 1.89 10.27
N ASP A 13 -9.61 1.64 11.22
CA ASP A 13 -9.49 2.16 12.59
C ASP A 13 -8.15 1.76 13.19
N THR A 14 -7.75 0.50 12.98
CA THR A 14 -6.56 -0.15 13.50
C THR A 14 -5.25 0.50 13.00
N ILE A 15 -5.34 1.42 12.03
CA ILE A 15 -4.24 2.15 11.45
C ILE A 15 -4.36 3.58 11.99
N MET A 16 -5.48 4.26 11.71
CA MET A 16 -5.62 5.67 12.05
C MET A 16 -5.70 5.94 13.55
N THR A 17 -5.94 4.90 14.37
CA THR A 17 -5.86 5.00 15.83
C THR A 17 -4.41 5.22 16.30
N GLY A 18 -3.42 4.78 15.51
CA GLY A 18 -1.99 4.85 15.86
C GLY A 18 -1.13 5.59 14.84
N LYS A 19 -1.68 5.98 13.69
CA LYS A 19 -0.98 6.66 12.60
C LYS A 19 -1.79 7.88 12.16
N PRO A 20 -1.13 8.94 11.65
CA PRO A 20 -1.78 10.20 11.32
C PRO A 20 -2.70 10.06 10.10
N LYS A 21 -3.63 11.01 9.95
CA LYS A 21 -4.60 11.05 8.85
C LYS A 21 -3.91 10.87 7.50
N SER A 22 -2.85 11.67 7.26
CA SER A 22 -2.18 11.64 5.97
C SER A 22 -1.40 10.35 5.70
N ALA A 23 -1.10 9.54 6.72
CA ALA A 23 -0.54 8.21 6.52
C ALA A 23 -1.50 7.43 5.63
N ARG A 24 -2.75 7.22 6.06
CA ARG A 24 -3.72 6.53 5.23
C ARG A 24 -4.05 7.32 3.97
N GLU A 25 -4.10 8.66 4.02
CA GLU A 25 -4.35 9.49 2.84
C GLU A 25 -3.40 9.14 1.68
N LYS A 26 -2.13 8.82 1.95
CA LYS A 26 -1.17 8.46 0.90
C LYS A 26 -0.85 6.96 0.83
N MET A 27 -0.96 6.21 1.93
CA MET A 27 -0.73 4.76 1.93
C MET A 27 -1.92 4.01 1.32
N MET A 28 -3.15 4.51 1.47
CA MET A 28 -4.31 3.94 0.78
C MET A 28 -4.18 4.14 -0.73
N LYS A 29 -3.51 5.23 -1.16
CA LYS A 29 -3.14 5.39 -2.57
C LYS A 29 -2.12 4.32 -2.97
N ILE A 30 -1.04 4.15 -2.18
CA ILE A 30 -0.02 3.13 -2.43
C ILE A 30 -0.68 1.77 -2.70
N ILE A 31 -1.50 1.23 -1.79
CA ILE A 31 -2.12 -0.09 -1.97
C ILE A 31 -3.03 -0.16 -3.21
N GLU A 32 -3.61 0.97 -3.61
CA GLU A 32 -4.38 1.07 -4.85
C GLU A 32 -3.44 0.86 -6.04
N ILE A 33 -2.24 1.46 -6.02
CA ILE A 33 -1.25 1.24 -7.08
C ILE A 33 -0.85 -0.24 -7.07
N ILE A 34 -0.68 -0.85 -5.89
CA ILE A 34 -0.22 -2.22 -5.75
C ILE A 34 -1.22 -3.13 -6.45
N ASP A 35 -2.49 -3.04 -6.04
CA ASP A 35 -3.45 -3.99 -6.55
C ASP A 35 -3.89 -3.66 -7.97
N SER A 36 -3.74 -2.40 -8.41
CA SER A 36 -3.86 -2.02 -9.82
C SER A 36 -2.75 -2.70 -10.63
N LEU A 37 -1.48 -2.56 -10.24
CA LEU A 37 -0.36 -3.18 -10.95
C LEU A 37 -0.51 -4.71 -10.96
N ALA A 38 -0.97 -5.32 -9.86
CA ALA A 38 -1.25 -6.74 -9.80
C ALA A 38 -2.39 -7.19 -10.73
N VAL A 39 -3.17 -6.26 -11.32
CA VAL A 39 -4.14 -6.58 -12.38
C VAL A 39 -3.45 -6.75 -13.74
N SER A 40 -2.14 -6.49 -13.86
CA SER A 40 -1.39 -6.62 -15.10
C SER A 40 0.10 -6.93 -14.82
N SER A 41 0.38 -7.66 -13.75
CA SER A 41 1.67 -8.27 -13.42
C SER A 41 1.39 -9.30 -12.31
N GLU A 42 2.36 -10.17 -12.03
CA GLU A 42 2.24 -11.15 -10.95
C GLU A 42 2.06 -10.48 -9.58
N CYS A 43 2.65 -9.28 -9.45
CA CYS A 43 2.73 -8.47 -8.25
C CYS A 43 3.21 -7.08 -8.66
N ALA A 44 3.10 -6.12 -7.74
CA ALA A 44 3.45 -4.72 -7.97
C ALA A 44 4.94 -4.48 -7.75
N LYS A 45 5.69 -4.35 -8.84
CA LYS A 45 7.10 -4.01 -8.88
C LYS A 45 7.30 -2.60 -8.28
N VAL A 46 8.18 -2.44 -7.29
CA VAL A 46 8.43 -1.18 -6.57
C VAL A 46 8.74 -0.04 -7.54
N LYS A 47 9.42 -0.37 -8.64
CA LYS A 47 9.84 0.54 -9.68
C LYS A 47 8.63 1.26 -10.28
N ASP A 48 7.56 0.50 -10.51
CA ASP A 48 6.36 1.01 -11.12
C ASP A 48 5.65 1.89 -10.10
N ILE A 49 5.60 1.44 -8.83
CA ILE A 49 4.97 2.20 -7.76
C ILE A 49 5.67 3.54 -7.62
N LEU A 50 7.00 3.52 -7.55
CA LEU A 50 7.82 4.71 -7.48
C LEU A 50 7.51 5.65 -8.64
N LYS A 51 7.38 5.13 -9.88
CA LYS A 51 6.95 6.00 -10.97
C LYS A 51 5.57 6.56 -10.64
N GLU A 52 4.54 5.70 -10.60
CA GLU A 52 3.15 6.16 -10.62
C GLU A 52 2.85 7.02 -9.41
N ALA A 53 3.50 6.76 -8.27
CA ALA A 53 3.28 7.49 -7.04
C ALA A 53 4.13 8.75 -6.90
N GLN A 54 5.35 8.81 -7.46
CA GLN A 54 6.05 10.10 -7.39
C GLN A 54 5.35 11.07 -8.34
N GLN A 55 4.81 10.52 -9.43
CA GLN A 55 3.80 11.10 -10.30
C GLN A 55 2.51 11.48 -9.55
N VAL A 56 1.90 10.65 -8.68
CA VAL A 56 0.72 11.10 -7.90
C VAL A 56 1.07 12.25 -6.94
N GLY A 57 2.33 12.37 -6.51
CA GLY A 57 2.83 13.48 -5.72
C GLY A 57 3.36 13.01 -4.36
N ILE A 58 4.18 11.96 -4.38
CA ILE A 58 4.84 11.37 -3.21
C ILE A 58 6.35 11.35 -3.52
N GLU A 59 7.18 10.88 -2.59
CA GLU A 59 8.63 10.80 -2.73
C GLU A 59 9.06 9.38 -2.42
N LYS A 60 10.10 8.92 -3.11
CA LYS A 60 10.82 7.69 -2.87
C LYS A 60 10.80 7.18 -1.42
N SER A 61 11.34 7.93 -0.46
CA SER A 61 11.54 7.42 0.89
C SER A 61 10.18 7.25 1.56
N ASN A 62 9.23 8.15 1.29
CA ASN A 62 7.83 7.99 1.67
C ASN A 62 7.24 6.69 1.12
N ILE A 63 7.44 6.39 -0.17
CA ILE A 63 6.91 5.18 -0.80
C ILE A 63 7.42 3.98 -0.01
N GLU A 64 8.74 3.99 0.17
CA GLU A 64 9.52 2.87 0.66
C GLU A 64 9.23 2.64 2.13
N LYS A 65 9.22 3.69 2.95
CA LYS A 65 8.94 3.57 4.37
C LYS A 65 7.50 3.12 4.59
N LEU A 66 6.53 3.65 3.83
CA LEU A 66 5.14 3.21 3.93
C LEU A 66 5.05 1.74 3.53
N LEU A 67 5.44 1.36 2.30
CA LEU A 67 5.32 -0.05 1.90
C LEU A 67 6.18 -0.99 2.76
N THR A 68 7.22 -0.48 3.42
CA THR A 68 7.98 -1.25 4.41
C THR A 68 7.14 -1.50 5.65
N ASP A 69 6.44 -0.48 6.17
CA ASP A 69 5.51 -0.65 7.28
C ASP A 69 4.42 -1.64 6.88
N MET A 70 3.97 -1.59 5.63
CA MET A 70 2.98 -2.52 5.11
C MET A 70 3.47 -3.97 5.09
N ARG A 71 4.59 -4.27 4.40
CA ARG A 71 5.09 -5.64 4.29
C ARG A 71 5.55 -6.14 5.66
N LYS A 72 5.98 -5.26 6.56
CA LYS A 72 6.29 -5.66 7.93
C LYS A 72 5.01 -5.97 8.71
N SER A 73 4.00 -5.09 8.65
CA SER A 73 2.77 -5.22 9.42
C SER A 73 1.81 -6.26 8.81
N GLY A 74 2.07 -6.75 7.59
CA GLY A 74 1.28 -7.77 6.94
C GLY A 74 0.07 -7.19 6.23
N ILE A 75 0.12 -5.91 5.85
CA ILE A 75 -0.88 -5.26 4.99
C ILE A 75 -0.66 -5.71 3.54
N ILE A 76 0.61 -5.84 3.16
CA ILE A 76 1.04 -6.40 1.89
C ILE A 76 2.08 -7.48 2.22
N TYR A 77 2.57 -8.18 1.20
CA TYR A 77 3.74 -9.03 1.27
C TYR A 77 4.51 -8.87 -0.02
N GLU A 78 5.81 -9.23 0.01
CA GLU A 78 6.57 -9.41 -1.21
C GLU A 78 6.28 -10.81 -1.74
N ALA A 79 5.70 -10.89 -2.93
CA ALA A 79 5.56 -12.16 -3.63
C ALA A 79 6.87 -12.58 -4.29
N LYS A 80 7.64 -11.59 -4.78
CA LYS A 80 9.00 -11.69 -5.26
C LYS A 80 9.71 -10.42 -4.78
N PRO A 81 11.05 -10.35 -4.77
CA PRO A 81 11.75 -9.11 -4.42
C PRO A 81 11.32 -7.96 -5.30
N GLU A 82 11.13 -6.80 -4.66
CA GLU A 82 10.52 -5.57 -5.17
C GLU A 82 9.03 -5.72 -5.50
N CYS A 83 8.41 -6.90 -5.38
CA CYS A 83 7.17 -7.20 -6.07
C CYS A 83 6.06 -7.57 -5.08
N TYR A 84 5.22 -6.59 -4.75
CA TYR A 84 4.29 -6.66 -3.64
C TYR A 84 2.91 -7.17 -4.04
N LYS A 85 2.14 -7.68 -3.08
CA LYS A 85 0.68 -7.81 -3.26
C LYS A 85 -0.02 -7.55 -1.94
N LYS A 86 -1.21 -6.91 -1.99
CA LYS A 86 -1.98 -6.55 -0.80
C LYS A 86 -2.71 -7.76 -0.23
N VAL A 87 -2.83 -7.84 1.10
CA VAL A 87 -3.52 -8.91 1.81
C VAL A 87 -4.42 -8.28 2.88
N GLY A 1 -25.31 -17.99 8.25
CA GLY A 1 -24.51 -16.82 8.66
C GLY A 1 -23.19 -16.77 7.90
N SER A 2 -22.46 -15.66 7.99
CA SER A 2 -21.22 -15.43 7.25
C SER A 2 -20.17 -16.51 7.52
N HIS A 3 -20.02 -16.92 8.80
CA HIS A 3 -19.19 -18.00 9.37
C HIS A 3 -17.70 -18.08 8.97
N MET A 4 -17.25 -17.29 7.99
CA MET A 4 -15.83 -17.06 7.70
C MET A 4 -15.21 -16.14 8.76
N GLY A 5 -13.89 -16.03 8.75
CA GLY A 5 -13.10 -15.01 9.42
C GLY A 5 -11.79 -14.86 8.65
N GLU A 6 -11.12 -13.71 8.78
CA GLU A 6 -9.90 -13.38 8.03
C GLU A 6 -9.14 -12.29 8.81
N SER A 7 -7.96 -11.90 8.32
CA SER A 7 -7.03 -10.97 8.97
C SER A 7 -6.55 -9.92 7.96
N GLY A 8 -5.79 -8.92 8.43
CA GLY A 8 -5.18 -7.90 7.57
C GLY A 8 -6.13 -6.77 7.16
N LYS A 9 -7.41 -6.81 7.58
CA LYS A 9 -8.39 -5.78 7.32
C LYS A 9 -8.01 -4.50 8.09
N ILE A 10 -7.44 -3.51 7.40
CA ILE A 10 -7.24 -2.14 7.87
C ILE A 10 -8.55 -1.37 7.63
N ASP A 11 -8.65 -0.13 8.13
CA ASP A 11 -9.77 0.80 7.93
C ASP A 11 -9.21 2.15 7.49
N ILE A 12 -10.10 3.10 7.20
CA ILE A 12 -9.76 4.52 7.11
C ILE A 12 -9.59 5.04 8.53
N ASP A 13 -10.56 4.70 9.38
CA ASP A 13 -10.83 5.22 10.71
C ASP A 13 -9.61 5.04 11.60
N THR A 14 -9.06 3.82 11.62
CA THR A 14 -7.87 3.42 12.38
C THR A 14 -6.66 4.33 12.09
N ILE A 15 -6.64 4.98 10.92
CA ILE A 15 -5.62 5.91 10.53
C ILE A 15 -6.04 7.28 11.07
N MET A 16 -7.11 7.82 10.50
CA MET A 16 -7.46 9.22 10.68
C MET A 16 -7.89 9.57 12.11
N THR A 17 -8.18 8.57 12.94
CA THR A 17 -8.49 8.77 14.35
C THR A 17 -7.31 9.33 15.15
N GLY A 18 -6.11 9.37 14.58
CA GLY A 18 -4.93 9.98 15.19
C GLY A 18 -3.83 10.38 14.22
N LYS A 19 -3.98 10.13 12.91
CA LYS A 19 -3.03 10.55 11.88
C LYS A 19 -3.72 11.57 10.96
N PRO A 20 -2.96 12.46 10.30
CA PRO A 20 -3.54 13.49 9.44
C PRO A 20 -4.17 12.89 8.17
N LYS A 21 -5.01 13.68 7.51
CA LYS A 21 -5.63 13.33 6.23
C LYS A 21 -4.61 12.88 5.17
N SER A 22 -3.41 13.47 5.15
CA SER A 22 -2.31 13.12 4.24
C SER A 22 -1.89 11.65 4.40
N ALA A 23 -1.95 11.10 5.62
CA ALA A 23 -1.49 9.75 5.91
C ALA A 23 -2.32 8.75 5.10
N ARG A 24 -3.63 8.71 5.32
CA ARG A 24 -4.51 7.90 4.47
C ARG A 24 -4.37 8.34 3.03
N GLU A 25 -4.35 9.64 2.73
CA GLU A 25 -4.27 10.16 1.36
C GLU A 25 -3.05 9.65 0.58
N LYS A 26 -1.98 9.18 1.26
CA LYS A 26 -0.90 8.45 0.59
C LYS A 26 -1.00 6.93 0.78
N MET A 27 -1.30 6.42 1.99
CA MET A 27 -1.39 4.99 2.26
C MET A 27 -2.46 4.34 1.38
N MET A 28 -3.63 4.97 1.32
CA MET A 28 -4.80 4.51 0.63
C MET A 28 -4.57 4.53 -0.89
N LYS A 29 -3.82 5.52 -1.37
CA LYS A 29 -3.36 5.52 -2.77
C LYS A 29 -2.37 4.39 -3.00
N ILE A 30 -1.36 4.22 -2.15
CA ILE A 30 -0.35 3.19 -2.31
C ILE A 30 -1.06 1.83 -2.45
N ILE A 31 -1.93 1.44 -1.51
CA ILE A 31 -2.63 0.16 -1.58
C ILE A 31 -3.52 0.05 -2.80
N GLU A 32 -4.11 1.15 -3.29
CA GLU A 32 -4.88 1.14 -4.52
C GLU A 32 -3.98 0.78 -5.70
N ILE A 33 -2.75 1.34 -5.75
CA ILE A 33 -1.78 0.96 -6.77
C ILE A 33 -1.46 -0.53 -6.61
N ILE A 34 -1.10 -0.98 -5.39
CA ILE A 34 -0.59 -2.34 -5.21
C ILE A 34 -1.69 -3.32 -5.57
N ASP A 35 -2.92 -3.06 -5.11
CA ASP A 35 -4.04 -3.97 -5.35
C ASP A 35 -4.37 -4.00 -6.84
N SER A 36 -4.41 -2.84 -7.50
CA SER A 36 -4.72 -2.74 -8.92
C SER A 36 -3.69 -3.52 -9.74
N LEU A 37 -2.40 -3.27 -9.48
CA LEU A 37 -1.30 -3.96 -10.12
C LEU A 37 -1.34 -5.46 -9.80
N ALA A 38 -1.63 -5.84 -8.55
CA ALA A 38 -1.68 -7.22 -8.09
C ALA A 38 -2.89 -8.01 -8.61
N VAL A 39 -3.96 -7.33 -9.02
CA VAL A 39 -5.11 -7.95 -9.68
C VAL A 39 -4.84 -7.99 -11.19
N SER A 40 -4.30 -6.92 -11.78
CA SER A 40 -4.03 -6.83 -13.21
C SER A 40 -2.75 -7.55 -13.64
N SER A 41 -1.92 -8.04 -12.72
CA SER A 41 -0.61 -8.64 -13.00
C SER A 41 -0.14 -9.48 -11.80
N GLU A 42 1.08 -10.02 -11.90
CA GLU A 42 1.69 -10.85 -10.87
C GLU A 42 1.84 -10.07 -9.57
N CYS A 43 2.42 -8.86 -9.64
CA CYS A 43 2.72 -8.01 -8.51
C CYS A 43 2.75 -6.56 -8.97
N ALA A 44 2.78 -5.66 -7.99
CA ALA A 44 3.17 -4.29 -8.17
C ALA A 44 4.69 -4.20 -8.25
N LYS A 45 5.19 -4.02 -9.48
CA LYS A 45 6.52 -3.48 -9.70
C LYS A 45 6.67 -2.17 -8.96
N VAL A 46 7.62 -2.14 -8.05
CA VAL A 46 7.95 -0.95 -7.24
C VAL A 46 8.31 0.23 -8.15
N LYS A 47 8.81 -0.01 -9.36
CA LYS A 47 9.09 1.03 -10.34
C LYS A 47 7.81 1.78 -10.70
N ASP A 48 6.70 1.05 -10.92
CA ASP A 48 5.42 1.66 -11.24
C ASP A 48 4.86 2.41 -10.02
N ILE A 49 5.02 1.84 -8.83
CA ILE A 49 4.52 2.47 -7.59
C ILE A 49 5.28 3.78 -7.39
N LEU A 50 6.61 3.71 -7.45
CA LEU A 50 7.49 4.87 -7.34
C LEU A 50 7.09 5.92 -8.36
N LYS A 51 6.87 5.52 -9.61
CA LYS A 51 6.47 6.41 -10.70
C LYS A 51 5.20 7.16 -10.30
N GLU A 52 4.10 6.45 -10.06
CA GLU A 52 2.82 7.12 -9.84
C GLU A 52 2.82 7.89 -8.53
N ALA A 53 3.42 7.36 -7.46
CA ALA A 53 3.48 8.05 -6.18
C ALA A 53 4.38 9.31 -6.24
N GLN A 54 5.49 9.28 -6.98
CA GLN A 54 6.31 10.47 -7.24
C GLN A 54 5.52 11.50 -8.04
N GLN A 55 4.69 11.08 -9.00
CA GLN A 55 3.84 12.00 -9.76
C GLN A 55 2.71 12.57 -8.89
N VAL A 56 2.14 11.79 -7.97
CA VAL A 56 1.24 12.27 -6.93
C VAL A 56 1.96 13.25 -5.99
N GLY A 57 3.28 13.12 -5.82
CA GLY A 57 4.15 14.10 -5.18
C GLY A 57 4.88 13.56 -3.94
N ILE A 58 4.75 12.26 -3.65
CA ILE A 58 5.37 11.61 -2.51
C ILE A 58 6.85 11.39 -2.83
N GLU A 59 7.74 11.39 -1.84
CA GLU A 59 9.16 11.16 -2.06
C GLU A 59 9.42 9.66 -2.23
N LYS A 60 10.43 9.28 -3.03
CA LYS A 60 11.10 7.96 -3.02
C LYS A 60 11.06 7.35 -1.63
N SER A 61 11.77 8.00 -0.70
CA SER A 61 12.04 7.50 0.63
C SER A 61 10.74 7.28 1.42
N ASN A 62 9.70 8.10 1.16
CA ASN A 62 8.39 7.87 1.73
C ASN A 62 7.76 6.59 1.18
N ILE A 63 7.92 6.30 -0.11
CA ILE A 63 7.26 5.18 -0.76
C ILE A 63 7.99 3.91 -0.29
N GLU A 64 9.31 4.00 -0.11
CA GLU A 64 10.18 2.92 0.32
C GLU A 64 9.89 2.56 1.78
N LYS A 65 9.73 3.57 2.66
CA LYS A 65 9.41 3.31 4.06
C LYS A 65 7.95 2.86 4.24
N LEU A 66 7.00 3.37 3.44
CA LEU A 66 5.63 2.88 3.40
C LEU A 66 5.60 1.44 2.90
N LEU A 67 6.22 1.14 1.75
CA LEU A 67 6.32 -0.23 1.21
C LEU A 67 6.95 -1.17 2.22
N THR A 68 8.00 -0.70 2.92
CA THR A 68 8.58 -1.42 4.03
C THR A 68 7.46 -1.71 5.00
N ASP A 69 6.86 -0.68 5.59
CA ASP A 69 6.02 -0.92 6.73
C ASP A 69 4.78 -1.73 6.37
N MET A 70 4.25 -1.54 5.16
CA MET A 70 3.20 -2.38 4.63
C MET A 70 3.65 -3.85 4.61
N ARG A 71 4.85 -4.19 4.08
CA ARG A 71 5.36 -5.55 4.10
C ARG A 71 5.79 -6.02 5.49
N LYS A 72 6.21 -5.11 6.36
CA LYS A 72 6.75 -5.39 7.70
C LYS A 72 5.64 -5.54 8.74
N SER A 73 4.47 -4.94 8.50
CA SER A 73 3.32 -4.91 9.39
C SER A 73 2.15 -5.73 8.83
N GLY A 74 2.16 -6.12 7.54
CA GLY A 74 1.36 -7.25 7.03
C GLY A 74 0.24 -6.85 6.06
N ILE A 75 0.30 -5.66 5.49
CA ILE A 75 -0.66 -5.15 4.51
C ILE A 75 -0.34 -5.73 3.13
N ILE A 76 0.95 -5.88 2.80
CA ILE A 76 1.41 -6.42 1.52
C ILE A 76 2.51 -7.44 1.80
N TYR A 77 3.04 -8.10 0.78
CA TYR A 77 4.25 -8.91 0.84
C TYR A 77 5.12 -8.63 -0.37
N GLU A 78 6.37 -9.13 -0.33
CA GLU A 78 7.49 -8.74 -1.16
C GLU A 78 8.05 -10.00 -1.82
N ALA A 79 7.69 -10.25 -3.08
CA ALA A 79 8.13 -11.44 -3.81
C ALA A 79 9.57 -11.30 -4.28
N LYS A 80 9.99 -10.06 -4.58
CA LYS A 80 11.36 -9.60 -4.75
C LYS A 80 11.37 -8.17 -4.17
N PRO A 81 12.54 -7.58 -3.84
CA PRO A 81 12.67 -6.19 -3.36
C PRO A 81 12.31 -5.10 -4.36
N GLU A 82 11.48 -5.46 -5.33
CA GLU A 82 11.05 -4.64 -6.43
C GLU A 82 9.65 -5.06 -6.95
N CYS A 83 9.04 -6.08 -6.34
CA CYS A 83 7.82 -6.74 -6.79
C CYS A 83 7.05 -7.10 -5.53
N TYR A 84 6.15 -6.20 -5.13
CA TYR A 84 5.35 -6.33 -3.93
C TYR A 84 3.92 -6.64 -4.35
N LYS A 85 3.17 -7.39 -3.55
CA LYS A 85 1.81 -7.76 -3.87
C LYS A 85 0.96 -7.58 -2.61
N LYS A 86 -0.29 -7.15 -2.78
CA LYS A 86 -1.21 -6.93 -1.67
C LYS A 86 -1.53 -8.26 -0.99
N VAL A 87 -1.78 -8.28 0.34
CA VAL A 87 -2.51 -9.41 0.91
C VAL A 87 -3.95 -9.39 0.38
N GLY A 1 -23.53 3.59 -0.94
CA GLY A 1 -22.99 2.91 0.26
C GLY A 1 -22.85 1.41 -0.02
N SER A 2 -22.60 0.62 1.03
CA SER A 2 -22.65 -0.83 1.00
C SER A 2 -23.00 -1.30 2.42
N HIS A 3 -23.08 -2.61 2.62
CA HIS A 3 -23.43 -3.25 3.88
C HIS A 3 -22.46 -4.40 4.16
N MET A 4 -22.53 -4.96 5.37
CA MET A 4 -21.82 -6.17 5.79
C MET A 4 -22.76 -6.95 6.71
N GLY A 5 -22.39 -8.18 7.07
CA GLY A 5 -23.04 -8.98 8.10
C GLY A 5 -22.03 -9.20 9.21
N GLU A 6 -21.07 -10.08 8.93
CA GLU A 6 -19.91 -10.33 9.77
C GLU A 6 -19.04 -9.07 9.82
N SER A 7 -18.49 -8.78 11.00
CA SER A 7 -17.61 -7.64 11.21
C SER A 7 -16.27 -7.84 10.50
N GLY A 8 -15.74 -6.76 9.90
CA GLY A 8 -14.32 -6.70 9.55
C GLY A 8 -13.49 -6.31 10.78
N LYS A 9 -12.18 -6.48 10.66
CA LYS A 9 -11.19 -5.81 11.49
C LYS A 9 -10.06 -5.42 10.53
N ILE A 10 -9.36 -4.34 10.89
CA ILE A 10 -8.54 -3.40 10.17
C ILE A 10 -9.56 -2.49 9.53
N ASP A 11 -9.44 -1.21 9.85
CA ASP A 11 -10.49 -0.25 9.60
C ASP A 11 -9.79 1.06 9.30
N ILE A 12 -10.57 2.01 8.80
CA ILE A 12 -10.09 3.33 8.39
C ILE A 12 -10.17 4.31 9.57
N ASP A 13 -11.26 4.22 10.34
CA ASP A 13 -11.55 5.09 11.46
C ASP A 13 -10.46 4.97 12.51
N THR A 14 -10.04 3.72 12.80
CA THR A 14 -9.02 3.36 13.78
C THR A 14 -7.65 3.99 13.49
N ILE A 15 -7.45 4.55 12.30
CA ILE A 15 -6.22 5.16 11.85
C ILE A 15 -6.45 6.67 11.82
N MET A 16 -7.44 7.14 11.07
CA MET A 16 -7.66 8.58 10.90
C MET A 16 -8.05 9.25 12.21
N THR A 17 -8.58 8.51 13.20
CA THR A 17 -8.84 9.05 14.53
C THR A 17 -7.55 9.43 15.29
N GLY A 18 -6.37 9.03 14.82
CA GLY A 18 -5.10 9.28 15.49
C GLY A 18 -3.93 9.51 14.52
N LYS A 19 -4.16 9.57 13.20
CA LYS A 19 -3.18 9.86 12.17
C LYS A 19 -3.77 10.87 11.18
N PRO A 20 -2.95 11.72 10.55
CA PRO A 20 -3.41 12.71 9.58
C PRO A 20 -3.88 12.04 8.29
N LYS A 21 -4.68 12.76 7.49
CA LYS A 21 -5.11 12.29 6.18
C LYS A 21 -3.95 11.79 5.32
N SER A 22 -2.81 12.48 5.36
CA SER A 22 -1.62 12.18 4.58
C SER A 22 -1.07 10.77 4.87
N ALA A 23 -1.32 10.21 6.07
CA ALA A 23 -0.93 8.84 6.38
C ALA A 23 -1.67 7.89 5.45
N ARG A 24 -3.01 7.94 5.46
CA ARG A 24 -3.80 7.16 4.53
C ARG A 24 -3.50 7.57 3.11
N GLU A 25 -3.33 8.86 2.81
CA GLU A 25 -3.10 9.31 1.43
C GLU A 25 -1.77 8.80 0.89
N LYS A 26 -0.82 8.40 1.74
CA LYS A 26 0.26 7.51 1.35
C LYS A 26 -0.25 6.08 1.27
N MET A 27 -0.55 5.45 2.41
CA MET A 27 -0.66 4.00 2.53
C MET A 27 -1.69 3.47 1.55
N MET A 28 -2.83 4.16 1.48
CA MET A 28 -3.96 3.85 0.62
C MET A 28 -3.66 4.09 -0.85
N LYS A 29 -2.69 4.96 -1.18
CA LYS A 29 -2.26 5.10 -2.56
C LYS A 29 -1.34 3.93 -2.86
N ILE A 30 -0.27 3.73 -2.08
CA ILE A 30 0.72 2.69 -2.32
C ILE A 30 0.03 1.34 -2.53
N ILE A 31 -0.81 0.88 -1.59
CA ILE A 31 -1.51 -0.41 -1.72
C ILE A 31 -2.26 -0.50 -3.03
N GLU A 32 -2.94 0.58 -3.39
CA GLU A 32 -3.77 0.59 -4.57
C GLU A 32 -2.89 0.47 -5.80
N ILE A 33 -1.76 1.20 -5.88
CA ILE A 33 -0.82 1.02 -6.98
C ILE A 33 -0.36 -0.44 -7.04
N ILE A 34 -0.08 -1.07 -5.87
CA ILE A 34 0.37 -2.44 -5.82
C ILE A 34 -0.69 -3.34 -6.46
N ASP A 35 -1.93 -3.24 -5.98
CA ASP A 35 -2.97 -4.17 -6.43
C ASP A 35 -3.41 -3.86 -7.86
N SER A 36 -3.39 -2.59 -8.28
CA SER A 36 -3.71 -2.18 -9.63
C SER A 36 -2.63 -2.63 -10.62
N LEU A 37 -1.35 -2.67 -10.22
CA LEU A 37 -0.29 -3.29 -11.02
C LEU A 37 -0.42 -4.81 -10.99
N ALA A 38 -0.80 -5.39 -9.85
CA ALA A 38 -1.01 -6.83 -9.68
C ALA A 38 -2.32 -7.35 -10.30
N VAL A 39 -3.07 -6.53 -11.04
CA VAL A 39 -4.31 -6.91 -11.72
C VAL A 39 -4.07 -7.98 -12.81
N SER A 40 -2.82 -8.28 -13.14
CA SER A 40 -2.41 -9.46 -13.90
C SER A 40 -0.95 -9.83 -13.63
N SER A 41 -0.10 -8.86 -13.25
CA SER A 41 1.25 -9.10 -12.77
C SER A 41 1.19 -9.95 -11.49
N GLU A 42 2.13 -10.89 -11.30
CA GLU A 42 2.19 -11.67 -10.06
C GLU A 42 2.56 -10.80 -8.85
N CYS A 43 3.17 -9.63 -9.08
CA CYS A 43 3.50 -8.61 -8.11
C CYS A 43 3.66 -7.29 -8.85
N ALA A 44 3.64 -6.19 -8.11
CA ALA A 44 3.95 -4.85 -8.57
C ALA A 44 5.45 -4.61 -8.48
N LYS A 45 6.13 -4.38 -9.63
CA LYS A 45 7.56 -4.06 -9.63
C LYS A 45 7.74 -2.74 -8.91
N VAL A 46 8.70 -2.67 -7.98
CA VAL A 46 8.83 -1.51 -7.11
C VAL A 46 9.13 -0.23 -7.89
N LYS A 47 9.72 -0.36 -9.08
CA LYS A 47 10.03 0.76 -9.96
C LYS A 47 8.76 1.47 -10.41
N ASP A 48 7.70 0.70 -10.70
CA ASP A 48 6.42 1.22 -11.15
C ASP A 48 5.76 1.94 -9.97
N ILE A 49 5.83 1.35 -8.78
CA ILE A 49 5.26 1.93 -7.57
C ILE A 49 5.95 3.26 -7.29
N LEU A 50 7.29 3.26 -7.25
CA LEU A 50 8.09 4.45 -7.07
C LEU A 50 7.70 5.51 -8.09
N LYS A 51 7.55 5.14 -9.37
CA LYS A 51 7.16 6.09 -10.41
C LYS A 51 5.81 6.69 -10.04
N GLU A 52 4.75 5.86 -10.04
CA GLU A 52 3.40 6.39 -10.01
C GLU A 52 3.09 7.04 -8.66
N ALA A 53 3.65 6.53 -7.56
CA ALA A 53 3.50 7.16 -6.26
C ALA A 53 4.23 8.52 -6.19
N GLN A 54 5.40 8.65 -6.83
CA GLN A 54 6.03 9.97 -6.90
C GLN A 54 5.30 10.90 -7.87
N GLN A 55 4.66 10.37 -8.92
CA GLN A 55 3.74 11.18 -9.75
C GLN A 55 2.52 11.63 -8.94
N VAL A 56 1.96 10.78 -8.08
CA VAL A 56 0.94 11.13 -7.09
C VAL A 56 1.46 12.22 -6.13
N GLY A 57 2.76 12.21 -5.80
CA GLY A 57 3.44 13.32 -5.14
C GLY A 57 4.26 12.93 -3.92
N ILE A 58 4.47 11.62 -3.69
CA ILE A 58 5.27 11.10 -2.59
C ILE A 58 6.77 11.24 -2.98
N GLU A 59 7.71 10.79 -2.13
CA GLU A 59 9.14 10.88 -2.34
C GLU A 59 9.70 9.46 -2.27
N LYS A 60 10.68 9.11 -3.10
CA LYS A 60 11.35 7.80 -3.12
C LYS A 60 11.33 7.12 -1.76
N SER A 61 11.94 7.74 -0.76
CA SER A 61 12.36 7.00 0.42
C SER A 61 11.21 6.87 1.42
N ASN A 62 10.20 7.72 1.29
CA ASN A 62 8.88 7.47 1.82
C ASN A 62 8.30 6.16 1.28
N ILE A 63 8.46 5.87 -0.03
CA ILE A 63 7.93 4.65 -0.64
C ILE A 63 8.73 3.47 -0.07
N GLU A 64 10.05 3.65 0.03
CA GLU A 64 10.97 2.60 0.45
C GLU A 64 10.61 2.19 1.88
N LYS A 65 10.54 3.19 2.77
CA LYS A 65 10.25 2.93 4.16
C LYS A 65 8.81 2.46 4.36
N LEU A 66 7.87 2.87 3.49
CA LEU A 66 6.47 2.48 3.62
C LEU A 66 6.31 1.02 3.18
N LEU A 67 6.79 0.66 1.98
CA LEU A 67 6.87 -0.73 1.51
C LEU A 67 7.48 -1.61 2.58
N THR A 68 8.56 -1.13 3.19
CA THR A 68 9.27 -1.85 4.23
C THR A 68 8.34 -2.06 5.42
N ASP A 69 7.68 -1.00 5.90
CA ASP A 69 6.85 -1.09 7.09
C ASP A 69 5.70 -2.06 6.82
N MET A 70 5.11 -1.96 5.63
CA MET A 70 4.06 -2.84 5.16
C MET A 70 4.50 -4.30 5.11
N ARG A 71 5.65 -4.59 4.48
CA ARG A 71 6.12 -5.96 4.29
C ARG A 71 6.71 -6.56 5.56
N LYS A 72 7.15 -5.71 6.50
CA LYS A 72 7.49 -6.11 7.85
C LYS A 72 6.22 -6.43 8.65
N SER A 73 5.19 -5.58 8.54
CA SER A 73 3.96 -5.68 9.32
C SER A 73 3.09 -6.86 8.85
N GLY A 74 3.02 -7.09 7.54
CA GLY A 74 2.16 -8.10 6.93
C GLY A 74 1.02 -7.50 6.12
N ILE A 75 1.13 -6.22 5.72
CA ILE A 75 0.17 -5.53 4.86
C ILE A 75 0.44 -5.93 3.40
N ILE A 76 1.71 -6.14 3.04
CA ILE A 76 2.13 -6.62 1.72
C ILE A 76 3.20 -7.70 1.95
N TYR A 77 3.64 -8.36 0.87
CA TYR A 77 4.83 -9.19 0.86
C TYR A 77 5.69 -8.82 -0.35
N GLU A 78 6.98 -9.17 -0.29
CA GLU A 78 7.88 -9.12 -1.42
C GLU A 78 7.72 -10.41 -2.21
N ALA A 79 8.31 -11.50 -1.70
CA ALA A 79 8.42 -12.81 -2.31
C ALA A 79 9.12 -12.81 -3.68
N LYS A 80 9.54 -11.64 -4.20
CA LYS A 80 9.87 -11.46 -5.60
C LYS A 80 11.01 -10.44 -5.77
N PRO A 81 11.80 -10.52 -6.86
CA PRO A 81 12.91 -9.59 -7.09
C PRO A 81 12.37 -8.17 -7.27
N GLU A 82 12.69 -7.29 -6.31
CA GLU A 82 12.32 -5.87 -6.26
C GLU A 82 10.87 -5.62 -6.69
N CYS A 83 9.96 -6.47 -6.19
CA CYS A 83 8.57 -6.52 -6.60
C CYS A 83 7.75 -6.98 -5.39
N TYR A 84 6.55 -6.43 -5.21
CA TYR A 84 5.76 -6.59 -3.98
C TYR A 84 4.29 -6.83 -4.33
N LYS A 85 3.52 -7.47 -3.44
CA LYS A 85 2.09 -7.69 -3.65
C LYS A 85 1.38 -7.59 -2.29
N LYS A 86 0.26 -6.86 -2.26
CA LYS A 86 -0.62 -6.66 -1.12
C LYS A 86 -1.29 -7.97 -0.70
N VAL A 87 -1.37 -8.22 0.61
CA VAL A 87 -2.13 -9.29 1.23
C VAL A 87 -3.17 -8.62 2.13
N GLY A 1 4.48 3.39 22.61
CA GLY A 1 3.55 4.01 23.57
C GLY A 1 2.29 3.17 23.73
N SER A 2 1.35 3.67 24.53
CA SER A 2 0.02 3.11 24.70
C SER A 2 -0.67 3.00 23.34
N HIS A 3 -1.01 1.76 22.94
CA HIS A 3 -1.80 1.45 21.76
C HIS A 3 -2.54 0.15 22.05
N MET A 4 -3.51 -0.21 21.20
CA MET A 4 -4.48 -1.28 21.47
C MET A 4 -4.50 -2.34 20.34
N GLY A 5 -3.64 -2.21 19.33
CA GLY A 5 -3.60 -3.06 18.16
C GLY A 5 -2.22 -3.68 18.01
N GLU A 6 -2.05 -4.90 18.52
CA GLU A 6 -0.80 -5.66 18.44
C GLU A 6 -0.83 -6.73 17.33
N SER A 7 -2.01 -7.02 16.76
CA SER A 7 -2.28 -8.01 15.71
C SER A 7 -1.65 -7.71 14.34
N GLY A 8 -0.63 -6.84 14.30
CA GLY A 8 -0.09 -6.16 13.14
C GLY A 8 0.61 -4.89 13.64
N LYS A 9 1.10 -4.06 12.72
CA LYS A 9 1.59 -2.74 13.07
C LYS A 9 1.26 -1.65 12.06
N ILE A 10 0.73 -2.01 10.88
CA ILE A 10 0.15 -1.05 9.95
C ILE A 10 -1.35 -1.31 9.95
N ASP A 11 -2.11 -0.22 9.90
CA ASP A 11 -3.56 -0.18 9.77
C ASP A 11 -3.87 1.03 8.91
N ILE A 12 -5.16 1.26 8.64
CA ILE A 12 -5.65 2.55 8.19
C ILE A 12 -5.76 3.47 9.42
N ASP A 13 -6.24 2.90 10.55
CA ASP A 13 -6.51 3.62 11.79
C ASP A 13 -5.29 4.41 12.21
N THR A 14 -4.14 3.74 12.29
CA THR A 14 -2.89 4.30 12.80
C THR A 14 -2.36 5.48 11.95
N ILE A 15 -2.98 5.73 10.79
CA ILE A 15 -2.63 6.79 9.88
C ILE A 15 -3.69 7.87 10.00
N MET A 16 -4.96 7.50 9.77
CA MET A 16 -6.08 8.43 9.75
C MET A 16 -6.35 9.04 11.14
N THR A 17 -5.94 8.36 12.22
CA THR A 17 -6.04 8.88 13.57
C THR A 17 -5.13 10.11 13.77
N GLY A 18 -4.14 10.31 12.88
CA GLY A 18 -3.19 11.41 12.93
C GLY A 18 -2.85 12.01 11.57
N LYS A 19 -3.60 11.72 10.49
CA LYS A 19 -3.51 12.41 9.20
C LYS A 19 -4.91 12.63 8.63
N PRO A 20 -5.08 13.61 7.71
CA PRO A 20 -6.33 13.88 6.99
C PRO A 20 -6.63 12.75 6.00
N LYS A 21 -7.70 12.90 5.20
CA LYS A 21 -8.11 11.88 4.23
C LYS A 21 -6.95 11.38 3.34
N SER A 22 -5.95 12.21 3.02
CA SER A 22 -4.66 11.85 2.44
C SER A 22 -4.17 10.46 2.86
N ALA A 23 -4.34 10.12 4.14
CA ALA A 23 -4.16 8.79 4.69
C ALA A 23 -4.88 7.73 3.83
N ARG A 24 -6.20 7.56 4.01
CA ARG A 24 -6.99 6.63 3.19
C ARG A 24 -6.79 6.89 1.70
N GLU A 25 -6.55 8.13 1.28
CA GLU A 25 -6.43 8.53 -0.12
C GLU A 25 -5.09 8.08 -0.73
N LYS A 26 -4.08 7.72 0.08
CA LYS A 26 -2.91 6.97 -0.37
C LYS A 26 -3.26 5.49 -0.29
N MET A 27 -3.66 5.02 0.91
CA MET A 27 -3.81 3.63 1.28
C MET A 27 -4.74 2.95 0.30
N MET A 28 -5.94 3.51 0.19
CA MET A 28 -7.07 2.96 -0.52
C MET A 28 -6.82 3.01 -2.02
N LYS A 29 -6.06 4.02 -2.47
CA LYS A 29 -5.57 4.10 -3.84
C LYS A 29 -4.70 2.88 -4.09
N ILE A 30 -3.58 2.80 -3.36
CA ILE A 30 -2.56 1.78 -3.56
C ILE A 30 -3.23 0.41 -3.60
N ILE A 31 -3.88 0.00 -2.50
CA ILE A 31 -4.41 -1.35 -2.37
C ILE A 31 -5.35 -1.74 -3.53
N GLU A 32 -6.04 -0.77 -4.17
CA GLU A 32 -6.96 -1.02 -5.26
C GLU A 32 -6.27 -0.95 -6.61
N ILE A 33 -5.21 -0.15 -6.79
CA ILE A 33 -4.41 -0.25 -8.01
C ILE A 33 -3.77 -1.63 -7.96
N ILE A 34 -3.22 -2.01 -6.80
CA ILE A 34 -2.56 -3.29 -6.60
C ILE A 34 -3.53 -4.39 -6.98
N ASP A 35 -4.76 -4.38 -6.41
CA ASP A 35 -5.64 -5.51 -6.67
C ASP A 35 -6.29 -5.43 -8.05
N SER A 36 -6.48 -4.23 -8.63
CA SER A 36 -6.93 -4.10 -10.01
C SER A 36 -5.90 -4.73 -10.95
N LEU A 37 -4.61 -4.41 -10.74
CA LEU A 37 -3.54 -5.02 -11.50
C LEU A 37 -3.47 -6.52 -11.23
N ALA A 38 -3.72 -6.97 -10.00
CA ALA A 38 -3.77 -8.39 -9.65
C ALA A 38 -4.96 -9.15 -10.24
N VAL A 39 -5.98 -8.44 -10.70
CA VAL A 39 -7.06 -9.01 -11.52
C VAL A 39 -6.64 -8.96 -13.01
N SER A 40 -5.96 -7.89 -13.44
CA SER A 40 -5.52 -7.69 -14.81
C SER A 40 -4.27 -8.52 -15.19
N SER A 41 -3.51 -9.03 -14.22
CA SER A 41 -2.22 -9.71 -14.37
C SER A 41 -1.84 -10.38 -13.04
N GLU A 42 -0.70 -11.08 -13.00
CA GLU A 42 -0.29 -11.92 -11.87
C GLU A 42 -0.16 -11.15 -10.54
N CYS A 43 0.28 -9.89 -10.61
CA CYS A 43 0.62 -9.04 -9.48
C CYS A 43 0.77 -7.60 -9.98
N ALA A 44 0.76 -6.67 -9.04
CA ALA A 44 1.03 -5.26 -9.23
C ALA A 44 2.54 -5.02 -9.32
N LYS A 45 3.02 -4.81 -10.55
CA LYS A 45 4.41 -4.50 -10.85
C LYS A 45 4.79 -3.21 -10.17
N VAL A 46 5.80 -3.18 -9.30
CA VAL A 46 6.17 -1.98 -8.53
C VAL A 46 6.45 -0.76 -9.44
N LYS A 47 6.80 -0.99 -10.70
CA LYS A 47 6.90 0.02 -11.76
C LYS A 47 5.56 0.79 -11.91
N ASP A 48 4.43 0.06 -11.91
CA ASP A 48 3.06 0.58 -11.88
C ASP A 48 2.93 1.59 -10.75
N ILE A 49 3.23 1.11 -9.55
CA ILE A 49 2.76 1.71 -8.32
C ILE A 49 3.60 2.96 -8.10
N LEU A 50 4.88 2.84 -8.45
CA LEU A 50 5.81 3.96 -8.43
C LEU A 50 5.36 5.03 -9.42
N LYS A 51 5.05 4.63 -10.68
CA LYS A 51 4.69 5.60 -11.72
C LYS A 51 3.45 6.35 -11.28
N GLU A 52 2.34 5.65 -11.01
CA GLU A 52 1.09 6.31 -10.69
C GLU A 52 1.25 7.19 -9.45
N ALA A 53 1.94 6.68 -8.42
CA ALA A 53 1.87 7.32 -7.12
C ALA A 53 2.68 8.62 -7.18
N GLN A 54 3.80 8.60 -7.91
CA GLN A 54 4.57 9.79 -8.26
C GLN A 54 3.77 10.75 -9.13
N GLN A 55 3.00 10.25 -10.11
CA GLN A 55 2.14 11.09 -10.95
C GLN A 55 1.01 11.75 -10.14
N VAL A 56 0.47 11.04 -9.12
CA VAL A 56 -0.47 11.58 -8.14
C VAL A 56 0.22 12.61 -7.24
N GLY A 57 1.48 12.39 -6.88
CA GLY A 57 2.33 13.38 -6.20
C GLY A 57 3.02 12.86 -4.94
N ILE A 58 2.92 11.57 -4.65
CA ILE A 58 3.63 10.92 -3.54
C ILE A 58 5.11 10.81 -3.95
N GLU A 59 6.03 10.68 -2.98
CA GLU A 59 7.45 10.57 -3.29
C GLU A 59 7.80 9.10 -3.47
N LYS A 60 8.87 8.84 -4.23
CA LYS A 60 9.52 7.55 -4.37
C LYS A 60 9.52 6.78 -3.05
N SER A 61 10.25 7.28 -2.04
CA SER A 61 10.57 6.50 -0.86
C SER A 61 9.34 6.29 -0.02
N ASN A 62 8.36 7.20 -0.04
CA ASN A 62 7.03 6.99 0.53
C ASN A 62 6.34 5.75 -0.06
N ILE A 63 6.59 5.41 -1.33
CA ILE A 63 5.96 4.25 -1.95
C ILE A 63 6.79 3.04 -1.54
N GLU A 64 8.12 3.20 -1.46
CA GLU A 64 9.00 2.16 -0.93
C GLU A 64 8.52 1.81 0.50
N LYS A 65 8.20 2.85 1.30
CA LYS A 65 7.57 2.73 2.61
C LYS A 65 6.32 1.91 2.49
N LEU A 66 5.30 2.48 1.84
CA LEU A 66 3.96 1.90 1.74
C LEU A 66 4.06 0.42 1.43
N LEU A 67 4.68 0.09 0.31
CA LEU A 67 4.78 -1.27 -0.19
C LEU A 67 5.48 -2.16 0.84
N THR A 68 6.59 -1.67 1.44
CA THR A 68 7.34 -2.41 2.45
C THR A 68 6.50 -2.63 3.70
N ASP A 69 5.85 -1.57 4.18
CA ASP A 69 5.20 -1.49 5.46
C ASP A 69 3.95 -2.38 5.39
N MET A 70 3.21 -2.27 4.29
CA MET A 70 2.09 -3.14 3.97
C MET A 70 2.52 -4.60 3.92
N ARG A 71 3.61 -4.96 3.22
CA ARG A 71 4.07 -6.36 3.22
C ARG A 71 4.67 -6.78 4.56
N LYS A 72 5.16 -5.84 5.38
CA LYS A 72 5.67 -6.11 6.72
C LYS A 72 4.56 -6.46 7.70
N SER A 73 3.38 -5.85 7.58
CA SER A 73 2.26 -6.09 8.50
C SER A 73 1.14 -6.93 7.86
N GLY A 74 1.25 -7.29 6.59
CA GLY A 74 0.47 -8.36 5.98
C GLY A 74 -0.72 -7.86 5.15
N ILE A 75 -0.76 -6.56 4.86
CA ILE A 75 -1.81 -5.93 4.08
C ILE A 75 -1.69 -6.35 2.60
N ILE A 76 -0.46 -6.55 2.12
CA ILE A 76 -0.17 -7.05 0.78
C ILE A 76 0.93 -8.12 0.93
N TYR A 77 1.15 -8.94 -0.09
CA TYR A 77 2.31 -9.84 -0.20
C TYR A 77 3.17 -9.42 -1.40
N GLU A 78 4.38 -9.97 -1.47
CA GLU A 78 5.44 -9.64 -2.40
C GLU A 78 5.71 -10.88 -3.27
N ALA A 79 5.15 -10.92 -4.48
CA ALA A 79 5.32 -12.05 -5.40
C ALA A 79 6.74 -12.07 -5.98
N LYS A 80 7.32 -10.88 -6.18
CA LYS A 80 8.71 -10.64 -6.55
C LYS A 80 9.14 -9.40 -5.77
N PRO A 81 10.45 -9.13 -5.56
CA PRO A 81 10.97 -7.87 -5.00
C PRO A 81 10.80 -6.66 -5.95
N GLU A 82 9.71 -6.69 -6.70
CA GLU A 82 9.36 -5.79 -7.77
C GLU A 82 7.90 -5.98 -8.25
N CYS A 83 7.12 -6.91 -7.66
CA CYS A 83 5.76 -7.19 -8.05
C CYS A 83 5.01 -7.66 -6.81
N TYR A 84 4.09 -6.84 -6.30
CA TYR A 84 3.39 -7.06 -5.04
C TYR A 84 1.93 -7.38 -5.36
N LYS A 85 1.19 -7.97 -4.43
CA LYS A 85 -0.20 -8.35 -4.66
C LYS A 85 -0.94 -8.16 -3.34
N LYS A 86 -2.11 -7.53 -3.37
CA LYS A 86 -2.94 -7.22 -2.24
C LYS A 86 -3.42 -8.52 -1.56
N VAL A 87 -3.34 -8.59 -0.22
CA VAL A 87 -3.68 -9.79 0.53
C VAL A 87 -5.05 -10.30 0.12
N GLY A 1 1.21 -12.48 22.81
CA GLY A 1 2.54 -12.30 23.40
C GLY A 1 2.53 -11.02 24.24
N SER A 2 3.60 -10.24 24.21
CA SER A 2 3.67 -8.91 24.83
C SER A 2 2.67 -7.92 24.21
N HIS A 3 2.16 -8.24 23.01
CA HIS A 3 0.97 -7.66 22.40
C HIS A 3 0.22 -8.79 21.68
N MET A 4 -0.87 -8.44 21.01
CA MET A 4 -1.62 -9.29 20.08
C MET A 4 -1.80 -8.51 18.77
N GLY A 5 -2.50 -9.10 17.80
CA GLY A 5 -2.87 -8.49 16.53
C GLY A 5 -3.83 -9.44 15.82
N GLU A 6 -4.40 -9.00 14.69
CA GLU A 6 -5.19 -9.84 13.79
C GLU A 6 -4.98 -9.33 12.36
N SER A 7 -5.52 -10.04 11.38
CA SER A 7 -5.27 -9.84 9.95
C SER A 7 -6.53 -10.11 9.12
N GLY A 8 -7.70 -9.78 9.68
CA GLY A 8 -9.01 -10.13 9.14
C GLY A 8 -9.94 -8.93 9.17
N LYS A 9 -10.56 -8.64 10.32
CA LYS A 9 -11.52 -7.54 10.44
C LYS A 9 -10.75 -6.25 10.70
N ILE A 10 -10.01 -5.79 9.69
CA ILE A 10 -9.48 -4.47 9.58
C ILE A 10 -10.56 -3.54 9.01
N ASP A 11 -10.28 -2.23 9.05
CA ASP A 11 -11.17 -1.17 8.61
C ASP A 11 -10.26 -0.07 8.05
N ILE A 12 -10.86 1.02 7.55
CA ILE A 12 -10.14 2.27 7.33
C ILE A 12 -10.09 3.04 8.66
N ASP A 13 -11.20 3.00 9.38
CA ASP A 13 -11.47 3.79 10.58
C ASP A 13 -10.54 3.41 11.71
N THR A 14 -10.18 2.12 11.82
CA THR A 14 -9.19 1.62 12.77
C THR A 14 -7.78 2.18 12.55
N ILE A 15 -7.56 2.92 11.46
CA ILE A 15 -6.30 3.57 11.14
C ILE A 15 -6.51 5.08 11.21
N MET A 16 -7.61 5.62 10.68
CA MET A 16 -7.92 7.05 10.81
C MET A 16 -8.08 7.44 12.29
N THR A 17 -8.47 6.50 13.16
CA THR A 17 -8.55 6.77 14.59
C THR A 17 -7.16 6.97 15.25
N GLY A 18 -6.06 6.70 14.54
CA GLY A 18 -4.69 6.87 15.02
C GLY A 18 -3.76 7.58 14.03
N LYS A 19 -4.24 7.91 12.82
CA LYS A 19 -3.50 8.58 11.77
C LYS A 19 -4.37 9.67 11.14
N PRO A 20 -3.81 10.81 10.69
CA PRO A 20 -4.57 11.79 9.93
C PRO A 20 -5.04 11.19 8.61
N LYS A 21 -6.17 11.69 8.08
CA LYS A 21 -6.77 11.11 6.88
C LYS A 21 -5.81 11.03 5.70
N SER A 22 -4.85 11.96 5.58
CA SER A 22 -3.75 11.96 4.61
C SER A 22 -3.13 10.56 4.45
N ALA A 23 -3.01 9.79 5.55
CA ALA A 23 -2.57 8.41 5.55
C ALA A 23 -3.39 7.61 4.53
N ARG A 24 -4.69 7.41 4.77
CA ARG A 24 -5.60 6.79 3.80
C ARG A 24 -5.53 7.53 2.46
N GLU A 25 -5.45 8.86 2.47
CA GLU A 25 -5.57 9.71 1.31
C GLU A 25 -4.46 9.42 0.29
N LYS A 26 -3.32 8.86 0.72
CA LYS A 26 -2.34 8.24 -0.20
C LYS A 26 -2.23 6.71 -0.11
N MET A 27 -2.46 6.09 1.05
CA MET A 27 -2.38 4.64 1.20
C MET A 27 -3.47 3.94 0.39
N MET A 28 -4.68 4.52 0.36
CA MET A 28 -5.80 4.02 -0.45
C MET A 28 -5.47 4.14 -1.94
N LYS A 29 -4.73 5.18 -2.34
CA LYS A 29 -4.23 5.30 -3.71
C LYS A 29 -3.26 4.16 -4.00
N ILE A 30 -2.28 3.93 -3.11
CA ILE A 30 -1.28 2.88 -3.29
C ILE A 30 -1.98 1.54 -3.48
N ILE A 31 -2.78 1.07 -2.52
CA ILE A 31 -3.49 -0.21 -2.64
C ILE A 31 -4.35 -0.30 -3.91
N GLU A 32 -4.94 0.80 -4.39
CA GLU A 32 -5.65 0.82 -5.65
C GLU A 32 -4.69 0.59 -6.81
N ILE A 33 -3.55 1.29 -6.84
CA ILE A 33 -2.55 1.08 -7.88
C ILE A 33 -2.05 -0.37 -7.82
N ILE A 34 -1.75 -0.89 -6.62
CA ILE A 34 -1.27 -2.26 -6.42
C ILE A 34 -2.28 -3.18 -7.07
N ASP A 35 -3.55 -3.08 -6.67
CA ASP A 35 -4.51 -4.09 -7.07
C ASP A 35 -4.97 -3.89 -8.52
N SER A 36 -5.12 -2.64 -8.97
CA SER A 36 -5.48 -2.33 -10.36
C SER A 36 -4.37 -2.77 -11.32
N LEU A 37 -3.10 -2.71 -10.92
CA LEU A 37 -2.02 -3.35 -11.66
C LEU A 37 -2.15 -4.87 -11.57
N ALA A 38 -2.25 -5.39 -10.34
CA ALA A 38 -2.17 -6.82 -10.04
C ALA A 38 -3.39 -7.62 -10.51
N VAL A 39 -4.48 -6.98 -10.97
CA VAL A 39 -5.60 -7.66 -11.63
C VAL A 39 -5.21 -8.14 -13.04
N SER A 40 -4.21 -7.52 -13.67
CA SER A 40 -3.83 -7.72 -15.07
C SER A 40 -2.33 -7.99 -15.24
N SER A 41 -1.62 -8.16 -14.13
CA SER A 41 -0.20 -8.50 -14.02
C SER A 41 -0.07 -9.64 -13.02
N GLU A 42 1.09 -10.30 -13.00
CA GLU A 42 1.46 -11.15 -11.88
C GLU A 42 1.41 -10.33 -10.60
N CYS A 43 2.00 -9.13 -10.64
CA CYS A 43 2.16 -8.25 -9.51
C CYS A 43 2.43 -6.81 -9.98
N ALA A 44 2.35 -5.87 -9.04
CA ALA A 44 2.55 -4.44 -9.22
C ALA A 44 4.02 -4.09 -8.97
N LYS A 45 4.73 -3.68 -10.02
CA LYS A 45 6.14 -3.32 -9.88
C LYS A 45 6.24 -2.02 -9.10
N VAL A 46 7.21 -1.92 -8.19
CA VAL A 46 7.61 -0.69 -7.53
C VAL A 46 7.88 0.40 -8.58
N LYS A 47 8.34 0.07 -9.80
CA LYS A 47 8.49 1.04 -10.88
C LYS A 47 7.16 1.72 -11.17
N ASP A 48 6.06 0.95 -11.24
CA ASP A 48 4.80 1.53 -11.65
C ASP A 48 4.28 2.44 -10.54
N ILE A 49 4.44 1.98 -9.30
CA ILE A 49 3.90 2.62 -8.11
C ILE A 49 4.69 3.91 -7.89
N LEU A 50 6.03 3.84 -7.99
CA LEU A 50 6.88 5.02 -7.93
C LEU A 50 6.52 6.03 -9.00
N LYS A 51 6.23 5.57 -10.24
CA LYS A 51 5.80 6.47 -11.30
C LYS A 51 4.52 7.20 -10.85
N GLU A 52 3.43 6.47 -10.62
CA GLU A 52 2.13 7.11 -10.41
C GLU A 52 2.07 7.86 -9.08
N ALA A 53 2.77 7.38 -8.04
CA ALA A 53 2.84 8.12 -6.78
C ALA A 53 3.70 9.38 -6.89
N GLN A 54 4.75 9.41 -7.72
CA GLN A 54 5.44 10.66 -8.03
C GLN A 54 4.55 11.59 -8.87
N GLN A 55 3.75 11.05 -9.80
CA GLN A 55 2.74 11.84 -10.53
C GLN A 55 1.70 12.44 -9.57
N VAL A 56 1.25 11.68 -8.55
CA VAL A 56 0.39 12.18 -7.47
C VAL A 56 1.13 13.25 -6.64
N GLY A 57 2.44 13.13 -6.46
CA GLY A 57 3.29 14.20 -5.94
C GLY A 57 4.20 13.77 -4.79
N ILE A 58 4.33 12.47 -4.53
CA ILE A 58 5.02 11.93 -3.37
C ILE A 58 6.48 11.67 -3.76
N GLU A 59 7.43 11.74 -2.81
CA GLU A 59 8.84 11.50 -3.08
C GLU A 59 9.05 10.00 -3.22
N LYS A 60 9.86 9.57 -4.18
CA LYS A 60 10.33 8.18 -4.34
C LYS A 60 10.74 7.57 -3.00
N SER A 61 11.53 8.30 -2.19
CA SER A 61 12.00 7.79 -0.91
C SER A 61 10.83 7.62 0.08
N ASN A 62 9.81 8.49 -0.02
CA ASN A 62 8.59 8.43 0.78
C ASN A 62 7.73 7.25 0.37
N ILE A 63 7.65 6.99 -0.93
CA ILE A 63 6.94 5.86 -1.51
C ILE A 63 7.63 4.59 -1.03
N GLU A 64 8.95 4.61 -0.91
CA GLU A 64 9.71 3.45 -0.47
C GLU A 64 9.40 3.18 1.00
N LYS A 65 9.32 4.22 1.85
CA LYS A 65 8.82 3.99 3.22
C LYS A 65 7.40 3.41 3.21
N LEU A 66 6.50 4.03 2.46
CA LEU A 66 5.08 3.66 2.40
C LEU A 66 4.92 2.19 2.02
N LEU A 67 5.44 1.82 0.85
CA LEU A 67 5.33 0.50 0.26
C LEU A 67 5.99 -0.54 1.19
N THR A 68 7.13 -0.17 1.80
CA THR A 68 7.75 -0.97 2.86
C THR A 68 6.77 -1.18 4.01
N ASP A 69 6.20 -0.12 4.59
CA ASP A 69 5.28 -0.22 5.72
C ASP A 69 4.10 -1.11 5.35
N MET A 70 3.62 -1.03 4.11
CA MET A 70 2.58 -1.90 3.58
C MET A 70 2.97 -3.37 3.59
N ARG A 71 4.06 -3.76 2.88
CA ARG A 71 4.47 -5.17 2.80
C ARG A 71 4.81 -5.72 4.18
N LYS A 72 5.37 -4.85 5.03
CA LYS A 72 5.85 -5.17 6.35
C LYS A 72 4.68 -5.35 7.32
N SER A 73 3.67 -4.48 7.27
CA SER A 73 2.50 -4.55 8.13
C SER A 73 1.42 -5.50 7.59
N GLY A 74 1.52 -5.97 6.34
CA GLY A 74 0.57 -6.91 5.77
C GLY A 74 -0.65 -6.22 5.17
N ILE A 75 -0.41 -5.06 4.52
CA ILE A 75 -1.37 -4.37 3.66
C ILE A 75 -1.20 -4.87 2.21
N ILE A 76 0.03 -5.22 1.85
CA ILE A 76 0.41 -5.86 0.61
C ILE A 76 1.41 -6.96 0.97
N TYR A 77 1.90 -7.69 -0.02
CA TYR A 77 3.06 -8.58 0.07
C TYR A 77 3.80 -8.54 -1.25
N GLU A 78 5.04 -9.01 -1.24
CA GLU A 78 5.96 -8.98 -2.36
C GLU A 78 6.02 -10.38 -3.00
N ALA A 79 5.29 -10.55 -4.10
CA ALA A 79 5.12 -11.84 -4.77
C ALA A 79 6.36 -12.23 -5.56
N LYS A 80 7.04 -11.25 -6.14
CA LYS A 80 8.37 -11.35 -6.75
C LYS A 80 9.13 -10.08 -6.34
N PRO A 81 10.47 -10.04 -6.41
CA PRO A 81 11.24 -8.88 -5.96
C PRO A 81 10.77 -7.60 -6.67
N GLU A 82 10.55 -6.56 -5.85
CA GLU A 82 9.94 -5.27 -6.16
C GLU A 82 8.52 -5.35 -6.74
N CYS A 83 7.84 -6.50 -6.66
CA CYS A 83 6.61 -6.76 -7.41
C CYS A 83 5.54 -7.27 -6.45
N TYR A 84 4.65 -6.36 -6.03
CA TYR A 84 3.72 -6.59 -4.92
C TYR A 84 2.35 -7.11 -5.38
N LYS A 85 1.56 -7.60 -4.42
CA LYS A 85 0.11 -7.78 -4.58
C LYS A 85 -0.56 -7.36 -3.27
N LYS A 86 -1.83 -6.97 -3.33
CA LYS A 86 -2.57 -6.44 -2.19
C LYS A 86 -3.12 -7.57 -1.29
N VAL A 87 -3.44 -7.25 -0.04
CA VAL A 87 -4.27 -8.07 0.84
C VAL A 87 -5.28 -7.13 1.50
N GLY A 1 -28.04 -5.08 0.42
CA GLY A 1 -27.73 -3.74 0.95
C GLY A 1 -27.02 -2.98 -0.14
N SER A 2 -25.69 -2.84 -0.03
CA SER A 2 -24.85 -3.03 -1.19
C SER A 2 -24.92 -4.51 -1.63
N HIS A 3 -24.21 -4.85 -2.70
CA HIS A 3 -24.00 -6.23 -3.16
C HIS A 3 -22.51 -6.61 -3.14
N MET A 4 -21.66 -5.72 -2.60
CA MET A 4 -20.23 -5.89 -2.34
C MET A 4 -19.91 -5.08 -1.07
N GLY A 5 -18.66 -5.14 -0.58
CA GLY A 5 -18.22 -4.38 0.59
C GLY A 5 -16.73 -4.59 0.85
N GLU A 6 -16.21 -3.95 1.91
CA GLU A 6 -14.84 -4.08 2.40
C GLU A 6 -14.55 -5.53 2.75
N SER A 7 -14.04 -6.29 1.78
CA SER A 7 -14.02 -7.75 1.75
C SER A 7 -12.84 -8.35 2.54
N GLY A 8 -12.46 -7.71 3.64
CA GLY A 8 -11.45 -8.14 4.59
C GLY A 8 -11.53 -7.22 5.81
N LYS A 9 -11.11 -7.68 7.00
CA LYS A 9 -11.38 -6.93 8.23
C LYS A 9 -10.32 -5.87 8.51
N ILE A 10 -10.21 -4.93 7.57
CA ILE A 10 -9.64 -3.60 7.73
C ILE A 10 -10.84 -2.65 7.51
N ASP A 11 -10.68 -1.36 7.83
CA ASP A 11 -11.66 -0.30 7.60
C ASP A 11 -10.87 0.99 7.41
N ILE A 12 -11.56 2.07 7.06
CA ILE A 12 -11.01 3.43 7.15
C ILE A 12 -10.96 3.88 8.61
N ASP A 13 -11.98 3.52 9.40
CA ASP A 13 -12.15 4.03 10.76
C ASP A 13 -11.15 3.38 11.68
N THR A 14 -10.93 2.09 11.47
CA THR A 14 -9.86 1.25 12.01
C THR A 14 -8.48 1.94 11.95
N ILE A 15 -8.28 2.91 11.04
CA ILE A 15 -7.14 3.82 11.05
C ILE A 15 -7.52 5.07 11.85
N MET A 16 -8.48 5.84 11.34
CA MET A 16 -8.78 7.20 11.78
C MET A 16 -9.15 7.31 13.26
N THR A 17 -9.64 6.21 13.84
CA THR A 17 -10.06 6.14 15.23
C THR A 17 -8.88 6.36 16.19
N GLY A 18 -7.63 6.14 15.72
CA GLY A 18 -6.42 6.40 16.50
C GLY A 18 -5.27 7.00 15.69
N LYS A 19 -5.41 7.24 14.38
CA LYS A 19 -4.37 7.76 13.51
C LYS A 19 -4.85 9.04 12.82
N PRO A 20 -3.94 9.95 12.43
CA PRO A 20 -4.29 11.13 11.65
C PRO A 20 -4.65 10.78 10.20
N LYS A 21 -5.25 11.75 9.49
CA LYS A 21 -5.62 11.61 8.09
C LYS A 21 -4.42 11.17 7.26
N SER A 22 -3.30 11.90 7.31
CA SER A 22 -2.00 11.61 6.69
C SER A 22 -1.63 10.12 6.66
N ALA A 23 -1.92 9.37 7.74
CA ALA A 23 -1.58 7.96 7.85
C ALA A 23 -2.31 7.21 6.75
N ARG A 24 -3.64 7.18 6.79
CA ARG A 24 -4.40 6.60 5.69
C ARG A 24 -4.06 7.34 4.38
N GLU A 25 -3.98 8.67 4.36
CA GLU A 25 -3.84 9.46 3.13
C GLU A 25 -2.58 9.07 2.35
N LYS A 26 -1.55 8.49 3.00
CA LYS A 26 -0.46 7.81 2.28
C LYS A 26 -0.66 6.29 2.19
N MET A 27 -0.99 5.60 3.29
CA MET A 27 -1.05 4.13 3.33
C MET A 27 -2.13 3.59 2.37
N MET A 28 -3.27 4.27 2.36
CA MET A 28 -4.45 4.01 1.54
C MET A 28 -4.23 4.34 0.06
N LYS A 29 -3.21 5.14 -0.26
CA LYS A 29 -2.71 5.32 -1.61
C LYS A 29 -1.73 4.19 -1.95
N ILE A 30 -0.76 3.91 -1.08
CA ILE A 30 0.27 2.89 -1.31
C ILE A 30 -0.38 1.56 -1.64
N ILE A 31 -1.23 1.05 -0.74
CA ILE A 31 -1.93 -0.24 -0.94
C ILE A 31 -2.58 -0.32 -2.31
N GLU A 32 -3.14 0.81 -2.71
CA GLU A 32 -3.93 0.90 -3.90
C GLU A 32 -3.01 0.79 -5.10
N ILE A 33 -1.84 1.45 -5.11
CA ILE A 33 -0.87 1.21 -6.18
C ILE A 33 -0.51 -0.28 -6.21
N ILE A 34 -0.31 -0.90 -5.04
CA ILE A 34 0.15 -2.28 -4.98
C ILE A 34 -0.92 -3.19 -5.57
N ASP A 35 -2.19 -3.01 -5.19
CA ASP A 35 -3.27 -3.82 -5.76
C ASP A 35 -3.47 -3.49 -7.23
N SER A 36 -3.46 -2.20 -7.61
CA SER A 36 -3.68 -1.75 -8.97
C SER A 36 -2.57 -2.23 -9.93
N LEU A 37 -1.37 -2.53 -9.41
CA LEU A 37 -0.32 -3.22 -10.15
C LEU A 37 -0.52 -4.74 -10.10
N ALA A 38 -0.80 -5.29 -8.91
CA ALA A 38 -0.87 -6.72 -8.65
C ALA A 38 -2.11 -7.41 -9.24
N VAL A 39 -3.15 -6.66 -9.62
CA VAL A 39 -4.39 -7.14 -10.22
C VAL A 39 -4.17 -7.93 -11.53
N SER A 40 -2.98 -7.83 -12.14
CA SER A 40 -2.60 -8.66 -13.28
C SER A 40 -1.08 -8.92 -13.27
N SER A 41 -0.47 -8.94 -12.08
CA SER A 41 0.96 -9.17 -11.91
C SER A 41 1.18 -10.16 -10.77
N GLU A 42 2.37 -10.76 -10.71
CA GLU A 42 2.80 -11.51 -9.52
C GLU A 42 2.74 -10.59 -8.31
N CYS A 43 3.28 -9.39 -8.46
CA CYS A 43 3.51 -8.40 -7.43
C CYS A 43 3.53 -7.02 -8.07
N ALA A 44 3.49 -6.01 -7.21
CA ALA A 44 3.88 -4.66 -7.57
C ALA A 44 5.41 -4.60 -7.55
N LYS A 45 6.01 -4.35 -8.72
CA LYS A 45 7.38 -3.87 -8.80
C LYS A 45 7.49 -2.56 -8.04
N VAL A 46 8.36 -2.54 -7.05
CA VAL A 46 8.67 -1.39 -6.20
C VAL A 46 9.13 -0.21 -7.06
N LYS A 47 9.75 -0.45 -8.22
CA LYS A 47 10.13 0.58 -9.18
C LYS A 47 8.89 1.33 -9.67
N ASP A 48 7.79 0.61 -9.95
CA ASP A 48 6.55 1.24 -10.36
C ASP A 48 5.90 1.98 -9.19
N ILE A 49 5.97 1.39 -7.98
CA ILE A 49 5.40 2.05 -6.81
C ILE A 49 6.15 3.35 -6.57
N LEU A 50 7.48 3.31 -6.63
CA LEU A 50 8.35 4.48 -6.54
C LEU A 50 7.95 5.53 -7.56
N LYS A 51 7.73 5.15 -8.83
CA LYS A 51 7.25 6.09 -9.84
C LYS A 51 5.94 6.71 -9.38
N GLU A 52 4.89 5.90 -9.19
CA GLU A 52 3.55 6.45 -9.07
C GLU A 52 3.35 7.13 -7.70
N ALA A 53 4.04 6.68 -6.65
CA ALA A 53 4.06 7.37 -5.36
C ALA A 53 4.85 8.69 -5.43
N GLN A 54 5.91 8.78 -6.25
CA GLN A 54 6.56 10.05 -6.53
C GLN A 54 5.60 10.98 -7.30
N GLN A 55 4.84 10.45 -8.27
CA GLN A 55 3.80 11.21 -8.97
C GLN A 55 2.69 11.67 -8.01
N VAL A 56 2.29 10.83 -7.05
CA VAL A 56 1.37 11.20 -5.97
C VAL A 56 1.95 12.33 -5.12
N GLY A 57 3.25 12.29 -4.83
CA GLY A 57 3.94 13.38 -4.17
C GLY A 57 4.94 12.97 -3.08
N ILE A 58 5.23 11.67 -2.93
CA ILE A 58 6.02 11.12 -1.83
C ILE A 58 7.49 11.03 -2.28
N GLU A 59 8.45 11.00 -1.35
CA GLU A 59 9.87 10.96 -1.72
C GLU A 59 10.29 9.50 -1.81
N LYS A 60 11.23 9.21 -2.72
CA LYS A 60 11.89 7.91 -2.93
C LYS A 60 12.16 7.23 -1.59
N SER A 61 12.94 7.88 -0.72
CA SER A 61 13.37 7.31 0.55
C SER A 61 12.15 6.95 1.39
N ASN A 62 11.14 7.83 1.38
CA ASN A 62 9.91 7.61 2.11
C ASN A 62 9.18 6.39 1.60
N ILE A 63 9.11 6.21 0.28
CA ILE A 63 8.44 5.07 -0.32
C ILE A 63 9.21 3.81 0.08
N GLU A 64 10.54 3.88 0.18
CA GLU A 64 11.35 2.71 0.49
C GLU A 64 11.06 2.26 1.93
N LYS A 65 11.15 3.19 2.89
CA LYS A 65 10.85 2.90 4.28
C LYS A 65 9.37 2.55 4.48
N LEU A 66 8.44 3.20 3.76
CA LEU A 66 7.02 2.85 3.80
C LEU A 66 6.84 1.42 3.34
N LEU A 67 7.21 1.08 2.10
CA LEU A 67 6.92 -0.21 1.53
C LEU A 67 7.54 -1.32 2.40
N THR A 68 8.74 -1.07 2.94
CA THR A 68 9.39 -1.91 3.94
C THR A 68 8.48 -2.09 5.15
N ASP A 69 8.05 -0.98 5.80
CA ASP A 69 7.15 -1.03 6.96
C ASP A 69 5.93 -1.85 6.61
N MET A 70 5.31 -1.58 5.46
CA MET A 70 4.01 -2.10 5.13
C MET A 70 4.09 -3.64 4.98
N ARG A 71 5.17 -4.14 4.36
CA ARG A 71 5.53 -5.56 4.28
C ARG A 71 5.78 -6.15 5.66
N LYS A 72 6.40 -5.36 6.52
CA LYS A 72 6.86 -5.76 7.85
C LYS A 72 5.70 -5.81 8.85
N SER A 73 4.81 -4.84 8.77
CA SER A 73 3.61 -4.64 9.56
C SER A 73 2.47 -5.54 9.07
N GLY A 74 2.52 -6.02 7.82
CA GLY A 74 1.66 -7.09 7.33
C GLY A 74 0.52 -6.59 6.46
N ILE A 75 0.59 -5.32 6.05
CA ILE A 75 -0.29 -4.69 5.08
C ILE A 75 -0.12 -5.42 3.73
N ILE A 76 1.15 -5.65 3.39
CA ILE A 76 1.61 -6.26 2.17
C ILE A 76 2.66 -7.29 2.60
N TYR A 77 3.36 -7.91 1.66
CA TYR A 77 4.54 -8.71 1.92
C TYR A 77 5.48 -8.57 0.73
N GLU A 78 6.76 -8.90 0.94
CA GLU A 78 7.67 -9.12 -0.17
C GLU A 78 7.28 -10.43 -0.83
N ALA A 79 7.55 -10.56 -2.12
CA ALA A 79 7.51 -11.81 -2.87
C ALA A 79 8.87 -12.12 -3.48
N LYS A 80 9.56 -11.10 -4.01
CA LYS A 80 10.89 -11.19 -4.60
C LYS A 80 11.58 -9.84 -4.31
N PRO A 81 12.90 -9.69 -4.52
CA PRO A 81 13.54 -8.38 -4.45
C PRO A 81 12.83 -7.40 -5.38
N GLU A 82 12.60 -6.18 -4.87
CA GLU A 82 11.82 -5.10 -5.47
C GLU A 82 10.39 -5.50 -5.90
N CYS A 83 9.80 -6.55 -5.32
CA CYS A 83 8.54 -7.13 -5.77
C CYS A 83 7.69 -7.48 -4.56
N TYR A 84 6.70 -6.62 -4.25
CA TYR A 84 5.88 -6.69 -3.04
C TYR A 84 4.42 -6.90 -3.48
N LYS A 85 3.60 -7.62 -2.70
CA LYS A 85 2.18 -7.81 -3.05
C LYS A 85 1.32 -7.62 -1.81
N LYS A 86 0.09 -7.14 -2.02
CA LYS A 86 -0.86 -6.83 -0.97
C LYS A 86 -1.32 -8.11 -0.25
N VAL A 87 -1.62 -7.99 1.05
CA VAL A 87 -2.45 -8.96 1.76
C VAL A 87 -3.91 -8.79 1.34
N GLY A 1 -10.52 0.63 -1.97
CA GLY A 1 -10.40 0.83 -0.51
C GLY A 1 -10.91 -0.40 0.20
N SER A 2 -12.09 -0.30 0.82
CA SER A 2 -12.99 -1.43 0.97
C SER A 2 -13.35 -1.98 -0.43
N HIS A 3 -14.09 -3.10 -0.50
CA HIS A 3 -14.30 -3.85 -1.74
C HIS A 3 -15.77 -4.21 -1.89
N MET A 4 -16.13 -4.74 -3.08
CA MET A 4 -17.53 -5.00 -3.46
C MET A 4 -18.04 -6.28 -2.79
N GLY A 5 -17.40 -7.43 -3.05
CA GLY A 5 -17.93 -8.73 -2.65
C GLY A 5 -17.88 -8.95 -1.14
N GLU A 6 -16.90 -8.36 -0.46
CA GLU A 6 -16.77 -8.32 0.98
C GLU A 6 -15.93 -7.09 1.35
N SER A 7 -16.03 -6.63 2.60
CA SER A 7 -15.01 -5.80 3.22
C SER A 7 -13.94 -6.74 3.76
N GLY A 8 -12.72 -6.67 3.22
CA GLY A 8 -11.57 -7.32 3.84
C GLY A 8 -11.30 -6.67 5.20
N LYS A 9 -10.40 -7.27 6.00
CA LYS A 9 -10.18 -6.84 7.39
C LYS A 9 -9.56 -5.44 7.53
N ILE A 10 -9.29 -4.72 6.44
CA ILE A 10 -8.76 -3.36 6.44
C ILE A 10 -9.70 -2.52 5.57
N ASP A 11 -10.33 -1.54 6.22
CA ASP A 11 -11.12 -0.46 5.61
C ASP A 11 -10.35 0.83 5.80
N ILE A 12 -10.88 1.94 5.29
CA ILE A 12 -10.40 3.28 5.60
C ILE A 12 -10.74 3.55 7.07
N ASP A 13 -11.99 3.28 7.41
CA ASP A 13 -12.67 3.72 8.61
C ASP A 13 -12.03 3.11 9.85
N THR A 14 -11.78 1.79 9.81
CA THR A 14 -11.17 1.02 10.90
C THR A 14 -9.76 1.49 11.26
N ILE A 15 -9.16 2.34 10.43
CA ILE A 15 -7.81 2.88 10.61
C ILE A 15 -7.94 4.30 11.10
N MET A 16 -8.57 5.14 10.30
CA MET A 16 -8.68 6.57 10.54
C MET A 16 -9.49 6.89 11.80
N THR A 17 -10.32 5.94 12.28
CA THR A 17 -11.02 6.09 13.54
C THR A 17 -10.03 6.15 14.74
N GLY A 18 -8.84 5.54 14.63
CA GLY A 18 -7.87 5.43 15.71
C GLY A 18 -6.47 5.93 15.34
N LYS A 19 -6.24 6.34 14.10
CA LYS A 19 -4.95 6.86 13.62
C LYS A 19 -5.17 8.20 12.91
N PRO A 20 -4.18 9.11 12.94
CA PRO A 20 -4.31 10.42 12.30
C PRO A 20 -4.50 10.25 10.79
N LYS A 21 -5.45 10.98 10.21
CA LYS A 21 -5.99 10.65 8.89
C LYS A 21 -4.94 10.58 7.78
N SER A 22 -3.82 11.31 7.89
CA SER A 22 -2.66 11.21 6.99
C SER A 22 -2.20 9.75 6.80
N ALA A 23 -2.32 8.92 7.85
CA ALA A 23 -2.07 7.48 7.78
C ALA A 23 -2.84 6.91 6.60
N ARG A 24 -4.18 6.95 6.64
CA ARG A 24 -5.00 6.57 5.49
C ARG A 24 -4.55 7.38 4.27
N GLU A 25 -4.32 8.68 4.40
CA GLU A 25 -4.21 9.61 3.29
C GLU A 25 -2.99 9.33 2.40
N LYS A 26 -2.02 8.55 2.91
CA LYS A 26 -1.01 7.90 2.05
C LYS A 26 -1.16 6.37 1.98
N MET A 27 -1.50 5.66 3.06
CA MET A 27 -1.60 4.21 3.05
C MET A 27 -2.64 3.74 2.06
N MET A 28 -3.81 4.37 2.07
CA MET A 28 -4.96 4.04 1.25
C MET A 28 -4.68 4.25 -0.23
N LYS A 29 -3.74 5.15 -0.55
CA LYS A 29 -3.21 5.28 -1.90
C LYS A 29 -2.29 4.11 -2.17
N ILE A 30 -1.22 3.97 -1.37
CA ILE A 30 -0.14 3.00 -1.56
C ILE A 30 -0.75 1.63 -1.85
N ILE A 31 -1.56 1.10 -0.92
CA ILE A 31 -2.15 -0.23 -1.01
C ILE A 31 -2.98 -0.44 -2.28
N GLU A 32 -3.57 0.63 -2.84
CA GLU A 32 -4.39 0.57 -4.02
C GLU A 32 -3.53 0.76 -5.28
N ILE A 33 -2.33 1.36 -5.19
CA ILE A 33 -1.34 1.28 -6.27
C ILE A 33 -0.90 -0.19 -6.38
N ILE A 34 -0.66 -0.85 -5.23
CA ILE A 34 -0.22 -2.24 -5.18
C ILE A 34 -1.32 -3.08 -5.82
N ASP A 35 -2.57 -2.89 -5.38
CA ASP A 35 -3.68 -3.67 -5.90
C ASP A 35 -3.86 -3.40 -7.40
N SER A 36 -3.72 -2.14 -7.83
CA SER A 36 -3.86 -1.77 -9.23
C SER A 36 -2.79 -2.43 -10.09
N LEU A 37 -1.52 -2.31 -9.69
CA LEU A 37 -0.39 -2.90 -10.42
C LEU A 37 -0.46 -4.43 -10.40
N ALA A 38 -0.92 -5.01 -9.29
CA ALA A 38 -0.95 -6.45 -9.07
C ALA A 38 -2.28 -7.10 -9.46
N VAL A 39 -3.19 -6.38 -10.11
CA VAL A 39 -4.45 -6.94 -10.61
C VAL A 39 -4.19 -7.96 -11.74
N SER A 40 -3.10 -7.78 -12.48
CA SER A 40 -2.72 -8.51 -13.69
C SER A 40 -1.30 -9.08 -13.57
N SER A 41 -0.76 -9.11 -12.35
CA SER A 41 0.57 -9.58 -12.01
C SER A 41 0.46 -10.37 -10.71
N GLU A 42 1.50 -11.14 -10.37
CA GLU A 42 1.61 -11.70 -9.03
C GLU A 42 1.65 -10.55 -8.01
N CYS A 43 2.40 -9.50 -8.31
CA CYS A 43 2.83 -8.47 -7.39
C CYS A 43 3.16 -7.17 -8.13
N ALA A 44 3.43 -6.11 -7.36
CA ALA A 44 3.71 -4.75 -7.82
C ALA A 44 5.17 -4.39 -7.52
N LYS A 45 5.95 -4.05 -8.54
CA LYS A 45 7.36 -3.66 -8.38
C LYS A 45 7.43 -2.34 -7.61
N VAL A 46 8.26 -2.24 -6.57
CA VAL A 46 8.49 -0.98 -5.88
C VAL A 46 9.03 0.09 -6.81
N LYS A 47 9.67 -0.26 -7.93
CA LYS A 47 10.06 0.69 -8.96
C LYS A 47 8.83 1.43 -9.48
N ASP A 48 7.74 0.70 -9.70
CA ASP A 48 6.54 1.29 -10.26
C ASP A 48 5.89 2.18 -9.21
N ILE A 49 5.85 1.70 -7.96
CA ILE A 49 5.24 2.40 -6.84
C ILE A 49 6.05 3.67 -6.55
N LEU A 50 7.38 3.59 -6.58
CA LEU A 50 8.28 4.72 -6.45
C LEU A 50 7.97 5.76 -7.50
N LYS A 51 7.80 5.35 -8.77
CA LYS A 51 7.38 6.30 -9.80
C LYS A 51 6.03 6.91 -9.40
N GLU A 52 4.99 6.09 -9.24
CA GLU A 52 3.63 6.59 -9.14
C GLU A 52 3.46 7.45 -7.89
N ALA A 53 4.08 7.07 -6.77
CA ALA A 53 4.04 7.85 -5.54
C ALA A 53 4.91 9.11 -5.61
N GLN A 54 6.00 9.14 -6.39
CA GLN A 54 6.66 10.41 -6.72
C GLN A 54 5.73 11.28 -7.57
N GLN A 55 4.81 10.72 -8.36
CA GLN A 55 3.73 11.51 -8.96
C GLN A 55 2.68 11.95 -7.91
N VAL A 56 2.22 11.07 -7.00
CA VAL A 56 1.18 11.46 -6.02
C VAL A 56 1.68 12.51 -5.03
N GLY A 57 3.00 12.60 -4.81
CA GLY A 57 3.65 13.70 -4.12
C GLY A 57 4.40 13.24 -2.87
N ILE A 58 5.05 12.08 -2.95
CA ILE A 58 5.77 11.46 -1.85
C ILE A 58 7.23 11.27 -2.31
N GLU A 59 8.17 11.24 -1.36
CA GLU A 59 9.59 11.15 -1.67
C GLU A 59 10.01 9.68 -1.65
N LYS A 60 11.00 9.34 -2.48
CA LYS A 60 11.65 8.03 -2.60
C LYS A 60 11.72 7.30 -1.26
N SER A 61 12.43 7.90 -0.30
CA SER A 61 12.78 7.20 0.93
C SER A 61 11.54 7.07 1.80
N ASN A 62 10.63 8.06 1.73
CA ASN A 62 9.32 7.95 2.33
C ASN A 62 8.52 6.77 1.79
N ILE A 63 8.54 6.55 0.47
CA ILE A 63 7.78 5.47 -0.17
C ILE A 63 8.33 4.15 0.32
N GLU A 64 9.66 4.05 0.40
CA GLU A 64 10.32 2.78 0.74
C GLU A 64 10.21 2.48 2.24
N LYS A 65 10.25 3.49 3.12
CA LYS A 65 9.99 3.27 4.53
C LYS A 65 8.51 2.99 4.79
N LEU A 66 7.58 3.58 4.02
CA LEU A 66 6.16 3.24 4.13
C LEU A 66 5.92 1.81 3.67
N LEU A 67 6.43 1.42 2.49
CA LEU A 67 6.39 0.03 2.04
C LEU A 67 7.01 -0.91 3.08
N THR A 68 8.12 -0.49 3.70
CA THR A 68 8.76 -1.23 4.78
C THR A 68 7.83 -1.38 5.97
N ASP A 69 7.16 -0.31 6.43
CA ASP A 69 6.17 -0.40 7.51
C ASP A 69 5.09 -1.42 7.15
N MET A 70 4.61 -1.38 5.90
CA MET A 70 3.61 -2.30 5.41
C MET A 70 4.10 -3.76 5.43
N ARG A 71 5.21 -4.08 4.74
CA ARG A 71 5.72 -5.45 4.62
C ARG A 71 6.23 -5.97 5.97
N LYS A 72 6.74 -5.09 6.83
CA LYS A 72 7.23 -5.49 8.14
C LYS A 72 6.08 -5.76 9.10
N SER A 73 4.97 -5.01 8.98
CA SER A 73 3.76 -5.23 9.78
C SER A 73 2.93 -6.39 9.23
N GLY A 74 3.01 -6.67 7.92
CA GLY A 74 2.28 -7.73 7.24
C GLY A 74 1.04 -7.21 6.50
N ILE A 75 0.91 -5.89 6.30
CA ILE A 75 -0.13 -5.28 5.46
C ILE A 75 0.03 -5.83 4.03
N ILE A 76 1.29 -5.90 3.59
CA ILE A 76 1.72 -6.49 2.33
C ILE A 76 2.82 -7.50 2.67
N TYR A 77 3.35 -8.15 1.66
CA TYR A 77 4.59 -8.92 1.68
C TYR A 77 5.32 -8.64 0.37
N GLU A 78 6.60 -8.99 0.33
CA GLU A 78 7.36 -9.08 -0.91
C GLU A 78 7.03 -10.39 -1.56
N ALA A 79 7.69 -11.44 -1.08
CA ALA A 79 7.80 -12.75 -1.65
C ALA A 79 8.49 -12.82 -3.02
N LYS A 80 8.44 -11.76 -3.84
CA LYS A 80 9.04 -11.70 -5.17
C LYS A 80 10.07 -10.56 -5.21
N PRO A 81 11.10 -10.62 -6.08
CA PRO A 81 12.19 -9.65 -6.10
C PRO A 81 11.66 -8.25 -6.43
N GLU A 82 11.88 -7.31 -5.50
CA GLU A 82 11.37 -5.93 -5.50
C GLU A 82 9.85 -5.81 -5.64
N CYS A 83 9.09 -6.89 -5.50
CA CYS A 83 7.74 -6.96 -6.03
C CYS A 83 6.80 -7.43 -4.93
N TYR A 84 5.84 -6.58 -4.56
CA TYR A 84 5.07 -6.64 -3.32
C TYR A 84 3.60 -6.97 -3.62
N LYS A 85 2.87 -7.60 -2.68
CA LYS A 85 1.42 -7.69 -2.79
C LYS A 85 0.75 -7.65 -1.42
N LYS A 86 -0.52 -7.24 -1.38
CA LYS A 86 -1.35 -7.19 -0.18
C LYS A 86 -1.63 -8.57 0.39
N VAL A 87 -1.72 -8.62 1.72
CA VAL A 87 -2.41 -9.70 2.43
C VAL A 87 -3.92 -9.42 2.33
N GLY A 1 -18.77 -12.31 -12.12
CA GLY A 1 -18.54 -11.65 -10.82
C GLY A 1 -17.47 -12.39 -10.04
N SER A 2 -17.19 -11.93 -8.82
CA SER A 2 -16.20 -12.50 -7.91
C SER A 2 -16.65 -12.21 -6.48
N HIS A 3 -15.87 -12.66 -5.48
CA HIS A 3 -16.09 -12.36 -4.07
C HIS A 3 -14.73 -12.27 -3.39
N MET A 4 -14.67 -11.64 -2.21
CA MET A 4 -13.44 -11.43 -1.44
C MET A 4 -13.26 -12.49 -0.34
N GLY A 5 -14.20 -13.44 -0.22
CA GLY A 5 -14.21 -14.40 0.88
C GLY A 5 -14.37 -13.69 2.24
N GLU A 6 -15.12 -12.58 2.27
CA GLU A 6 -15.33 -11.68 3.41
C GLU A 6 -14.07 -10.86 3.80
N SER A 7 -12.88 -11.34 3.43
CA SER A 7 -11.55 -10.83 3.80
C SER A 7 -11.35 -9.32 3.64
N GLY A 8 -11.93 -8.70 2.61
CA GLY A 8 -11.69 -7.31 2.24
C GLY A 8 -12.43 -6.36 3.17
N LYS A 9 -11.97 -6.27 4.43
CA LYS A 9 -12.74 -5.74 5.54
C LYS A 9 -11.99 -4.71 6.40
N ILE A 10 -10.74 -4.39 6.06
CA ILE A 10 -10.05 -3.25 6.68
C ILE A 10 -10.75 -2.01 6.14
N ASP A 11 -11.42 -1.29 7.03
CA ASP A 11 -12.11 -0.03 6.74
C ASP A 11 -11.08 1.08 6.52
N ILE A 12 -11.56 2.23 6.06
CA ILE A 12 -10.83 3.50 6.18
C ILE A 12 -11.06 4.03 7.60
N ASP A 13 -12.28 3.86 8.09
CA ASP A 13 -12.86 4.42 9.31
C ASP A 13 -12.01 4.01 10.51
N THR A 14 -11.68 2.73 10.57
CA THR A 14 -10.88 2.07 11.60
C THR A 14 -9.50 2.71 11.77
N ILE A 15 -9.01 3.41 10.74
CA ILE A 15 -7.74 4.12 10.75
C ILE A 15 -8.05 5.57 11.15
N MET A 16 -8.86 6.28 10.36
CA MET A 16 -9.05 7.72 10.52
C MET A 16 -9.75 8.09 11.83
N THR A 17 -10.42 7.14 12.49
CA THR A 17 -10.98 7.36 13.82
C THR A 17 -9.87 7.57 14.87
N GLY A 18 -8.65 7.06 14.63
CA GLY A 18 -7.55 7.08 15.58
C GLY A 18 -6.18 7.43 14.98
N LYS A 19 -6.13 7.83 13.70
CA LYS A 19 -4.94 8.28 12.99
C LYS A 19 -5.30 9.53 12.18
N PRO A 20 -4.33 10.42 11.91
CA PRO A 20 -4.57 11.66 11.18
C PRO A 20 -4.88 11.40 9.70
N LYS A 21 -5.43 12.43 9.04
CA LYS A 21 -5.76 12.40 7.61
C LYS A 21 -4.54 11.93 6.81
N SER A 22 -3.38 12.56 6.99
CA SER A 22 -2.16 12.27 6.24
C SER A 22 -1.74 10.79 6.29
N ALA A 23 -2.09 10.05 7.36
CA ALA A 23 -1.74 8.65 7.49
C ALA A 23 -2.37 7.86 6.35
N ARG A 24 -3.72 7.82 6.29
CA ARG A 24 -4.42 7.25 5.15
C ARG A 24 -3.97 7.98 3.88
N GLU A 25 -3.80 9.31 3.89
CA GLU A 25 -3.49 10.08 2.68
C GLU A 25 -2.19 9.61 2.01
N LYS A 26 -1.28 8.98 2.77
CA LYS A 26 -0.15 8.23 2.21
C LYS A 26 -0.49 6.74 2.07
N MET A 27 -0.82 6.06 3.18
CA MET A 27 -0.95 4.60 3.27
C MET A 27 -2.02 4.08 2.33
N MET A 28 -3.17 4.75 2.31
CA MET A 28 -4.33 4.39 1.51
C MET A 28 -3.99 4.50 0.02
N LYS A 29 -3.17 5.50 -0.34
CA LYS A 29 -2.71 5.67 -1.72
C LYS A 29 -1.65 4.64 -2.09
N ILE A 30 -0.78 4.25 -1.15
CA ILE A 30 0.12 3.12 -1.35
C ILE A 30 -0.70 1.86 -1.64
N ILE A 31 -1.61 1.46 -0.74
CA ILE A 31 -2.40 0.24 -0.94
C ILE A 31 -3.26 0.30 -2.19
N GLU A 32 -3.72 1.49 -2.62
CA GLU A 32 -4.48 1.70 -3.84
C GLU A 32 -3.61 1.31 -5.02
N ILE A 33 -2.36 1.81 -5.06
CA ILE A 33 -1.41 1.43 -6.08
C ILE A 33 -1.16 -0.08 -6.03
N ILE A 34 -0.95 -0.66 -4.83
CA ILE A 34 -0.58 -2.07 -4.75
C ILE A 34 -1.75 -2.91 -5.26
N ASP A 35 -2.97 -2.62 -4.83
CA ASP A 35 -4.15 -3.41 -5.23
C ASP A 35 -4.38 -3.25 -6.73
N SER A 36 -4.35 -2.00 -7.24
CA SER A 36 -4.65 -1.73 -8.63
C SER A 36 -3.59 -2.27 -9.58
N LEU A 37 -2.33 -2.37 -9.14
CA LEU A 37 -1.29 -3.07 -9.90
C LEU A 37 -1.48 -4.59 -9.78
N ALA A 38 -1.66 -5.10 -8.55
CA ALA A 38 -1.76 -6.53 -8.26
C ALA A 38 -2.91 -7.20 -9.01
N VAL A 39 -4.00 -6.48 -9.29
CA VAL A 39 -5.15 -7.02 -10.02
C VAL A 39 -4.77 -7.55 -11.42
N SER A 40 -3.62 -7.14 -11.96
CA SER A 40 -3.14 -7.48 -13.30
C SER A 40 -1.69 -7.99 -13.29
N SER A 41 -1.08 -8.22 -12.12
CA SER A 41 0.37 -8.40 -12.01
C SER A 41 0.74 -9.54 -11.06
N GLU A 42 2.01 -9.95 -11.10
CA GLU A 42 2.63 -10.78 -10.06
C GLU A 42 2.44 -10.11 -8.70
N CYS A 43 2.84 -8.84 -8.65
CA CYS A 43 3.07 -7.99 -7.52
C CYS A 43 3.21 -6.56 -8.03
N ALA A 44 3.08 -5.58 -7.14
CA ALA A 44 3.36 -4.18 -7.42
C ALA A 44 4.84 -3.94 -7.18
N LYS A 45 5.61 -3.54 -8.20
CA LYS A 45 7.04 -3.36 -8.03
C LYS A 45 7.27 -2.04 -7.33
N VAL A 46 8.28 -2.01 -6.46
CA VAL A 46 8.68 -0.81 -5.73
C VAL A 46 9.02 0.32 -6.70
N LYS A 47 9.51 -0.02 -7.90
CA LYS A 47 9.77 0.94 -8.98
C LYS A 47 8.47 1.64 -9.38
N ASP A 48 7.37 0.90 -9.48
CA ASP A 48 6.08 1.40 -9.93
C ASP A 48 5.56 2.35 -8.85
N ILE A 49 5.66 1.91 -7.59
CA ILE A 49 5.13 2.62 -6.44
C ILE A 49 5.95 3.88 -6.24
N LEU A 50 7.29 3.79 -6.30
CA LEU A 50 8.18 4.94 -6.27
C LEU A 50 7.81 5.96 -7.35
N LYS A 51 7.58 5.49 -8.58
CA LYS A 51 7.22 6.37 -9.68
C LYS A 51 5.92 7.11 -9.34
N GLU A 52 4.83 6.36 -9.07
CA GLU A 52 3.51 6.96 -8.92
C GLU A 52 3.40 7.75 -7.62
N ALA A 53 3.99 7.29 -6.52
CA ALA A 53 3.95 8.02 -5.25
C ALA A 53 4.80 9.29 -5.30
N GLN A 54 5.92 9.32 -6.02
CA GLN A 54 6.65 10.57 -6.25
C GLN A 54 5.87 11.51 -7.17
N GLN A 55 5.13 10.99 -8.15
CA GLN A 55 4.21 11.79 -8.96
C GLN A 55 3.05 12.35 -8.12
N VAL A 56 2.52 11.59 -7.16
CA VAL A 56 1.54 12.08 -6.19
C VAL A 56 2.17 13.15 -5.30
N GLY A 57 3.46 13.00 -4.94
CA GLY A 57 4.27 14.06 -4.34
C GLY A 57 5.02 13.62 -3.08
N ILE A 58 4.99 12.33 -2.75
CA ILE A 58 5.66 11.77 -1.58
C ILE A 58 7.15 11.59 -1.93
N GLU A 59 8.04 11.63 -0.95
CA GLU A 59 9.47 11.49 -1.21
C GLU A 59 9.82 10.02 -1.32
N LYS A 60 10.89 9.73 -2.06
CA LYS A 60 11.64 8.49 -2.09
C LYS A 60 11.63 7.78 -0.73
N SER A 61 12.36 8.31 0.27
CA SER A 61 12.62 7.58 1.52
C SER A 61 11.34 7.41 2.33
N ASN A 62 10.39 8.33 2.19
CA ASN A 62 9.03 8.18 2.70
C ASN A 62 8.38 6.90 2.16
N ILE A 63 8.53 6.62 0.85
CA ILE A 63 7.89 5.49 0.21
C ILE A 63 8.59 4.24 0.74
N GLU A 64 9.92 4.29 0.87
CA GLU A 64 10.73 3.16 1.30
C GLU A 64 10.35 2.78 2.74
N LYS A 65 10.29 3.77 3.64
CA LYS A 65 9.90 3.51 5.00
C LYS A 65 8.45 3.04 5.06
N LEU A 66 7.51 3.67 4.34
CA LEU A 66 6.12 3.26 4.42
C LEU A 66 5.95 1.84 3.88
N LEU A 67 6.49 1.50 2.71
CA LEU A 67 6.50 0.14 2.19
C LEU A 67 7.02 -0.83 3.25
N THR A 68 8.13 -0.45 3.91
CA THR A 68 8.77 -1.24 4.95
C THR A 68 7.84 -1.45 6.13
N ASP A 69 7.32 -0.36 6.67
CA ASP A 69 6.46 -0.32 7.82
C ASP A 69 5.22 -1.19 7.55
N MET A 70 4.66 -1.10 6.34
CA MET A 70 3.47 -1.82 5.91
C MET A 70 3.76 -3.33 5.80
N ARG A 71 4.87 -3.74 5.19
CA ARG A 71 5.26 -5.16 5.11
C ARG A 71 5.68 -5.70 6.47
N LYS A 72 6.22 -4.86 7.36
CA LYS A 72 6.56 -5.29 8.71
C LYS A 72 5.29 -5.42 9.57
N SER A 73 4.32 -4.53 9.39
CA SER A 73 3.02 -4.57 10.06
C SER A 73 2.21 -5.78 9.59
N GLY A 74 2.28 -6.10 8.28
CA GLY A 74 1.55 -7.20 7.65
C GLY A 74 0.39 -6.70 6.78
N ILE A 75 0.32 -5.39 6.57
CA ILE A 75 -0.62 -4.74 5.65
C ILE A 75 -0.33 -5.24 4.23
N ILE A 76 0.95 -5.46 3.92
CA ILE A 76 1.37 -6.05 2.67
C ILE A 76 2.42 -7.13 2.98
N TYR A 77 2.88 -7.84 1.95
CA TYR A 77 4.00 -8.76 2.01
C TYR A 77 4.85 -8.59 0.75
N GLU A 78 6.10 -9.03 0.80
CA GLU A 78 7.06 -8.95 -0.29
C GLU A 78 7.01 -10.26 -1.08
N ALA A 79 7.03 -10.16 -2.41
CA ALA A 79 6.96 -11.31 -3.31
C ALA A 79 8.29 -11.55 -4.05
N LYS A 80 9.09 -10.49 -4.20
CA LYS A 80 10.46 -10.54 -4.69
C LYS A 80 11.18 -9.38 -3.98
N PRO A 81 12.53 -9.35 -3.94
CA PRO A 81 13.31 -8.15 -3.67
C PRO A 81 13.26 -7.15 -4.82
N GLU A 82 12.02 -6.79 -5.15
CA GLU A 82 11.61 -5.66 -5.94
C GLU A 82 10.12 -5.34 -5.78
N CYS A 83 9.28 -6.19 -5.15
CA CYS A 83 7.84 -6.01 -5.27
C CYS A 83 7.05 -6.62 -4.12
N TYR A 84 5.82 -6.13 -3.97
CA TYR A 84 4.95 -6.44 -2.84
C TYR A 84 3.55 -6.78 -3.32
N LYS A 85 2.78 -7.41 -2.43
CA LYS A 85 1.37 -7.74 -2.62
C LYS A 85 0.69 -7.37 -1.33
N LYS A 86 -0.48 -6.76 -1.43
CA LYS A 86 -1.19 -6.17 -0.30
C LYS A 86 -2.37 -7.07 0.07
N VAL A 87 -2.81 -7.04 1.33
CA VAL A 87 -3.73 -8.03 1.85
C VAL A 87 -5.15 -7.47 2.11
N GLY A 1 -12.65 0.53 -4.42
CA GLY A 1 -12.19 -0.85 -4.17
C GLY A 1 -11.37 -0.92 -2.90
N SER A 2 -10.98 -2.13 -2.47
CA SER A 2 -10.11 -2.36 -1.32
C SER A 2 -10.66 -1.81 0.01
N HIS A 3 -11.98 -1.66 0.11
CA HIS A 3 -12.63 -1.10 1.31
C HIS A 3 -12.43 -2.04 2.50
N MET A 4 -12.21 -1.47 3.69
CA MET A 4 -12.33 -2.19 4.95
C MET A 4 -12.85 -1.21 6.00
N GLY A 5 -13.52 -1.74 7.02
CA GLY A 5 -13.85 -1.07 8.26
C GLY A 5 -14.19 -2.15 9.27
N GLU A 6 -15.43 -2.18 9.75
CA GLU A 6 -16.00 -3.25 10.57
C GLU A 6 -15.96 -4.61 9.87
N SER A 7 -15.76 -4.63 8.55
CA SER A 7 -15.48 -5.82 7.75
C SER A 7 -14.11 -6.43 8.03
N GLY A 8 -13.25 -5.79 8.83
CA GLY A 8 -11.98 -6.34 9.28
C GLY A 8 -11.50 -5.55 10.49
N LYS A 9 -10.29 -4.95 10.39
CA LYS A 9 -9.72 -4.16 11.49
C LYS A 9 -8.80 -3.05 10.98
N ILE A 10 -8.97 -2.64 9.72
CA ILE A 10 -8.40 -1.42 9.16
C ILE A 10 -9.61 -0.62 8.70
N ASP A 11 -9.56 0.70 8.89
CA ASP A 11 -10.67 1.60 8.66
C ASP A 11 -10.10 2.91 8.15
N ILE A 12 -10.99 3.82 7.77
CA ILE A 12 -10.69 5.25 7.67
C ILE A 12 -10.53 5.83 9.08
N ASP A 13 -11.49 5.53 9.97
CA ASP A 13 -11.60 6.20 11.27
C ASP A 13 -10.37 5.89 12.09
N THR A 14 -10.03 4.60 12.25
CA THR A 14 -8.94 4.09 13.08
C THR A 14 -7.61 4.83 12.84
N ILE A 15 -7.46 5.38 11.63
CA ILE A 15 -6.41 6.28 11.24
C ILE A 15 -6.80 7.69 11.68
N MET A 16 -7.70 8.32 10.93
CA MET A 16 -7.84 9.77 10.95
C MET A 16 -8.45 10.32 12.25
N THR A 17 -9.00 9.44 13.08
CA THR A 17 -9.53 9.74 14.40
C THR A 17 -8.41 10.22 15.35
N GLY A 18 -7.14 9.93 15.04
CA GLY A 18 -6.00 10.41 15.82
C GLY A 18 -4.70 10.61 15.03
N LYS A 19 -4.68 10.33 13.72
CA LYS A 19 -3.53 10.53 12.83
C LYS A 19 -3.95 11.53 11.74
N PRO A 20 -3.00 12.18 11.03
CA PRO A 20 -3.35 12.92 9.83
C PRO A 20 -3.90 11.94 8.79
N LYS A 21 -4.91 12.36 8.03
CA LYS A 21 -5.43 11.52 6.96
C LYS A 21 -4.34 11.14 5.96
N SER A 22 -3.28 11.95 5.78
CA SER A 22 -2.15 11.66 4.89
C SER A 22 -1.61 10.22 5.07
N ALA A 23 -1.70 9.64 6.28
CA ALA A 23 -1.37 8.24 6.52
C ALA A 23 -2.18 7.32 5.59
N ARG A 24 -3.52 7.27 5.74
CA ARG A 24 -4.38 6.55 4.81
C ARG A 24 -4.20 7.10 3.38
N GLU A 25 -4.01 8.40 3.21
CA GLU A 25 -4.01 9.04 1.90
C GLU A 25 -2.83 8.55 1.05
N LYS A 26 -1.78 8.04 1.69
CA LYS A 26 -0.65 7.39 1.04
C LYS A 26 -0.76 5.87 1.10
N MET A 27 -1.02 5.30 2.28
CA MET A 27 -1.11 3.85 2.48
C MET A 27 -2.19 3.26 1.58
N MET A 28 -3.38 3.88 1.58
CA MET A 28 -4.51 3.42 0.78
C MET A 28 -4.19 3.55 -0.71
N LYS A 29 -3.40 4.55 -1.09
CA LYS A 29 -2.95 4.71 -2.48
C LYS A 29 -1.94 3.62 -2.85
N ILE A 30 -0.98 3.32 -1.97
CA ILE A 30 -0.01 2.26 -2.19
C ILE A 30 -0.78 0.97 -2.48
N ILE A 31 -1.69 0.53 -1.59
CA ILE A 31 -2.44 -0.71 -1.81
C ILE A 31 -3.31 -0.68 -3.05
N GLU A 32 -3.72 0.50 -3.51
CA GLU A 32 -4.44 0.66 -4.76
C GLU A 32 -3.52 0.22 -5.91
N ILE A 33 -2.27 0.71 -5.88
CA ILE A 33 -1.31 0.30 -6.90
C ILE A 33 -1.06 -1.20 -6.75
N ILE A 34 -0.92 -1.72 -5.51
CA ILE A 34 -0.59 -3.14 -5.32
C ILE A 34 -1.74 -4.00 -5.82
N ASP A 35 -2.99 -3.63 -5.52
CA ASP A 35 -4.15 -4.38 -5.94
C ASP A 35 -4.24 -4.38 -7.47
N SER A 36 -3.93 -3.25 -8.11
CA SER A 36 -4.00 -3.15 -9.56
C SER A 36 -2.87 -3.97 -10.19
N LEU A 37 -1.66 -3.87 -9.64
CA LEU A 37 -0.45 -4.39 -10.27
C LEU A 37 -0.16 -5.84 -9.87
N ALA A 38 -0.73 -6.35 -8.78
CA ALA A 38 -0.82 -7.79 -8.50
C ALA A 38 -1.96 -8.47 -9.27
N VAL A 39 -2.69 -7.71 -10.11
CA VAL A 39 -3.63 -8.22 -11.10
C VAL A 39 -2.99 -8.06 -12.49
N SER A 40 -2.39 -6.90 -12.78
CA SER A 40 -1.67 -6.62 -14.02
C SER A 40 -0.29 -7.31 -14.11
N SER A 41 0.15 -8.03 -13.07
CA SER A 41 1.39 -8.81 -13.00
C SER A 41 1.25 -9.79 -11.82
N GLU A 42 2.20 -10.72 -11.64
CA GLU A 42 2.15 -11.73 -10.55
C GLU A 42 2.10 -11.08 -9.17
N CYS A 43 2.85 -9.98 -9.04
CA CYS A 43 3.02 -9.16 -7.88
C CYS A 43 3.25 -7.75 -8.43
N ALA A 44 3.04 -6.74 -7.58
CA ALA A 44 3.28 -5.36 -7.94
C ALA A 44 4.78 -5.07 -7.91
N LYS A 45 5.40 -4.99 -9.09
CA LYS A 45 6.80 -4.59 -9.25
C LYS A 45 6.97 -3.22 -8.62
N VAL A 46 7.93 -3.08 -7.70
CA VAL A 46 8.17 -1.85 -6.95
C VAL A 46 8.47 -0.68 -7.89
N LYS A 47 8.96 -0.93 -9.12
CA LYS A 47 9.15 0.12 -10.13
C LYS A 47 7.82 0.79 -10.46
N ASP A 48 6.76 -0.01 -10.63
CA ASP A 48 5.43 0.44 -11.00
C ASP A 48 4.83 1.21 -9.82
N ILE A 49 5.03 0.70 -8.60
CA ILE A 49 4.56 1.34 -7.38
C ILE A 49 5.26 2.68 -7.22
N LEU A 50 6.60 2.70 -7.34
CA LEU A 50 7.41 3.89 -7.27
C LEU A 50 6.90 4.93 -8.26
N LYS A 51 6.58 4.53 -9.52
CA LYS A 51 6.01 5.45 -10.49
C LYS A 51 4.73 6.07 -9.92
N GLU A 52 3.69 5.27 -9.69
CA GLU A 52 2.37 5.85 -9.42
C GLU A 52 2.35 6.57 -8.06
N ALA A 53 3.14 6.12 -7.10
CA ALA A 53 3.26 6.78 -5.81
C ALA A 53 4.05 8.09 -5.90
N GLN A 54 5.18 8.13 -6.64
CA GLN A 54 5.88 9.39 -6.92
C GLN A 54 4.95 10.36 -7.65
N GLN A 55 4.14 9.87 -8.61
CA GLN A 55 3.14 10.68 -9.29
C GLN A 55 2.09 11.24 -8.33
N VAL A 56 1.48 10.41 -7.46
CA VAL A 56 0.42 10.88 -6.57
C VAL A 56 0.94 11.79 -5.45
N GLY A 57 2.24 11.74 -5.12
CA GLY A 57 2.88 12.67 -4.20
C GLY A 57 3.38 11.97 -2.95
N ILE A 58 4.26 10.98 -3.15
CA ILE A 58 4.88 10.18 -2.11
C ILE A 58 6.35 10.08 -2.48
N GLU A 59 7.27 10.23 -1.53
CA GLU A 59 8.69 10.17 -1.87
C GLU A 59 9.13 8.72 -2.04
N LYS A 60 10.16 8.47 -2.86
CA LYS A 60 10.79 7.17 -3.03
C LYS A 60 11.13 6.53 -1.68
N SER A 61 11.83 7.22 -0.79
CA SER A 61 12.21 6.68 0.52
C SER A 61 10.98 6.39 1.39
N ASN A 62 9.88 7.12 1.18
CA ASN A 62 8.60 6.81 1.80
C ASN A 62 8.05 5.51 1.25
N ILE A 63 8.18 5.22 -0.04
CA ILE A 63 7.58 4.04 -0.65
C ILE A 63 8.36 2.83 -0.17
N GLU A 64 9.67 3.02 0.07
CA GLU A 64 10.57 1.99 0.57
C GLU A 64 10.19 1.65 2.02
N LYS A 65 10.11 2.67 2.88
CA LYS A 65 9.72 2.45 4.27
C LYS A 65 8.28 2.02 4.39
N LEU A 66 7.35 2.51 3.55
CA LEU A 66 5.93 2.17 3.63
C LEU A 66 5.71 0.76 3.09
N LEU A 67 6.27 0.37 1.94
CA LEU A 67 6.19 -1.02 1.47
C LEU A 67 6.74 -1.97 2.52
N THR A 68 7.86 -1.59 3.15
CA THR A 68 8.40 -2.32 4.27
C THR A 68 7.37 -2.43 5.41
N ASP A 69 6.80 -1.30 5.83
CA ASP A 69 5.80 -1.23 6.89
C ASP A 69 4.64 -2.17 6.56
N MET A 70 4.17 -2.12 5.31
CA MET A 70 3.07 -2.90 4.80
C MET A 70 3.35 -4.40 4.87
N ARG A 71 4.49 -4.85 4.34
CA ARG A 71 4.84 -6.27 4.39
C ARG A 71 5.09 -6.73 5.83
N LYS A 72 5.47 -5.80 6.73
CA LYS A 72 5.81 -6.15 8.10
C LYS A 72 4.57 -6.15 8.99
N SER A 73 3.60 -5.27 8.71
CA SER A 73 2.30 -5.22 9.35
C SER A 73 1.33 -6.26 8.75
N GLY A 74 1.64 -6.87 7.60
CA GLY A 74 0.85 -7.96 7.05
C GLY A 74 -0.27 -7.46 6.16
N ILE A 75 -0.15 -6.22 5.66
CA ILE A 75 -0.96 -5.69 4.58
C ILE A 75 -0.65 -6.52 3.32
N ILE A 76 0.64 -6.70 3.06
CA ILE A 76 1.19 -7.31 1.86
C ILE A 76 2.23 -8.35 2.30
N TYR A 77 2.80 -9.08 1.34
CA TYR A 77 4.07 -9.76 1.44
C TYR A 77 4.92 -9.26 0.29
N GLU A 78 6.16 -9.75 0.13
CA GLU A 78 6.84 -9.58 -1.14
C GLU A 78 7.05 -10.89 -1.88
N ALA A 79 7.71 -11.88 -1.26
CA ALA A 79 8.01 -13.20 -1.82
C ALA A 79 8.88 -13.22 -3.09
N LYS A 80 8.99 -12.11 -3.84
CA LYS A 80 9.92 -11.94 -4.96
C LYS A 80 10.73 -10.65 -4.75
N PRO A 81 11.96 -10.57 -5.30
CA PRO A 81 12.74 -9.34 -5.25
C PRO A 81 12.04 -8.25 -6.05
N GLU A 82 12.01 -7.04 -5.48
CA GLU A 82 11.46 -5.82 -6.08
C GLU A 82 10.02 -5.99 -6.61
N CYS A 83 9.24 -6.94 -6.08
CA CYS A 83 7.89 -7.20 -6.56
C CYS A 83 7.07 -7.71 -5.39
N TYR A 84 6.18 -6.86 -4.86
CA TYR A 84 5.48 -7.11 -3.60
C TYR A 84 3.99 -7.33 -3.86
N LYS A 85 3.25 -7.99 -2.96
CA LYS A 85 1.87 -8.36 -3.28
C LYS A 85 0.99 -8.36 -2.04
N LYS A 86 -0.18 -7.72 -2.14
CA LYS A 86 -1.22 -7.66 -1.11
C LYS A 86 -1.55 -9.10 -0.68
N VAL A 87 -1.74 -9.32 0.63
CA VAL A 87 -1.90 -10.70 1.15
C VAL A 87 -2.95 -11.47 0.34
N GLY A 1 -10.15 -4.11 -1.71
CA GLY A 1 -10.50 -4.28 -0.30
C GLY A 1 -11.68 -3.38 0.06
N SER A 2 -12.44 -3.73 1.09
CA SER A 2 -13.61 -3.01 1.56
C SER A 2 -13.76 -3.26 3.07
N HIS A 3 -14.99 -3.21 3.61
CA HIS A 3 -15.30 -3.82 4.91
C HIS A 3 -15.22 -5.37 4.83
N MET A 4 -15.16 -5.94 3.62
CA MET A 4 -14.84 -7.34 3.34
C MET A 4 -13.63 -7.41 2.39
N GLY A 5 -13.02 -8.60 2.31
CA GLY A 5 -11.70 -8.83 1.76
C GLY A 5 -10.78 -9.12 2.93
N GLU A 6 -10.63 -10.41 3.26
CA GLU A 6 -9.81 -10.98 4.35
C GLU A 6 -10.01 -10.32 5.72
N SER A 7 -11.13 -9.61 5.89
CA SER A 7 -11.34 -8.58 6.89
C SER A 7 -11.74 -9.16 8.27
N GLY A 8 -11.06 -10.23 8.71
CA GLY A 8 -11.32 -11.07 9.90
C GLY A 8 -12.10 -10.37 11.02
N LYS A 9 -11.53 -9.29 11.58
CA LYS A 9 -12.28 -8.29 12.34
C LYS A 9 -11.75 -6.90 11.96
N ILE A 10 -11.52 -6.69 10.66
CA ILE A 10 -10.96 -5.45 10.14
C ILE A 10 -12.10 -4.68 9.48
N ASP A 11 -12.09 -3.36 9.67
CA ASP A 11 -12.92 -2.41 8.96
C ASP A 11 -11.96 -1.25 8.62
N ILE A 12 -12.39 -0.29 7.81
CA ILE A 12 -11.56 0.87 7.48
C ILE A 12 -11.68 1.92 8.59
N ASP A 13 -12.92 2.12 9.06
CA ASP A 13 -13.28 3.19 10.00
C ASP A 13 -12.57 2.95 11.31
N THR A 14 -12.60 1.68 11.73
CA THR A 14 -11.95 1.06 12.88
C THR A 14 -10.47 1.46 13.03
N ILE A 15 -9.85 1.93 11.95
CA ILE A 15 -8.48 2.38 11.91
C ILE A 15 -8.46 3.91 11.78
N MET A 16 -9.08 4.48 10.73
CA MET A 16 -8.96 5.91 10.41
C MET A 16 -9.80 6.83 11.31
N THR A 17 -10.69 6.28 12.12
CA THR A 17 -11.29 6.95 13.26
C THR A 17 -10.22 7.18 14.36
N GLY A 18 -9.12 6.40 14.31
CA GLY A 18 -7.98 6.42 15.20
C GLY A 18 -6.83 7.26 14.67
N LYS A 19 -6.37 6.94 13.45
CA LYS A 19 -5.22 7.58 12.83
C LYS A 19 -5.65 8.82 12.05
N PRO A 20 -4.78 9.83 11.91
CA PRO A 20 -5.18 11.06 11.25
C PRO A 20 -5.29 10.87 9.74
N LYS A 21 -5.97 11.80 9.04
CA LYS A 21 -6.30 11.62 7.62
C LYS A 21 -5.08 11.28 6.78
N SER A 22 -3.95 11.95 7.04
CA SER A 22 -2.72 11.86 6.29
C SER A 22 -2.18 10.42 6.25
N ALA A 23 -2.44 9.61 7.28
CA ALA A 23 -2.04 8.22 7.32
C ALA A 23 -2.72 7.46 6.19
N ARG A 24 -4.05 7.35 6.20
CA ARG A 24 -4.78 6.72 5.09
C ARG A 24 -4.50 7.46 3.78
N GLU A 25 -4.43 8.78 3.76
CA GLU A 25 -4.18 9.58 2.57
C GLU A 25 -2.92 9.13 1.83
N LYS A 26 -1.86 8.78 2.57
CA LYS A 26 -0.62 8.23 2.02
C LYS A 26 -0.75 6.72 1.77
N MET A 27 -1.16 5.96 2.79
CA MET A 27 -1.17 4.50 2.78
C MET A 27 -2.10 3.99 1.68
N MET A 28 -3.32 4.54 1.62
CA MET A 28 -4.34 4.17 0.67
C MET A 28 -3.84 4.41 -0.74
N LYS A 29 -3.13 5.53 -0.96
CA LYS A 29 -2.62 5.85 -2.29
C LYS A 29 -1.55 4.86 -2.71
N ILE A 30 -0.63 4.52 -1.80
CA ILE A 30 0.38 3.51 -2.07
C ILE A 30 -0.33 2.22 -2.49
N ILE A 31 -1.20 1.66 -1.63
CA ILE A 31 -1.87 0.40 -1.95
C ILE A 31 -2.76 0.50 -3.17
N GLU A 32 -3.24 1.69 -3.55
CA GLU A 32 -4.01 1.90 -4.76
C GLU A 32 -3.08 1.60 -5.94
N ILE A 33 -1.84 2.14 -5.92
CA ILE A 33 -0.88 1.81 -6.96
C ILE A 33 -0.62 0.29 -6.97
N ILE A 34 -0.43 -0.33 -5.80
CA ILE A 34 -0.03 -1.73 -5.73
C ILE A 34 -1.18 -2.62 -6.19
N ASP A 35 -2.40 -2.35 -5.73
CA ASP A 35 -3.61 -3.10 -6.07
C ASP A 35 -3.84 -2.97 -7.58
N SER A 36 -3.64 -1.76 -8.14
CA SER A 36 -3.75 -1.50 -9.58
C SER A 36 -2.70 -2.30 -10.35
N LEU A 37 -1.41 -2.14 -10.02
CA LEU A 37 -0.32 -2.83 -10.70
C LEU A 37 -0.48 -4.35 -10.61
N ALA A 38 -0.92 -4.86 -9.45
CA ALA A 38 -1.15 -6.28 -9.22
C ALA A 38 -2.36 -6.83 -9.99
N VAL A 39 -3.32 -5.99 -10.42
CA VAL A 39 -4.58 -6.46 -11.01
C VAL A 39 -4.37 -7.31 -12.28
N SER A 40 -3.20 -7.22 -12.91
CA SER A 40 -2.81 -7.96 -14.10
C SER A 40 -1.39 -8.56 -13.95
N SER A 41 -0.84 -8.66 -12.74
CA SER A 41 0.57 -9.00 -12.53
C SER A 41 0.72 -9.99 -11.38
N GLU A 42 1.88 -10.66 -11.31
CA GLU A 42 2.25 -11.41 -10.11
C GLU A 42 2.38 -10.46 -8.93
N CYS A 43 3.10 -9.35 -9.14
CA CYS A 43 3.44 -8.36 -8.15
C CYS A 43 3.69 -7.01 -8.82
N ALA A 44 3.93 -5.99 -8.00
CA ALA A 44 4.12 -4.60 -8.39
C ALA A 44 5.58 -4.18 -8.12
N LYS A 45 6.31 -3.87 -9.19
CA LYS A 45 7.68 -3.38 -9.13
C LYS A 45 7.78 -2.07 -8.37
N VAL A 46 8.70 -1.99 -7.40
CA VAL A 46 9.03 -0.80 -6.62
C VAL A 46 9.22 0.43 -7.51
N LYS A 47 9.85 0.27 -8.68
CA LYS A 47 10.06 1.32 -9.66
C LYS A 47 8.73 1.95 -10.06
N ASP A 48 7.73 1.11 -10.33
CA ASP A 48 6.46 1.60 -10.82
C ASP A 48 5.70 2.29 -9.70
N ILE A 49 5.81 1.76 -8.48
CA ILE A 49 5.20 2.35 -7.30
C ILE A 49 5.85 3.71 -7.04
N LEU A 50 7.19 3.78 -7.03
CA LEU A 50 7.95 5.01 -6.88
C LEU A 50 7.53 6.03 -7.93
N LYS A 51 7.38 5.60 -9.19
CA LYS A 51 6.93 6.49 -10.26
C LYS A 51 5.57 7.04 -9.90
N GLU A 52 4.53 6.21 -9.81
CA GLU A 52 3.17 6.73 -9.72
C GLU A 52 2.92 7.44 -8.39
N ALA A 53 3.51 6.96 -7.29
CA ALA A 53 3.39 7.64 -6.00
C ALA A 53 4.09 9.00 -6.01
N GLN A 54 5.22 9.16 -6.72
CA GLN A 54 5.81 10.50 -6.89
C GLN A 54 5.02 11.35 -7.89
N GLN A 55 4.38 10.76 -8.91
CA GLN A 55 3.44 11.49 -9.76
C GLN A 55 2.23 11.99 -8.95
N VAL A 56 1.73 11.18 -8.00
CA VAL A 56 0.69 11.57 -7.05
C VAL A 56 1.20 12.69 -6.13
N GLY A 57 2.46 12.63 -5.68
CA GLY A 57 3.12 13.70 -4.93
C GLY A 57 3.72 13.27 -3.60
N ILE A 58 3.82 11.95 -3.34
CA ILE A 58 4.61 11.42 -2.23
C ILE A 58 6.10 11.53 -2.65
N GLU A 59 7.06 11.30 -1.75
CA GLU A 59 8.48 11.38 -2.04
C GLU A 59 9.07 9.97 -2.02
N LYS A 60 10.14 9.78 -2.80
CA LYS A 60 11.05 8.65 -2.77
C LYS A 60 11.09 7.96 -1.39
N SER A 61 11.70 8.60 -0.39
CA SER A 61 12.07 7.96 0.88
C SER A 61 10.81 7.56 1.65
N ASN A 62 9.75 8.35 1.52
CA ASN A 62 8.44 7.99 2.05
C ASN A 62 7.96 6.68 1.45
N ILE A 63 8.13 6.45 0.14
CA ILE A 63 7.61 5.25 -0.51
C ILE A 63 8.47 4.07 -0.09
N GLU A 64 9.77 4.30 0.07
CA GLU A 64 10.73 3.26 0.45
C GLU A 64 10.41 2.79 1.88
N LYS A 65 10.30 3.75 2.80
CA LYS A 65 9.95 3.42 4.17
C LYS A 65 8.54 2.85 4.22
N LEU A 66 7.57 3.43 3.50
CA LEU A 66 6.20 2.96 3.64
C LEU A 66 6.07 1.57 3.06
N LEU A 67 6.61 1.26 1.87
CA LEU A 67 6.63 -0.10 1.34
C LEU A 67 7.31 -1.06 2.31
N THR A 68 8.39 -0.62 2.96
CA THR A 68 9.05 -1.42 3.97
C THR A 68 8.07 -1.68 5.11
N ASP A 69 7.50 -0.61 5.68
CA ASP A 69 6.69 -0.61 6.87
C ASP A 69 5.44 -1.45 6.63
N MET A 70 4.86 -1.32 5.44
CA MET A 70 3.76 -2.10 4.93
C MET A 70 4.08 -3.60 4.95
N ARG A 71 5.20 -4.01 4.34
CA ARG A 71 5.64 -5.42 4.38
C ARG A 71 6.17 -5.84 5.76
N LYS A 72 6.41 -4.89 6.66
CA LYS A 72 6.93 -5.14 8.00
C LYS A 72 5.78 -5.25 9.01
N SER A 73 4.57 -4.81 8.66
CA SER A 73 3.44 -4.76 9.58
C SER A 73 2.16 -5.40 9.04
N GLY A 74 2.10 -5.86 7.78
CA GLY A 74 1.12 -6.87 7.36
C GLY A 74 0.30 -6.51 6.13
N ILE A 75 0.60 -5.37 5.49
CA ILE A 75 -0.23 -4.80 4.46
C ILE A 75 0.08 -5.43 3.09
N ILE A 76 1.36 -5.69 2.81
CA ILE A 76 1.83 -6.12 1.49
C ILE A 76 2.94 -7.14 1.67
N TYR A 77 3.38 -7.81 0.60
CA TYR A 77 4.39 -8.83 0.73
C TYR A 77 5.29 -8.85 -0.50
N GLU A 78 6.61 -8.98 -0.28
CA GLU A 78 7.63 -8.83 -1.29
C GLU A 78 7.76 -10.15 -2.06
N ALA A 79 6.75 -10.43 -2.89
CA ALA A 79 6.59 -11.70 -3.61
C ALA A 79 7.76 -12.03 -4.53
N LYS A 80 8.48 -11.01 -5.00
CA LYS A 80 9.84 -11.14 -5.52
C LYS A 80 10.60 -9.94 -4.94
N PRO A 81 11.94 -10.01 -4.76
CA PRO A 81 12.70 -8.86 -4.31
C PRO A 81 12.48 -7.69 -5.26
N GLU A 82 12.25 -6.50 -4.70
CA GLU A 82 11.91 -5.26 -5.42
C GLU A 82 10.50 -5.29 -6.07
N CYS A 83 9.67 -6.31 -5.77
CA CYS A 83 8.35 -6.49 -6.35
C CYS A 83 7.34 -6.83 -5.25
N TYR A 84 6.72 -5.80 -4.68
CA TYR A 84 5.75 -5.93 -3.60
C TYR A 84 4.39 -6.31 -4.16
N LYS A 85 3.53 -6.96 -3.37
CA LYS A 85 2.11 -6.95 -3.71
C LYS A 85 1.25 -7.01 -2.48
N LYS A 86 0.13 -6.30 -2.55
CA LYS A 86 -0.65 -5.97 -1.38
C LYS A 86 -1.62 -7.08 -1.04
N VAL A 87 -2.25 -6.96 0.13
CA VAL A 87 -3.30 -7.84 0.60
C VAL A 87 -4.59 -7.02 0.59
#